data_6HJN
#
_entry.id   6HJN
#
_cell.length_a   1.00
_cell.length_b   1.00
_cell.length_c   1.00
_cell.angle_alpha   90.00
_cell.angle_beta   90.00
_cell.angle_gamma   90.00
#
_symmetry.space_group_name_H-M   'P 1'
#
loop_
_entity.id
_entity.type
_entity.pdbx_description
1 polymer Hemagglutinin
2 polymer Hemagglutinin
3 branched 2-acetamido-2-deoxy-beta-D-glucopyranose-(1-4)-2-acetamido-2-deoxy-beta-D-glucopyranose
4 branched 2-acetamido-2-deoxy-beta-D-glucopyranose-(1-4)-[alpha-L-fucopyranose-(1-6)]2-acetamido-2-deoxy-beta-D-glucopyranose
5 branched alpha-D-mannopyranose-(1-3)-[alpha-D-mannopyranose-(1-6)]beta-D-mannopyranose-(1-4)-2-acetamido-2-deoxy-beta-D-glucopyranose-(1-4)-2-acetamido-2-deoxy-beta-D-glucopyranose
6 branched beta-D-mannopyranose-(1-4)-2-acetamido-2-deoxy-beta-D-glucopyranose-(1-4)-2-acetamido-2-deoxy-beta-D-glucopyranose
7 non-polymer 'UNKNOWN BRANCHED FRAGMENT OF PHOSPHOLIPID'
#
loop_
_entity_poly.entity_id
_entity_poly.type
_entity_poly.pdbx_seq_one_letter_code
_entity_poly.pdbx_strand_id
1 'polypeptide(L)'
;DTICVGYHANNSTDTVDTVLEKNVTVTHSVNLLEDSHNGKLCSLNGIAPLQLGKCNVAGWLLGNPECDLLLTANSWSYII
ETSNSENGTCYPGEFIDYEELREQLSSVSSFEKFEIFPKASSWPNHETTKGVTAACSYSGASSFYRNLLWITKKGTSYPK
LSKSYTNNKGKEVLVLWGVHHPPSVSEQQSLYQNADAYVSVGSSKYNRRFAPEIAARPKVRGQAGRMNYYWTLLDQGDTI
TFEATGNLIAPWYAFALNKGSDSGIITSDAPVHNCDTRCQTPHGALNSSLPFQNVHPITIGECPKYVKSTKLRMATGLRN
VPS
;
A,C,E
2 'polypeptide(L)'
;GLFGAIAGFIEGGWTGMIDGWYGYHHQNEQGSGYAADQKSTQNAIDGITSKVNSVIEKMNTQFTAVGKEFNNLERRIENL
NKKVDDGFLDVWTYNAELLVLLENERTLDFHDSNVRNLYEKVKSQLRNNAKEIGNGCFEFYHKCDDECMESVKNGTYDYP
KYSEESKLNREEI
;
B,D,F
#
# COMPACT_ATOMS: atom_id res chain seq x y z
N ASP A 1 50.29 0.57 41.81
CA ASP A 1 48.94 1.19 41.86
C ASP A 1 48.46 1.54 40.44
N THR A 2 47.23 1.14 40.14
CA THR A 2 46.71 1.21 38.78
C THR A 2 45.26 1.72 38.81
N ILE A 3 44.85 2.28 37.68
CA ILE A 3 43.51 2.83 37.51
C ILE A 3 42.91 2.14 36.28
N CYS A 4 42.99 0.81 36.29
CA CYS A 4 42.48 -0.03 35.19
C CYS A 4 41.03 0.33 34.84
N VAL A 5 40.78 0.51 33.54
CA VAL A 5 39.50 0.97 33.04
C VAL A 5 38.76 -0.22 32.43
N GLY A 6 37.47 -0.35 32.73
CA GLY A 6 36.70 -1.50 32.25
C GLY A 6 35.21 -1.21 32.20
N TYR A 7 34.48 -2.18 31.66
CA TYR A 7 33.04 -2.03 31.46
C TYR A 7 32.29 -3.05 32.31
N HIS A 8 30.95 -3.00 32.24
CA HIS A 8 30.09 -3.77 33.13
C HIS A 8 29.78 -5.15 32.53
N ALA A 9 29.75 -6.16 33.39
CA ALA A 9 29.36 -7.51 33.00
C ALA A 9 28.22 -7.99 33.90
N ASN A 10 27.46 -8.95 33.40
CA ASN A 10 26.24 -9.38 34.03
C ASN A 10 26.03 -10.86 33.76
N ASN A 11 25.02 -11.47 34.37
CA ASN A 11 24.83 -12.89 34.10
C ASN A 11 23.51 -13.16 33.37
N SER A 12 23.01 -12.18 32.63
CA SER A 12 21.77 -12.34 31.83
C SER A 12 22.00 -13.28 30.63
N THR A 13 20.91 -13.78 30.05
CA THR A 13 21.02 -14.78 28.97
C THR A 13 20.18 -14.40 27.75
N ASP A 14 19.54 -13.24 27.77
CA ASP A 14 18.67 -12.80 26.68
C ASP A 14 19.49 -12.39 25.46
N THR A 15 19.19 -13.01 24.32
CA THR A 15 19.97 -12.79 23.10
C THR A 15 19.27 -11.79 22.18
N VAL A 16 20.07 -11.12 21.36
CA VAL A 16 19.59 -10.10 20.44
C VAL A 16 20.21 -10.34 19.07
N ASP A 17 19.38 -10.41 18.04
CA ASP A 17 19.87 -10.59 16.67
C ASP A 17 20.24 -9.23 16.07
N THR A 18 21.45 -9.16 15.52
CA THR A 18 21.91 -7.99 14.77
C THR A 18 22.28 -8.44 13.35
N VAL A 19 22.88 -7.55 12.58
CA VAL A 19 23.12 -7.78 11.17
C VAL A 19 24.31 -8.72 10.97
N LEU A 20 25.45 -8.38 11.58
CA LEU A 20 26.70 -9.08 11.30
C LEU A 20 26.82 -10.38 12.11
N GLU A 21 25.91 -10.61 13.05
CA GLU A 21 26.02 -11.75 13.94
C GLU A 21 24.63 -12.12 14.47
N LYS A 22 24.40 -13.39 14.71
CA LYS A 22 23.14 -13.81 15.29
C LYS A 22 23.37 -14.18 16.75
N ASN A 23 22.30 -14.21 17.52
CA ASN A 23 22.36 -14.63 18.93
C ASN A 23 23.44 -13.90 19.72
N VAL A 24 23.46 -12.58 19.73
CA VAL A 24 24.40 -11.86 20.55
C VAL A 24 23.80 -11.74 21.96
N THR A 25 24.61 -11.96 22.99
CA THR A 25 24.15 -11.91 24.36
C THR A 25 24.39 -10.51 24.94
N VAL A 26 23.30 -9.85 25.32
CA VAL A 26 23.33 -8.44 25.72
C VAL A 26 22.92 -8.36 27.19
N THR A 27 23.52 -7.41 27.91
CA THR A 27 23.33 -7.28 29.36
C THR A 27 21.91 -6.84 29.70
N HIS A 28 21.40 -5.84 28.98
CA HIS A 28 20.05 -5.34 29.20
C HIS A 28 19.36 -5.17 27.84
N SER A 29 18.08 -5.51 27.77
CA SER A 29 17.31 -5.38 26.53
C SER A 29 15.86 -5.05 26.87
N VAL A 30 15.04 -4.90 25.83
CA VAL A 30 13.64 -4.55 26.02
C VAL A 30 12.82 -5.21 24.91
N ASN A 31 11.66 -5.72 25.29
CA ASN A 31 10.76 -6.39 24.36
C ASN A 31 9.88 -5.35 23.66
N LEU A 32 9.45 -5.67 22.44
CA LEU A 32 8.59 -4.75 21.69
C LEU A 32 7.40 -5.46 21.02
N LEU A 33 7.13 -6.71 21.38
CA LEU A 33 6.11 -7.52 20.67
C LEU A 33 5.27 -8.26 21.71
N GLU A 34 3.97 -8.36 21.43
CA GLU A 34 3.01 -8.98 22.35
C GLU A 34 2.65 -10.40 21.90
N ASP A 35 2.47 -11.28 22.87
CA ASP A 35 2.08 -12.66 22.62
C ASP A 35 0.88 -13.06 23.46
N SER A 36 0.83 -12.56 24.70
CA SER A 36 -0.13 -13.06 25.69
C SER A 36 -1.50 -12.41 25.48
N HIS A 37 -2.56 -13.16 25.71
CA HIS A 37 -3.92 -12.64 25.69
C HIS A 37 -4.80 -13.56 26.55
N ASN A 38 -5.71 -12.96 27.31
CA ASN A 38 -6.70 -13.74 28.03
C ASN A 38 -7.82 -14.16 27.08
N GLY A 39 -8.09 -15.46 27.02
CA GLY A 39 -9.07 -16.01 26.07
C GLY A 39 -10.50 -15.70 26.46
N LYS A 40 -10.81 -14.41 26.60
CA LYS A 40 -12.13 -13.95 27.01
C LYS A 40 -12.55 -12.79 26.11
N LEU A 41 -13.85 -12.52 26.08
CA LEU A 41 -14.38 -11.39 25.34
C LEU A 41 -15.05 -10.43 26.32
N CYS A 42 -14.29 -9.45 26.78
CA CYS A 42 -14.82 -8.51 27.75
C CYS A 42 -15.52 -7.35 27.05
N SER A 43 -16.10 -6.47 27.87
CA SER A 43 -16.86 -5.32 27.41
C SER A 43 -15.91 -4.16 27.15
N LEU A 44 -15.98 -3.60 25.95
CA LEU A 44 -15.14 -2.47 25.56
C LEU A 44 -15.74 -1.18 26.13
N ASN A 45 -15.03 -0.57 27.08
CA ASN A 45 -15.37 0.74 27.68
C ASN A 45 -16.73 0.70 28.36
N GLY A 46 -16.96 -0.34 29.15
CA GLY A 46 -18.16 -0.41 29.98
C GLY A 46 -19.35 -1.06 29.30
N ILE A 47 -19.58 -0.76 28.03
CA ILE A 47 -20.76 -1.27 27.33
C ILE A 47 -20.49 -2.70 26.88
N ALA A 48 -21.40 -3.60 27.27
CA ALA A 48 -21.29 -5.02 26.95
C ALA A 48 -21.57 -5.28 25.47
N PRO A 49 -20.88 -6.26 24.87
CA PRO A 49 -21.17 -6.61 23.50
C PRO A 49 -22.43 -7.48 23.38
N LEU A 50 -23.06 -7.43 22.21
CA LEU A 50 -24.27 -8.19 21.94
C LEU A 50 -23.87 -9.50 21.26
N GLN A 51 -24.10 -10.60 21.96
CA GLN A 51 -23.84 -11.92 21.40
C GLN A 51 -25.11 -12.45 20.73
N LEU A 52 -25.01 -12.77 19.45
CA LEU A 52 -26.18 -13.25 18.70
C LEU A 52 -26.51 -14.70 19.09
N GLY A 53 -25.50 -15.49 19.46
CA GLY A 53 -25.71 -16.90 19.76
C GLY A 53 -25.89 -17.69 18.48
N LYS A 54 -26.96 -18.47 18.40
CA LYS A 54 -27.22 -19.31 17.23
C LYS A 54 -28.10 -18.54 16.24
N CYS A 55 -27.68 -17.32 15.92
CA CYS A 55 -28.50 -16.43 15.13
C CYS A 55 -27.62 -15.65 14.15
N ASN A 56 -28.14 -15.50 12.94
CA ASN A 56 -27.52 -14.69 11.92
C ASN A 56 -28.03 -13.25 12.05
N VAL A 57 -27.38 -12.32 11.38
CA VAL A 57 -27.75 -10.91 11.43
C VAL A 57 -29.12 -10.72 10.76
N ALA A 58 -29.32 -11.39 9.63
CA ALA A 58 -30.61 -11.37 8.92
C ALA A 58 -31.71 -11.99 9.78
N GLY A 59 -31.39 -13.07 10.47
CA GLY A 59 -32.32 -13.72 11.38
C GLY A 59 -32.69 -12.82 12.56
N TRP A 60 -31.75 -12.01 13.01
CA TRP A 60 -32.00 -11.11 14.12
C TRP A 60 -32.88 -9.93 13.68
N LEU A 61 -32.64 -9.40 12.49
CA LEU A 61 -33.39 -8.22 12.07
C LEU A 61 -34.79 -8.59 11.58
N LEU A 62 -34.92 -9.73 10.89
CA LEU A 62 -36.24 -10.14 10.43
C LEU A 62 -37.09 -10.66 11.58
N GLY A 63 -36.45 -11.10 12.67
CA GLY A 63 -37.19 -11.63 13.81
C GLY A 63 -37.59 -13.07 13.58
N ASN A 64 -36.60 -13.89 13.24
CA ASN A 64 -36.68 -15.33 13.15
C ASN A 64 -37.11 -15.88 14.52
N PRO A 65 -38.17 -16.69 14.59
CA PRO A 65 -38.70 -17.07 15.90
C PRO A 65 -37.84 -18.03 16.73
N GLU A 66 -36.74 -18.53 16.17
CA GLU A 66 -35.78 -19.24 16.99
C GLU A 66 -34.94 -18.23 17.78
N CYS A 67 -34.77 -17.04 17.21
CA CYS A 67 -33.96 -15.99 17.80
C CYS A 67 -34.83 -15.08 18.67
N ASP A 68 -35.51 -15.66 19.65
CA ASP A 68 -36.47 -14.93 20.45
C ASP A 68 -35.79 -14.24 21.65
N LEU A 69 -34.75 -14.87 22.17
CA LEU A 69 -34.12 -14.48 23.45
C LEU A 69 -33.52 -13.07 23.36
N LEU A 70 -32.99 -12.72 22.18
CA LEU A 70 -32.49 -11.37 21.96
C LEU A 70 -33.57 -10.51 21.28
N LEU A 71 -34.77 -10.57 21.84
CA LEU A 71 -35.88 -9.77 21.32
C LEU A 71 -35.81 -8.33 21.86
N THR A 72 -35.17 -8.13 23.01
CA THR A 72 -35.20 -6.82 23.67
C THR A 72 -33.77 -6.28 23.84
N ALA A 73 -32.95 -6.36 22.79
CA ALA A 73 -31.59 -5.82 22.83
C ALA A 73 -31.52 -4.54 21.99
N ASN A 74 -30.96 -3.48 22.56
CA ASN A 74 -30.95 -2.18 21.89
C ASN A 74 -29.66 -1.39 22.14
N SER A 75 -28.58 -2.05 22.55
CA SER A 75 -27.32 -1.36 22.82
C SER A 75 -26.18 -2.37 22.78
N TRP A 76 -25.07 -1.97 22.17
CA TRP A 76 -23.92 -2.86 22.03
C TRP A 76 -22.65 -2.04 21.82
N SER A 77 -21.52 -2.75 21.84
CA SER A 77 -20.21 -2.22 21.43
C SER A 77 -19.79 -2.85 20.11
N TYR A 78 -20.03 -4.15 19.95
CA TYR A 78 -19.68 -4.90 18.75
C TYR A 78 -20.51 -6.18 18.74
N ILE A 79 -20.82 -6.68 17.55
CA ILE A 79 -21.72 -7.82 17.40
C ILE A 79 -20.90 -9.09 17.23
N ILE A 80 -21.25 -10.12 17.98
CA ILE A 80 -20.54 -11.40 17.94
C ILE A 80 -21.40 -12.42 17.20
N GLU A 81 -20.84 -13.02 16.17
CA GLU A 81 -21.40 -14.23 15.57
C GLU A 81 -20.55 -15.42 16.01
N THR A 82 -21.18 -16.57 16.16
CA THR A 82 -20.46 -17.78 16.48
C THR A 82 -20.28 -18.60 15.19
N SER A 83 -19.67 -19.77 15.32
CA SER A 83 -19.50 -20.68 14.18
C SER A 83 -20.74 -21.56 13.99
N ASN A 84 -21.69 -21.49 14.92
CA ASN A 84 -22.90 -22.30 14.87
C ASN A 84 -24.13 -21.48 14.43
N SER A 85 -23.95 -20.18 14.17
CA SER A 85 -25.05 -19.28 13.82
C SER A 85 -25.56 -19.61 12.40
N GLU A 86 -26.75 -20.19 12.31
CA GLU A 86 -27.27 -20.59 11.02
C GLU A 86 -28.74 -20.22 10.86
N ASN A 87 -29.36 -19.67 11.89
CA ASN A 87 -30.76 -19.40 11.77
C ASN A 87 -31.02 -18.04 11.14
N GLY A 88 -30.79 -17.92 9.83
CA GLY A 88 -31.03 -16.66 9.14
C GLY A 88 -32.46 -16.61 8.65
N THR A 89 -32.61 -16.51 7.33
CA THR A 89 -33.93 -16.50 6.71
C THR A 89 -34.51 -17.91 6.79
N CYS A 90 -35.61 -18.06 7.52
CA CYS A 90 -36.24 -19.37 7.69
C CYS A 90 -36.98 -19.77 6.42
N TYR A 91 -37.83 -18.89 5.91
CA TYR A 91 -38.45 -19.13 4.61
C TYR A 91 -37.40 -18.88 3.52
N PRO A 92 -37.30 -19.77 2.53
CA PRO A 92 -36.17 -19.69 1.60
C PRO A 92 -36.27 -18.51 0.62
N GLY A 93 -35.14 -17.91 0.31
CA GLY A 93 -35.13 -16.80 -0.64
C GLY A 93 -33.77 -16.12 -0.68
N GLU A 94 -33.79 -14.80 -0.85
CA GLU A 94 -32.56 -14.02 -1.00
C GLU A 94 -32.73 -12.65 -0.34
N PHE A 95 -31.79 -12.33 0.54
CA PHE A 95 -31.77 -11.03 1.21
C PHE A 95 -30.94 -10.08 0.36
N ILE A 96 -31.60 -9.25 -0.43
CA ILE A 96 -30.92 -8.42 -1.43
C ILE A 96 -30.16 -7.29 -0.73
N ASP A 97 -28.89 -7.15 -1.13
CA ASP A 97 -27.92 -6.21 -0.54
C ASP A 97 -27.74 -6.49 0.96
N TYR A 98 -27.36 -7.73 1.26
CA TYR A 98 -27.14 -8.15 2.64
C TYR A 98 -25.81 -7.62 3.18
N GLU A 99 -24.84 -7.37 2.31
CA GLU A 99 -23.51 -6.98 2.77
C GLU A 99 -23.43 -5.46 3.03
N GLU A 100 -24.14 -4.68 2.21
CA GLU A 100 -24.23 -3.24 2.40
C GLU A 100 -24.94 -2.92 3.72
N LEU A 101 -25.89 -3.76 4.10
CA LEU A 101 -26.64 -3.58 5.35
C LEU A 101 -25.71 -3.86 6.54
N ARG A 102 -24.81 -4.82 6.39
CA ARG A 102 -23.81 -5.11 7.43
C ARG A 102 -22.84 -3.93 7.57
N GLU A 103 -22.44 -3.33 6.45
CA GLU A 103 -21.57 -2.17 6.47
C GLU A 103 -22.28 -0.94 7.05
N GLN A 104 -23.60 -0.85 6.90
CA GLN A 104 -24.34 0.22 7.56
C GLN A 104 -24.46 -0.06 9.06
N LEU A 105 -24.63 -1.33 9.45
CA LEU A 105 -24.74 -1.73 10.86
C LEU A 105 -23.41 -1.58 11.60
N SER A 106 -22.30 -1.47 10.87
CA SER A 106 -20.98 -1.33 11.50
C SER A 106 -20.71 0.12 11.95
N SER A 107 -21.74 0.96 12.04
CA SER A 107 -21.55 2.35 12.42
C SER A 107 -22.65 2.81 13.40
N VAL A 108 -23.55 1.90 13.75
CA VAL A 108 -24.71 2.23 14.57
C VAL A 108 -24.51 1.64 15.97
N SER A 109 -24.87 2.41 17.00
CA SER A 109 -24.57 2.00 18.38
C SER A 109 -25.80 1.61 19.18
N SER A 110 -27.00 1.99 18.74
CA SER A 110 -28.21 1.66 19.52
C SER A 110 -29.45 1.69 18.61
N PHE A 111 -30.56 1.20 19.16
CA PHE A 111 -31.84 1.11 18.46
C PHE A 111 -32.96 1.73 19.30
N GLU A 112 -34.09 1.94 18.62
CA GLU A 112 -35.39 2.15 19.25
C GLU A 112 -36.43 1.43 18.40
N LYS A 113 -36.80 0.20 18.77
CA LYS A 113 -37.72 -0.56 17.95
C LYS A 113 -39.17 -0.12 18.23
N PHE A 114 -39.92 0.21 17.19
CA PHE A 114 -41.27 0.75 17.36
C PHE A 114 -42.20 0.25 16.26
N GLU A 115 -43.50 0.41 16.52
CA GLU A 115 -44.56 0.08 15.58
C GLU A 115 -44.61 1.15 14.48
N ILE A 116 -44.48 0.72 13.22
CA ILE A 116 -44.88 1.59 12.10
C ILE A 116 -46.39 1.41 11.87
N PHE A 117 -46.76 0.19 11.51
CA PHE A 117 -48.13 -0.14 11.15
C PHE A 117 -48.68 -1.08 12.21
N PRO A 118 -49.53 -0.58 13.10
CA PRO A 118 -50.12 -1.45 14.13
C PRO A 118 -51.01 -2.53 13.52
N LYS A 119 -50.86 -3.75 14.01
CA LYS A 119 -51.40 -4.95 13.37
C LYS A 119 -52.93 -4.98 13.48
N ALA A 120 -53.47 -4.44 14.56
CA ALA A 120 -54.89 -4.58 14.88
C ALA A 120 -55.72 -3.43 14.30
N SER A 121 -55.08 -2.41 13.73
CA SER A 121 -55.82 -1.19 13.38
C SER A 121 -55.62 -0.80 11.90
N SER A 122 -54.39 -0.97 11.39
CA SER A 122 -53.99 -0.33 10.13
C SER A 122 -54.51 -1.09 8.91
N TRP A 123 -55.14 -2.24 9.09
CA TRP A 123 -55.48 -3.07 7.93
C TRP A 123 -56.94 -3.54 7.97
N PRO A 124 -57.94 -2.63 7.93
CA PRO A 124 -59.31 -3.11 8.11
C PRO A 124 -59.99 -3.57 6.82
N ASN A 125 -59.25 -4.26 5.96
CA ASN A 125 -59.81 -4.72 4.69
C ASN A 125 -59.41 -6.16 4.43
N HIS A 126 -58.19 -6.51 4.83
CA HIS A 126 -57.61 -7.81 4.52
C HIS A 126 -57.59 -8.68 5.78
N GLU A 127 -57.25 -9.95 5.59
CA GLU A 127 -56.98 -10.81 6.74
C GLU A 127 -55.50 -10.69 7.12
N THR A 128 -55.25 -10.75 8.41
CA THR A 128 -53.93 -10.45 8.95
C THR A 128 -53.42 -11.55 9.87
N THR A 129 -54.17 -12.64 10.04
CA THR A 129 -53.81 -13.64 11.05
C THR A 129 -54.00 -15.07 10.53
N LYS A 130 -54.42 -15.24 9.28
CA LYS A 130 -54.73 -16.58 8.77
C LYS A 130 -53.69 -17.04 7.75
N GLY A 131 -52.62 -16.27 7.60
CA GLY A 131 -51.58 -16.61 6.63
C GLY A 131 -50.23 -16.82 7.29
N VAL A 132 -49.78 -18.07 7.32
CA VAL A 132 -48.54 -18.43 7.99
C VAL A 132 -48.01 -19.76 7.41
N THR A 133 -46.71 -19.81 7.17
CA THR A 133 -46.09 -21.00 6.58
C THR A 133 -45.62 -21.94 7.68
N ALA A 134 -45.28 -23.17 7.30
CA ALA A 134 -44.87 -24.22 8.24
C ALA A 134 -43.36 -24.49 8.17
N ALA A 135 -42.63 -23.81 7.27
CA ALA A 135 -41.18 -23.97 7.18
C ALA A 135 -40.51 -23.27 8.37
N CYS A 136 -41.12 -22.19 8.85
CA CYS A 136 -40.57 -21.43 9.97
C CYS A 136 -41.22 -21.88 11.27
N SER A 137 -41.19 -23.19 11.52
CA SER A 137 -41.96 -23.78 12.62
C SER A 137 -41.35 -23.40 13.98
N TYR A 138 -42.19 -23.43 15.01
CA TYR A 138 -41.78 -23.08 16.35
C TYR A 138 -42.59 -23.88 17.36
N SER A 139 -41.93 -24.86 17.97
CA SER A 139 -42.51 -25.78 18.98
C SER A 139 -43.75 -26.50 18.42
N GLY A 140 -43.61 -27.01 17.21
CA GLY A 140 -44.67 -27.78 16.56
C GLY A 140 -45.60 -26.90 15.75
N ALA A 141 -45.95 -25.73 16.27
CA ALA A 141 -46.86 -24.82 15.59
C ALA A 141 -46.15 -24.12 14.43
N SER A 142 -46.92 -23.37 13.64
CA SER A 142 -46.39 -22.64 12.50
C SER A 142 -46.47 -21.14 12.79
N SER A 143 -45.31 -20.51 12.90
CA SER A 143 -45.22 -19.07 13.15
C SER A 143 -44.41 -18.39 12.04
N PHE A 144 -44.73 -17.14 11.78
CA PHE A 144 -44.02 -16.34 10.81
C PHE A 144 -42.94 -15.54 11.53
N TYR A 145 -42.37 -14.53 10.88
CA TYR A 145 -41.39 -13.64 11.49
C TYR A 145 -42.04 -12.78 12.59
N ARG A 146 -41.21 -12.07 13.34
CA ARG A 146 -41.72 -11.24 14.43
C ARG A 146 -41.68 -9.75 14.06
N ASN A 147 -41.20 -9.43 12.86
CA ASN A 147 -41.07 -8.02 12.47
C ASN A 147 -41.82 -7.74 11.15
N LEU A 148 -42.26 -8.76 10.45
CA LEU A 148 -42.99 -8.57 9.20
C LEU A 148 -44.41 -9.12 9.36
N LEU A 149 -45.22 -8.97 8.32
CA LEU A 149 -46.60 -9.40 8.39
C LEU A 149 -47.07 -9.88 7.02
N TRP A 150 -47.54 -11.12 6.98
CA TRP A 150 -48.12 -11.72 5.78
C TRP A 150 -49.51 -11.10 5.56
N ILE A 151 -49.93 -11.00 4.30
CA ILE A 151 -51.24 -10.45 3.96
C ILE A 151 -51.99 -11.47 3.08
N THR A 152 -53.21 -11.79 3.49
CA THR A 152 -54.09 -12.64 2.69
C THR A 152 -55.38 -11.91 2.39
N LYS A 153 -56.20 -12.54 1.56
CA LYS A 153 -57.49 -12.00 1.18
C LYS A 153 -58.49 -12.15 2.34
N LYS A 154 -59.58 -11.39 2.25
CA LYS A 154 -60.68 -11.50 3.19
C LYS A 154 -61.95 -11.88 2.43
N GLY A 155 -62.11 -13.17 2.22
CA GLY A 155 -63.33 -13.74 1.63
C GLY A 155 -63.51 -13.39 0.16
N THR A 156 -62.60 -13.88 -0.68
CA THR A 156 -62.65 -13.79 -2.16
C THR A 156 -62.70 -12.33 -2.63
N SER A 157 -61.96 -11.47 -1.93
CA SER A 157 -61.90 -10.05 -2.27
C SER A 157 -60.52 -9.52 -1.86
N TYR A 158 -60.00 -8.60 -2.67
CA TYR A 158 -58.72 -7.97 -2.40
C TYR A 158 -58.73 -6.54 -2.93
N PRO A 159 -59.05 -5.59 -2.06
CA PRO A 159 -59.05 -4.19 -2.48
C PRO A 159 -57.63 -3.69 -2.76
N LYS A 160 -57.52 -2.61 -3.54
CA LYS A 160 -56.24 -2.00 -3.83
C LYS A 160 -55.66 -1.39 -2.54
N LEU A 161 -54.40 -1.68 -2.30
CA LEU A 161 -53.78 -1.33 -1.02
C LEU A 161 -52.84 -0.14 -1.21
N SER A 162 -52.94 0.83 -0.32
CA SER A 162 -52.05 1.98 -0.29
C SER A 162 -51.95 2.50 1.14
N LYS A 163 -50.72 2.70 1.61
CA LYS A 163 -50.49 3.16 2.97
C LYS A 163 -49.16 3.90 3.02
N SER A 164 -49.14 5.03 3.73
CA SER A 164 -47.95 5.86 3.81
C SER A 164 -47.52 6.05 5.27
N TYR A 165 -46.30 6.52 5.46
CA TYR A 165 -45.79 6.81 6.79
C TYR A 165 -44.78 7.97 6.71
N THR A 166 -44.98 8.96 7.57
CA THR A 166 -44.09 10.12 7.64
C THR A 166 -43.06 9.88 8.74
N ASN A 167 -41.99 10.68 8.74
CA ASN A 167 -40.93 10.54 9.73
C ASN A 167 -40.92 11.76 10.65
N ASN A 168 -41.06 11.52 11.96
CA ASN A 168 -41.09 12.60 12.93
C ASN A 168 -40.27 12.22 14.17
N LYS A 169 -39.06 11.72 13.95
CA LYS A 169 -38.25 11.27 15.10
C LYS A 169 -36.82 11.86 15.06
N GLY A 170 -36.49 12.61 14.03
CA GLY A 170 -35.19 13.30 13.98
C GLY A 170 -34.04 12.40 13.55
N LYS A 171 -34.20 11.10 13.75
CA LYS A 171 -33.14 10.14 13.46
C LYS A 171 -33.48 9.38 12.18
N GLU A 172 -32.56 8.57 11.69
CA GLU A 172 -32.83 7.78 10.50
C GLU A 172 -33.56 6.49 10.89
N VAL A 173 -34.45 6.06 10.01
CA VAL A 173 -35.31 4.92 10.26
C VAL A 173 -35.00 3.85 9.20
N LEU A 174 -34.77 2.62 9.67
CA LEU A 174 -34.41 1.50 8.80
C LEU A 174 -35.66 0.63 8.62
N VAL A 175 -36.17 0.58 7.39
CA VAL A 175 -37.44 -0.08 7.08
C VAL A 175 -37.18 -1.32 6.23
N LEU A 176 -37.74 -2.45 6.64
CA LEU A 176 -37.62 -3.72 5.89
C LEU A 176 -38.99 -4.12 5.35
N TRP A 177 -39.00 -4.79 4.21
CA TRP A 177 -40.21 -5.44 3.73
C TRP A 177 -39.83 -6.64 2.86
N GLY A 178 -40.84 -7.31 2.34
CA GLY A 178 -40.64 -8.47 1.52
C GLY A 178 -41.64 -8.56 0.38
N VAL A 179 -41.27 -9.32 -0.65
CA VAL A 179 -42.15 -9.63 -1.75
C VAL A 179 -42.14 -11.15 -1.95
N HIS A 180 -43.33 -11.74 -1.86
CA HIS A 180 -43.50 -13.18 -2.01
C HIS A 180 -43.92 -13.51 -3.44
N HIS A 181 -43.39 -14.60 -3.97
CA HIS A 181 -43.97 -15.14 -5.20
C HIS A 181 -44.04 -16.67 -5.18
N PRO A 182 -45.22 -17.21 -5.51
CA PRO A 182 -45.46 -18.65 -5.44
C PRO A 182 -44.89 -19.37 -6.67
N PRO A 183 -44.82 -20.72 -6.64
CA PRO A 183 -44.29 -21.41 -7.82
C PRO A 183 -45.31 -21.62 -8.95
N SER A 184 -46.61 -21.59 -8.62
CA SER A 184 -47.66 -21.92 -9.57
C SER A 184 -48.68 -20.80 -9.65
N VAL A 185 -49.35 -20.72 -10.79
CA VAL A 185 -50.39 -19.73 -11.03
C VAL A 185 -51.63 -20.06 -10.18
N SER A 186 -51.85 -21.35 -9.93
CA SER A 186 -52.97 -21.79 -9.08
C SER A 186 -52.79 -21.30 -7.63
N GLU A 187 -51.55 -21.32 -7.13
CA GLU A 187 -51.27 -20.85 -5.78
C GLU A 187 -51.42 -19.32 -5.71
N GLN A 188 -50.99 -18.65 -6.77
CA GLN A 188 -51.16 -17.19 -6.94
C GLN A 188 -52.63 -16.80 -6.83
N GLN A 189 -53.49 -17.49 -7.59
CA GLN A 189 -54.92 -17.19 -7.60
C GLN A 189 -55.58 -17.65 -6.30
N SER A 190 -55.07 -18.70 -5.68
CA SER A 190 -55.65 -19.23 -4.45
C SER A 190 -55.35 -18.32 -3.25
N LEU A 191 -54.22 -17.61 -3.29
CA LEU A 191 -53.87 -16.74 -2.18
C LEU A 191 -54.34 -15.30 -2.44
N TYR A 192 -54.37 -14.86 -3.70
CA TYR A 192 -54.41 -13.42 -4.01
C TYR A 192 -55.53 -13.07 -4.98
N GLN A 193 -55.86 -13.99 -5.88
CA GLN A 193 -56.92 -13.84 -6.91
C GLN A 193 -56.64 -12.60 -7.78
N ASN A 194 -55.41 -12.52 -8.28
CA ASN A 194 -55.00 -11.49 -9.21
C ASN A 194 -53.98 -12.13 -10.15
N ALA A 195 -54.33 -12.25 -11.43
CA ALA A 195 -53.43 -12.84 -12.43
C ALA A 195 -52.20 -11.94 -12.59
N ASP A 196 -52.43 -10.64 -12.68
CA ASP A 196 -51.35 -9.66 -12.61
C ASP A 196 -51.43 -8.95 -11.26
N ALA A 197 -50.28 -8.67 -10.69
CA ALA A 197 -50.18 -7.93 -9.45
C ALA A 197 -48.86 -7.17 -9.41
N TYR A 198 -48.77 -6.20 -8.52
CA TYR A 198 -47.54 -5.47 -8.30
C TYR A 198 -47.54 -4.92 -6.87
N VAL A 199 -46.34 -4.63 -6.39
CA VAL A 199 -46.21 -3.68 -5.30
C VAL A 199 -45.32 -2.54 -5.81
N SER A 200 -45.36 -1.41 -5.11
CA SER A 200 -44.57 -0.27 -5.50
C SER A 200 -44.19 0.49 -4.23
N VAL A 201 -42.91 0.84 -4.14
CA VAL A 201 -42.39 1.54 -2.98
C VAL A 201 -41.77 2.85 -3.47
N GLY A 202 -42.16 3.97 -2.85
CA GLY A 202 -41.58 5.25 -3.23
C GLY A 202 -41.44 6.21 -2.06
N SER A 203 -40.28 6.85 -1.93
CA SER A 203 -40.14 7.91 -0.92
C SER A 203 -39.70 9.24 -1.54
N SER A 204 -38.41 9.41 -1.81
CA SER A 204 -37.93 10.51 -2.62
C SER A 204 -36.74 10.07 -3.48
N LYS A 205 -35.91 9.20 -2.90
CA LYS A 205 -34.70 8.74 -3.56
C LYS A 205 -34.73 7.21 -3.68
N TYR A 206 -35.85 6.61 -3.33
CA TYR A 206 -36.10 5.22 -3.60
C TYR A 206 -37.42 5.11 -4.34
N ASN A 207 -37.44 4.34 -5.42
CA ASN A 207 -38.62 4.19 -6.23
C ASN A 207 -38.48 2.88 -7.01
N ARG A 208 -39.30 1.89 -6.70
CA ARG A 208 -39.26 0.67 -7.50
C ARG A 208 -40.67 0.07 -7.58
N ARG A 209 -40.90 -0.62 -8.69
CA ARG A 209 -42.15 -1.26 -9.04
C ARG A 209 -41.88 -2.77 -9.17
N PHE A 210 -42.24 -3.53 -8.14
CA PHE A 210 -41.99 -4.97 -8.15
C PHE A 210 -43.18 -5.72 -8.73
N ALA A 211 -42.87 -6.67 -9.61
CA ALA A 211 -43.83 -7.62 -10.17
C ALA A 211 -43.37 -9.04 -9.80
N PRO A 212 -44.32 -9.92 -9.48
CA PRO A 212 -43.92 -11.30 -9.16
C PRO A 212 -43.49 -12.06 -10.42
N GLU A 213 -42.71 -13.11 -10.20
CA GLU A 213 -42.39 -14.07 -11.24
C GLU A 213 -42.84 -15.46 -10.76
N ILE A 214 -43.49 -16.20 -11.65
CA ILE A 214 -44.04 -17.50 -11.31
C ILE A 214 -43.37 -18.55 -12.19
N ALA A 215 -42.67 -19.48 -11.56
CA ALA A 215 -41.98 -20.56 -12.25
C ALA A 215 -41.78 -21.72 -11.26
N ALA A 216 -41.85 -22.94 -11.80
CA ALA A 216 -41.59 -24.14 -11.02
C ALA A 216 -40.09 -24.26 -10.76
N ARG A 217 -39.73 -24.70 -9.56
CA ARG A 217 -38.35 -24.79 -9.12
C ARG A 217 -38.27 -25.80 -7.98
N PRO A 218 -37.11 -26.43 -7.78
CA PRO A 218 -37.02 -27.45 -6.73
C PRO A 218 -37.06 -26.84 -5.34
N LYS A 219 -37.65 -27.57 -4.39
CA LYS A 219 -38.02 -26.99 -3.11
C LYS A 219 -36.82 -27.02 -2.14
N VAL A 220 -36.77 -25.98 -1.31
CA VAL A 220 -35.83 -25.89 -0.21
C VAL A 220 -36.65 -25.79 1.08
N ARG A 221 -36.32 -26.62 2.06
CA ARG A 221 -37.04 -26.74 3.35
C ARG A 221 -38.52 -27.10 3.13
N GLY A 222 -38.79 -27.83 2.05
CA GLY A 222 -40.15 -28.28 1.72
C GLY A 222 -41.06 -27.16 1.27
N GLN A 223 -40.51 -26.13 0.61
CA GLN A 223 -41.31 -25.04 0.06
C GLN A 223 -40.80 -24.72 -1.34
N ALA A 224 -41.73 -24.64 -2.29
CA ALA A 224 -41.39 -24.41 -3.71
C ALA A 224 -41.48 -22.92 -4.09
N GLY A 225 -42.05 -22.10 -3.21
CA GLY A 225 -42.15 -20.66 -3.46
C GLY A 225 -40.87 -19.93 -3.06
N ARG A 226 -40.83 -18.64 -3.32
CA ARG A 226 -39.67 -17.84 -2.94
C ARG A 226 -40.13 -16.50 -2.35
N MET A 227 -39.20 -15.83 -1.69
CA MET A 227 -39.48 -14.56 -1.05
C MET A 227 -38.21 -13.72 -1.08
N ASN A 228 -38.35 -12.46 -1.49
CA ASN A 228 -37.24 -11.53 -1.54
C ASN A 228 -37.42 -10.45 -0.47
N TYR A 229 -36.31 -9.98 0.08
CA TYR A 229 -36.34 -9.04 1.19
C TYR A 229 -35.61 -7.75 0.81
N TYR A 230 -36.07 -6.64 1.37
CA TYR A 230 -35.55 -5.33 0.99
C TYR A 230 -35.49 -4.41 2.22
N TRP A 231 -34.64 -3.40 2.12
CA TRP A 231 -34.41 -2.47 3.22
C TRP A 231 -34.10 -1.08 2.66
N THR A 232 -34.50 -0.05 3.41
CA THR A 232 -34.31 1.34 3.00
C THR A 232 -34.13 2.21 4.25
N LEU A 233 -33.16 3.13 4.19
CA LEU A 233 -33.00 4.15 5.20
C LEU A 233 -33.82 5.38 4.81
N LEU A 234 -34.58 5.91 5.76
CA LEU A 234 -35.24 7.20 5.59
C LEU A 234 -34.40 8.30 6.24
N ASP A 235 -34.92 9.52 6.17
CA ASP A 235 -34.29 10.69 6.78
C ASP A 235 -35.33 11.40 7.64
N GLN A 236 -34.87 12.37 8.44
CA GLN A 236 -35.76 13.22 9.20
C GLN A 236 -36.51 14.15 8.24
N GLY A 237 -37.79 13.87 8.08
CA GLY A 237 -38.55 14.51 7.04
C GLY A 237 -39.32 13.53 6.18
N ASP A 238 -38.79 13.24 5.00
CA ASP A 238 -39.39 12.53 3.89
C ASP A 238 -40.16 11.27 4.30
N THR A 239 -41.25 11.02 3.58
CA THR A 239 -42.23 9.99 3.91
C THR A 239 -42.12 8.84 2.92
N ILE A 240 -42.52 7.65 3.32
CA ILE A 240 -42.49 6.48 2.46
C ILE A 240 -43.93 6.07 2.12
N THR A 241 -44.14 5.57 0.91
CA THR A 241 -45.46 5.09 0.50
C THR A 241 -45.33 3.68 -0.08
N PHE A 242 -46.16 2.79 0.47
CA PHE A 242 -46.34 1.44 -0.06
C PHE A 242 -47.68 1.40 -0.81
N GLU A 243 -47.67 0.79 -1.99
CA GLU A 243 -48.88 0.65 -2.78
C GLU A 243 -48.86 -0.72 -3.45
N ALA A 244 -49.78 -1.59 -3.03
CA ALA A 244 -49.70 -3.01 -3.36
C ALA A 244 -51.03 -3.48 -3.98
N THR A 245 -50.93 -4.52 -4.80
CA THR A 245 -52.10 -5.20 -5.36
C THR A 245 -52.32 -6.51 -4.61
N GLY A 246 -51.50 -7.53 -4.89
CA GLY A 246 -51.64 -8.82 -4.23
C GLY A 246 -50.33 -9.36 -3.65
N ASN A 247 -49.26 -8.57 -3.65
CA ASN A 247 -47.94 -9.10 -3.21
C ASN A 247 -47.23 -8.14 -2.25
N LEU A 248 -47.57 -8.17 -0.96
CA LEU A 248 -46.88 -7.34 0.01
C LEU A 248 -46.63 -8.14 1.30
N ILE A 249 -45.40 -8.09 1.77
CA ILE A 249 -45.06 -8.51 3.12
C ILE A 249 -44.80 -7.24 3.91
N ALA A 250 -45.84 -6.76 4.59
CA ALA A 250 -45.85 -5.42 5.16
C ALA A 250 -44.89 -5.33 6.35
N PRO A 251 -44.22 -4.19 6.52
CA PRO A 251 -43.41 -4.02 7.72
C PRO A 251 -44.29 -3.86 8.97
N TRP A 252 -43.73 -4.26 10.10
CA TRP A 252 -44.47 -4.23 11.35
C TRP A 252 -43.62 -3.66 12.49
N TYR A 253 -42.30 -3.58 12.32
CA TYR A 253 -41.42 -2.91 13.27
C TYR A 253 -40.28 -2.23 12.52
N ALA A 254 -39.90 -1.04 12.97
CA ALA A 254 -38.79 -0.30 12.40
C ALA A 254 -37.63 -0.25 13.40
N PHE A 255 -36.60 0.51 13.03
CA PHE A 255 -35.45 0.72 13.88
C PHE A 255 -34.96 2.15 13.69
N ALA A 256 -35.07 2.96 14.75
CA ALA A 256 -34.45 4.27 14.76
C ALA A 256 -32.96 4.10 15.08
N LEU A 257 -32.10 4.83 14.37
CA LEU A 257 -30.67 4.58 14.48
C LEU A 257 -29.98 5.64 15.34
N ASN A 258 -28.76 5.33 15.75
CA ASN A 258 -27.91 6.26 16.48
C ASN A 258 -26.46 6.05 16.04
N LYS A 259 -25.77 7.13 15.76
CA LYS A 259 -24.41 7.07 15.24
C LYS A 259 -23.41 6.82 16.39
N GLY A 260 -22.13 6.95 16.07
CA GLY A 260 -21.06 6.55 16.97
C GLY A 260 -20.35 5.34 16.40
N SER A 261 -19.19 5.60 15.78
CA SER A 261 -18.57 4.66 14.86
C SER A 261 -17.83 3.53 15.61
N ASP A 262 -17.03 2.79 14.84
CA ASP A 262 -16.07 1.78 15.34
C ASP A 262 -16.81 0.62 16.02
N SER A 263 -17.60 -0.08 15.21
CA SER A 263 -18.23 -1.32 15.63
C SER A 263 -17.78 -2.45 14.69
N GLY A 264 -18.28 -3.66 14.91
CA GLY A 264 -17.83 -4.77 14.10
C GLY A 264 -18.69 -6.00 14.27
N ILE A 265 -18.43 -6.98 13.40
CA ILE A 265 -19.18 -8.23 13.35
C ILE A 265 -18.16 -9.35 13.52
N ILE A 266 -17.35 -9.23 14.57
CA ILE A 266 -16.36 -10.25 14.96
C ILE A 266 -17.03 -11.63 15.06
N THR A 267 -16.43 -12.61 14.39
CA THR A 267 -16.90 -13.98 14.42
C THR A 267 -15.92 -14.83 15.23
N SER A 268 -16.31 -15.17 16.45
CA SER A 268 -15.56 -16.11 17.27
C SER A 268 -16.52 -16.77 18.26
N ASP A 269 -16.00 -17.70 19.05
CA ASP A 269 -16.81 -18.48 19.97
C ASP A 269 -16.09 -18.68 21.30
N ALA A 270 -15.11 -17.83 21.59
CA ALA A 270 -14.56 -17.74 22.95
C ALA A 270 -15.60 -17.10 23.87
N PRO A 271 -15.67 -17.52 25.14
CA PRO A 271 -16.75 -17.10 26.02
C PRO A 271 -16.70 -15.60 26.40
N VAL A 272 -17.83 -15.12 26.91
CA VAL A 272 -18.02 -13.71 27.20
C VAL A 272 -17.98 -13.51 28.72
N HIS A 273 -17.12 -12.61 29.16
CA HIS A 273 -17.04 -12.21 30.56
C HIS A 273 -17.28 -10.69 30.68
N ASN A 274 -17.08 -10.15 31.88
CA ASN A 274 -17.46 -8.77 32.15
C ASN A 274 -16.30 -8.01 32.80
N CYS A 275 -15.11 -8.11 32.20
CA CYS A 275 -14.04 -7.20 32.56
C CYS A 275 -14.11 -5.98 31.62
N ASP A 276 -13.07 -5.16 31.61
CA ASP A 276 -13.08 -3.95 30.81
C ASP A 276 -11.70 -3.76 30.16
N THR A 277 -11.68 -3.63 28.84
CA THR A 277 -10.44 -3.44 28.10
C THR A 277 -10.58 -2.26 27.13
N ARG A 278 -9.54 -2.09 26.33
CA ARG A 278 -9.52 -1.07 25.28
C ARG A 278 -9.14 -1.70 23.93
N CYS A 279 -8.99 -3.03 23.88
CA CYS A 279 -8.60 -3.71 22.66
C CYS A 279 -9.20 -5.12 22.68
N GLN A 280 -9.79 -5.52 21.56
CA GLN A 280 -10.51 -6.78 21.51
C GLN A 280 -10.23 -7.49 20.19
N THR A 281 -9.87 -8.76 20.27
CA THR A 281 -9.63 -9.62 19.12
C THR A 281 -10.62 -10.78 19.16
N PRO A 282 -10.77 -11.53 18.07
CA PRO A 282 -11.55 -12.78 18.16
C PRO A 282 -10.92 -13.84 19.07
N HIS A 283 -9.61 -13.82 19.25
CA HIS A 283 -8.95 -14.78 20.13
C HIS A 283 -9.05 -14.35 21.60
N GLY A 284 -9.08 -13.06 21.88
CA GLY A 284 -9.10 -12.60 23.25
C GLY A 284 -8.87 -11.11 23.35
N ALA A 285 -8.53 -10.66 24.55
CA ALA A 285 -8.32 -9.24 24.83
C ALA A 285 -6.83 -8.97 25.04
N LEU A 286 -6.46 -7.71 24.89
CA LEU A 286 -5.06 -7.33 24.97
C LEU A 286 -4.88 -6.14 25.91
N ASN A 287 -3.88 -6.24 26.77
CA ASN A 287 -3.61 -5.19 27.67
C ASN A 287 -2.10 -4.95 27.63
N SER A 288 -1.69 -3.84 27.01
CA SER A 288 -0.26 -3.55 26.80
C SER A 288 -0.04 -2.10 26.34
N SER A 289 1.22 -1.84 25.98
CA SER A 289 1.67 -0.54 25.53
C SER A 289 2.80 -0.67 24.50
N LEU A 290 3.16 -1.91 24.15
CA LEU A 290 4.22 -2.13 23.16
C LEU A 290 3.69 -1.81 21.76
N PRO A 291 4.57 -1.30 20.89
CA PRO A 291 4.09 -0.84 19.59
C PRO A 291 3.72 -1.92 18.58
N PHE A 292 4.02 -3.18 18.86
CA PHE A 292 3.74 -4.25 17.91
C PHE A 292 2.95 -5.38 18.57
N GLN A 293 2.25 -6.12 17.73
CA GLN A 293 1.23 -7.07 18.15
C GLN A 293 1.27 -8.28 17.21
N ASN A 294 0.94 -9.45 17.76
CA ASN A 294 1.12 -10.70 17.03
C ASN A 294 -0.08 -11.65 17.17
N VAL A 295 -1.13 -11.26 17.88
CA VAL A 295 -2.21 -12.18 18.20
C VAL A 295 -3.08 -12.42 16.96
N HIS A 296 -3.69 -11.36 16.44
CA HIS A 296 -4.66 -11.50 15.37
C HIS A 296 -4.75 -10.15 14.63
N PRO A 297 -4.94 -10.17 13.31
CA PRO A 297 -5.00 -8.92 12.57
C PRO A 297 -6.33 -8.16 12.65
N ILE A 298 -7.42 -8.83 13.03
CA ILE A 298 -8.73 -8.20 13.09
C ILE A 298 -8.96 -7.73 14.52
N THR A 299 -8.96 -6.41 14.71
CA THR A 299 -9.03 -5.84 16.06
C THR A 299 -10.15 -4.80 16.14
N ILE A 300 -10.67 -4.60 17.34
CA ILE A 300 -11.58 -3.50 17.66
C ILE A 300 -11.05 -2.76 18.88
N GLY A 301 -10.88 -1.45 18.73
CA GLY A 301 -10.45 -0.58 19.80
C GLY A 301 -9.27 0.28 19.39
N GLU A 302 -8.45 0.66 20.36
CA GLU A 302 -7.19 1.32 20.10
C GLU A 302 -6.09 0.30 20.40
N CYS A 303 -5.81 -0.51 19.40
CA CYS A 303 -4.98 -1.69 19.57
C CYS A 303 -3.56 -1.44 19.06
N PRO A 304 -2.58 -2.17 19.60
CA PRO A 304 -1.25 -2.10 19.01
C PRO A 304 -1.20 -2.77 17.63
N LYS A 305 -0.13 -2.49 16.91
CA LYS A 305 -0.13 -2.69 15.47
C LYS A 305 0.36 -4.10 15.11
N TYR A 306 -0.26 -4.69 14.09
CA TYR A 306 -0.04 -6.11 13.78
C TYR A 306 1.11 -6.29 12.79
N VAL A 307 2.06 -7.13 13.17
CA VAL A 307 3.10 -7.58 12.25
C VAL A 307 3.07 -9.12 12.22
N LYS A 308 4.01 -9.71 11.50
CA LYS A 308 4.00 -11.16 11.28
C LYS A 308 5.39 -11.72 11.61
N SER A 309 5.90 -11.36 12.78
CA SER A 309 7.20 -11.83 13.23
C SER A 309 7.05 -12.57 14.56
N THR A 310 8.15 -13.09 15.09
CA THR A 310 8.11 -13.89 16.31
C THR A 310 9.01 -13.31 17.40
N LYS A 311 9.92 -12.39 17.05
CA LYS A 311 10.88 -11.87 18.02
C LYS A 311 11.31 -10.47 17.57
N LEU A 312 11.14 -9.49 18.45
CA LEU A 312 11.59 -8.11 18.20
C LEU A 312 12.28 -7.57 19.45
N ARG A 313 13.23 -8.33 19.99
CA ARG A 313 13.99 -7.90 21.15
C ARG A 313 14.97 -6.81 20.72
N MET A 314 14.99 -5.69 21.46
CA MET A 314 15.82 -4.55 21.10
C MET A 314 16.82 -4.30 22.23
N ALA A 315 18.10 -4.21 21.86
CA ALA A 315 19.19 -4.18 22.81
C ALA A 315 19.38 -2.76 23.36
N THR A 316 19.39 -2.66 24.68
CA THR A 316 19.71 -1.41 25.37
C THR A 316 20.80 -1.72 26.40
N GLY A 317 22.04 -1.79 25.95
CA GLY A 317 23.13 -2.14 26.83
C GLY A 317 24.30 -2.74 26.08
N LEU A 318 25.20 -3.34 26.85
CA LEU A 318 26.52 -3.77 26.37
C LEU A 318 26.48 -5.25 25.98
N ARG A 319 27.53 -5.70 25.31
CA ARG A 319 27.73 -7.11 25.05
C ARG A 319 28.22 -7.78 26.33
N ASN A 320 27.49 -8.80 26.78
CA ASN A 320 27.82 -9.49 28.01
C ASN A 320 29.02 -10.41 27.75
N VAL A 321 30.20 -9.97 28.20
CA VAL A 321 31.41 -10.76 28.07
C VAL A 321 31.93 -11.08 29.48
N PRO A 322 31.62 -12.27 29.99
CA PRO A 322 32.12 -12.65 31.31
C PRO A 322 33.60 -13.06 31.21
N SER A 323 34.41 -12.56 32.13
CA SER A 323 35.85 -12.86 32.16
C SER A 323 36.13 -13.90 33.25
N GLY B 1 31.18 -0.40 12.60
CA GLY B 1 32.30 0.45 13.06
C GLY B 1 32.77 0.02 14.44
N LEU B 2 33.51 -1.09 14.47
CA LEU B 2 34.03 -1.64 15.72
C LEU B 2 35.20 -0.77 16.18
N PHE B 3 35.05 -0.11 17.32
CA PHE B 3 36.05 0.84 17.81
C PHE B 3 37.22 0.16 18.53
N GLY B 4 37.13 -1.15 18.76
CA GLY B 4 38.27 -1.91 19.25
C GLY B 4 38.36 -1.98 20.76
N ALA B 5 37.44 -1.40 21.50
CA ALA B 5 37.54 -1.40 22.97
C ALA B 5 36.88 -2.66 23.55
N ILE B 6 35.58 -2.83 23.33
CA ILE B 6 34.84 -3.94 23.92
C ILE B 6 35.22 -5.23 23.19
N ALA B 7 35.74 -6.19 23.96
CA ALA B 7 36.30 -7.46 23.48
C ALA B 7 37.42 -7.21 22.46
N GLY B 8 38.18 -6.13 22.67
CA GLY B 8 39.31 -5.79 21.83
C GLY B 8 40.60 -5.81 22.62
N PHE B 9 41.17 -4.63 22.86
CA PHE B 9 42.36 -4.58 23.71
C PHE B 9 41.98 -4.72 25.19
N ILE B 10 40.80 -4.22 25.56
CA ILE B 10 40.23 -4.55 26.86
C ILE B 10 39.51 -5.90 26.72
N GLU B 11 39.96 -6.88 27.50
CA GLU B 11 39.62 -8.29 27.24
C GLU B 11 38.18 -8.61 27.65
N GLY B 12 37.84 -8.44 28.93
CA GLY B 12 36.55 -8.91 29.43
C GLY B 12 35.84 -7.87 30.27
N GLY B 13 34.72 -8.29 30.87
CA GLY B 13 33.90 -7.41 31.71
C GLY B 13 34.12 -7.65 33.19
N TRP B 14 33.44 -6.84 33.99
CA TRP B 14 33.52 -6.91 35.44
C TRP B 14 32.18 -7.30 36.03
N THR B 15 32.18 -8.38 36.80
CA THR B 15 30.98 -8.84 37.49
C THR B 15 30.79 -8.04 38.77
N GLY B 16 31.89 -7.76 39.47
CA GLY B 16 31.86 -7.08 40.78
C GLY B 16 31.37 -5.64 40.72
N MET B 17 31.50 -5.01 39.56
CA MET B 17 30.99 -3.66 39.37
C MET B 17 29.46 -3.70 39.29
N ILE B 18 28.79 -2.84 40.06
CA ILE B 18 27.34 -2.96 40.27
C ILE B 18 26.60 -1.73 39.74
N ASP B 19 27.10 -0.53 40.04
CA ASP B 19 26.30 0.69 39.93
C ASP B 19 26.09 1.10 38.47
N GLY B 20 27.17 1.43 37.76
CA GLY B 20 27.07 2.00 36.42
C GLY B 20 27.50 1.03 35.34
N TRP B 21 27.67 1.58 34.13
CA TRP B 21 28.14 0.82 32.98
C TRP B 21 29.64 0.96 32.77
N TYR B 22 30.21 2.11 33.11
CA TYR B 22 31.61 2.38 32.85
C TYR B 22 32.26 2.91 34.12
N GLY B 23 33.38 2.32 34.52
CA GLY B 23 33.99 2.72 35.78
C GLY B 23 35.48 2.43 35.83
N TYR B 24 36.01 2.49 37.04
CA TYR B 24 37.44 2.33 37.28
C TYR B 24 37.68 1.26 38.34
N HIS B 25 38.96 0.94 38.52
CA HIS B 25 39.39 0.00 39.55
C HIS B 25 40.76 0.45 40.07
N HIS B 26 40.76 1.06 41.25
CA HIS B 26 41.97 1.65 41.82
C HIS B 26 42.61 0.68 42.82
N GLN B 27 43.94 0.61 42.81
CA GLN B 27 44.68 -0.41 43.55
C GLN B 27 45.88 0.24 44.26
N ASN B 28 45.61 1.28 45.04
CA ASN B 28 46.66 1.95 45.83
C ASN B 28 46.90 1.17 47.13
N GLU B 29 47.52 1.84 48.11
CA GLU B 29 48.02 1.21 49.33
C GLU B 29 46.87 0.61 50.17
N GLN B 30 45.76 1.33 50.28
CA GLN B 30 44.62 0.83 51.06
C GLN B 30 43.45 0.54 50.11
N GLY B 31 42.84 -0.62 50.30
CA GLY B 31 41.60 -1.00 49.63
C GLY B 31 41.79 -1.34 48.15
N SER B 32 40.67 -1.72 47.53
CA SER B 32 40.60 -2.00 46.12
C SER B 32 39.57 -1.07 45.47
N GLY B 33 39.28 -1.28 44.20
CA GLY B 33 38.52 -0.28 43.43
C GLY B 33 37.06 -0.62 43.24
N TYR B 34 36.68 -0.81 41.98
CA TYR B 34 35.30 -0.99 41.51
C TYR B 34 34.42 0.20 41.91
N ALA B 35 34.77 1.36 41.35
CA ALA B 35 33.97 2.57 41.48
C ALA B 35 33.49 2.99 40.08
N ALA B 36 32.19 3.24 39.97
CA ALA B 36 31.57 3.61 38.71
C ALA B 36 31.90 5.07 38.35
N ASP B 37 31.55 5.45 37.14
CA ASP B 37 31.71 6.80 36.65
C ASP B 37 30.34 7.35 36.26
N GLN B 38 29.73 8.10 37.18
CA GLN B 38 28.32 8.49 37.06
C GLN B 38 28.12 9.65 36.08
N LYS B 39 29.18 10.14 35.45
CA LYS B 39 29.06 11.28 34.53
C LYS B 39 28.91 10.79 33.09
N SER B 40 29.68 9.79 32.68
CA SER B 40 29.64 9.29 31.31
C SER B 40 28.51 8.27 31.10
N THR B 41 28.04 7.65 32.17
CA THR B 41 26.95 6.68 32.04
C THR B 41 25.59 7.38 31.96
N GLN B 42 25.49 8.59 32.49
CA GLN B 42 24.21 9.30 32.52
C GLN B 42 23.82 9.75 31.11
N ASN B 43 24.81 10.22 30.35
CA ASN B 43 24.61 10.59 28.96
C ASN B 43 24.18 9.38 28.12
N ALA B 44 24.75 8.22 28.43
CA ALA B 44 24.40 6.98 27.73
C ALA B 44 22.95 6.59 28.05
N ILE B 45 22.55 6.69 29.31
CA ILE B 45 21.18 6.35 29.72
C ILE B 45 20.19 7.30 29.04
N ASP B 46 20.51 8.59 28.99
CA ASP B 46 19.63 9.58 28.36
C ASP B 46 19.52 9.34 26.85
N GLY B 47 20.63 8.99 26.21
CA GLY B 47 20.64 8.72 24.77
C GLY B 47 19.81 7.50 24.41
N ILE B 48 19.98 6.42 25.17
CA ILE B 48 19.25 5.19 24.90
C ILE B 48 17.76 5.38 25.22
N THR B 49 17.45 6.16 26.25
CA THR B 49 16.06 6.42 26.63
C THR B 49 15.35 7.21 25.52
N SER B 50 15.99 8.28 25.04
CA SER B 50 15.43 9.08 23.96
C SER B 50 15.43 8.31 22.64
N LYS B 51 16.23 7.26 22.52
CA LYS B 51 16.21 6.42 21.32
C LYS B 51 14.98 5.51 21.33
N VAL B 52 14.75 4.83 22.45
CA VAL B 52 13.65 3.87 22.58
C VAL B 52 12.31 4.61 22.51
N ASN B 53 12.21 5.76 23.19
CA ASN B 53 10.98 6.55 23.16
C ASN B 53 10.66 7.05 21.76
N SER B 54 11.69 7.40 20.98
CA SER B 54 11.50 7.86 19.61
C SER B 54 11.03 6.71 18.71
N VAL B 55 11.57 5.51 18.94
CA VAL B 55 11.17 4.34 18.17
C VAL B 55 9.69 4.00 18.45
N ILE B 56 9.28 4.13 19.71
CA ILE B 56 7.87 3.92 20.08
C ILE B 56 7.01 5.03 19.45
N GLU B 57 7.52 6.26 19.41
CA GLU B 57 6.74 7.41 18.97
C GLU B 57 6.46 7.36 17.46
N LYS B 58 7.43 6.91 16.67
CA LYS B 58 7.30 6.95 15.20
C LYS B 58 6.26 5.94 14.69
N MET B 59 6.00 4.90 15.46
CA MET B 59 4.93 3.98 15.11
C MET B 59 3.58 4.52 15.63
N ASN B 60 2.51 4.08 14.97
CA ASN B 60 1.17 4.48 15.35
C ASN B 60 0.40 3.28 15.90
N THR B 61 -0.87 3.49 16.22
CA THR B 61 -1.75 2.45 16.70
C THR B 61 -2.95 2.32 15.75
N GLN B 62 -3.21 1.11 15.30
CA GLN B 62 -4.31 0.87 14.38
C GLN B 62 -5.64 0.91 15.13
N PHE B 63 -6.66 1.40 14.44
CA PHE B 63 -8.01 1.40 14.96
C PHE B 63 -8.76 0.15 14.48
N THR B 64 -10.08 0.20 14.51
CA THR B 64 -10.90 -0.98 14.24
C THR B 64 -10.79 -1.40 12.78
N ALA B 65 -10.21 -2.58 12.56
CA ALA B 65 -10.08 -3.17 11.25
C ALA B 65 -10.89 -4.47 11.23
N VAL B 66 -12.09 -4.40 10.67
CA VAL B 66 -13.02 -5.52 10.65
C VAL B 66 -13.17 -5.98 9.19
N GLY B 67 -13.19 -7.30 9.00
CA GLY B 67 -13.32 -7.91 7.68
C GLY B 67 -14.67 -7.63 7.04
N LYS B 68 -14.69 -7.58 5.72
CA LYS B 68 -15.89 -7.28 4.96
C LYS B 68 -16.45 -8.58 4.36
N GLU B 69 -17.61 -8.48 3.72
CA GLU B 69 -18.29 -9.65 3.17
C GLU B 69 -18.64 -9.38 1.70
N PHE B 70 -18.55 -10.43 0.89
CA PHE B 70 -18.87 -10.35 -0.53
C PHE B 70 -19.63 -11.61 -0.96
N ASN B 71 -20.48 -11.46 -1.96
CA ASN B 71 -21.23 -12.58 -2.51
C ASN B 71 -20.42 -13.24 -3.63
N ASN B 72 -21.07 -14.09 -4.43
CA ASN B 72 -20.36 -14.93 -5.40
C ASN B 72 -20.32 -14.29 -6.79
N LEU B 73 -20.59 -13.00 -6.89
CA LEU B 73 -20.42 -12.28 -8.16
C LEU B 73 -19.57 -11.01 -7.95
N GLU B 74 -18.82 -10.97 -6.85
CA GLU B 74 -17.93 -9.85 -6.56
C GLU B 74 -16.55 -10.40 -6.19
N ARG B 75 -16.07 -11.33 -7.02
CA ARG B 75 -14.81 -12.00 -6.75
C ARG B 75 -13.62 -11.05 -6.96
N ARG B 76 -13.74 -10.16 -7.94
CA ARG B 76 -12.67 -9.23 -8.28
C ARG B 76 -12.39 -8.26 -7.12
N ILE B 77 -13.46 -7.76 -6.50
CA ILE B 77 -13.34 -6.82 -5.39
C ILE B 77 -12.75 -7.54 -4.17
N GLU B 78 -13.12 -8.80 -3.97
CA GLU B 78 -12.61 -9.58 -2.84
C GLU B 78 -11.11 -9.85 -2.99
N ASN B 79 -10.68 -10.21 -4.21
CA ASN B 79 -9.27 -10.43 -4.48
C ASN B 79 -8.48 -9.12 -4.32
N LEU B 80 -9.09 -8.00 -4.72
CA LEU B 80 -8.45 -6.69 -4.59
C LEU B 80 -8.25 -6.35 -3.10
N ASN B 81 -9.26 -6.62 -2.29
CA ASN B 81 -9.22 -6.35 -0.86
C ASN B 81 -8.12 -7.20 -0.18
N LYS B 82 -8.08 -8.49 -0.53
CA LYS B 82 -7.09 -9.40 0.03
C LYS B 82 -5.66 -8.95 -0.37
N LYS B 83 -5.52 -8.47 -1.61
CA LYS B 83 -4.23 -7.99 -2.10
C LYS B 83 -3.77 -6.77 -1.31
N VAL B 84 -4.69 -5.83 -1.05
CA VAL B 84 -4.37 -4.61 -0.31
C VAL B 84 -3.90 -4.96 1.11
N ASP B 85 -4.64 -5.84 1.78
CA ASP B 85 -4.32 -6.21 3.16
C ASP B 85 -2.96 -6.93 3.25
N ASP B 86 -2.72 -7.88 2.35
CA ASP B 86 -1.46 -8.63 2.37
C ASP B 86 -0.27 -7.72 2.06
N GLY B 87 -0.46 -6.77 1.14
CA GLY B 87 0.59 -5.83 0.78
C GLY B 87 1.00 -4.96 1.96
N PHE B 88 0.02 -4.38 2.64
CA PHE B 88 0.32 -3.50 3.77
C PHE B 88 0.96 -4.27 4.93
N LEU B 89 0.51 -5.50 5.15
CA LEU B 89 1.06 -6.33 6.23
C LEU B 89 2.54 -6.62 5.94
N ASP B 90 2.87 -6.95 4.69
CA ASP B 90 4.26 -7.25 4.31
C ASP B 90 5.15 -6.02 4.46
N VAL B 91 4.64 -4.86 4.05
CA VAL B 91 5.41 -3.61 4.13
C VAL B 91 5.74 -3.29 5.60
N TRP B 92 4.76 -3.44 6.50
CA TRP B 92 5.00 -3.07 7.89
C TRP B 92 5.93 -4.07 8.60
N THR B 93 5.80 -5.36 8.29
CA THR B 93 6.69 -6.34 8.94
C THR B 93 8.14 -6.15 8.46
N TYR B 94 8.32 -5.79 7.19
CA TYR B 94 9.64 -5.49 6.65
C TYR B 94 10.26 -4.29 7.38
N ASN B 95 9.49 -3.21 7.52
CA ASN B 95 9.96 -1.99 8.18
C ASN B 95 10.38 -2.29 9.62
N ALA B 96 9.56 -3.06 10.34
CA ALA B 96 9.81 -3.34 11.76
C ALA B 96 11.12 -4.14 11.94
N GLU B 97 11.29 -5.21 11.17
CA GLU B 97 12.45 -6.09 11.33
C GLU B 97 13.73 -5.35 10.96
N LEU B 98 13.68 -4.58 9.86
CA LEU B 98 14.86 -3.86 9.36
C LEU B 98 15.28 -2.79 10.38
N LEU B 99 14.30 -2.09 10.96
CA LEU B 99 14.58 -1.03 11.95
C LEU B 99 15.26 -1.63 13.19
N VAL B 100 14.78 -2.78 13.64
CA VAL B 100 15.33 -3.42 14.84
C VAL B 100 16.79 -3.83 14.60
N LEU B 101 17.09 -4.40 13.44
CA LEU B 101 18.45 -4.87 13.14
C LEU B 101 19.44 -3.69 13.11
N LEU B 102 19.09 -2.63 12.40
CA LEU B 102 20.01 -1.50 12.27
C LEU B 102 20.19 -0.77 13.59
N GLU B 103 19.13 -0.70 14.39
CA GLU B 103 19.21 -0.03 15.69
C GLU B 103 20.12 -0.82 16.64
N ASN B 104 20.09 -2.15 16.57
CA ASN B 104 20.96 -2.98 17.42
C ASN B 104 22.44 -2.77 17.07
N GLU B 105 22.76 -2.73 15.77
CA GLU B 105 24.11 -2.42 15.31
C GLU B 105 24.59 -1.09 15.91
N ARG B 106 23.77 -0.05 15.78
CA ARG B 106 24.22 1.29 16.15
C ARG B 106 24.37 1.42 17.67
N THR B 107 23.54 0.74 18.45
CA THR B 107 23.67 0.87 19.91
C THR B 107 24.91 0.12 20.42
N LEU B 108 25.26 -1.02 19.82
CA LEU B 108 26.49 -1.70 20.25
C LEU B 108 27.72 -0.86 19.91
N ASP B 109 27.73 -0.24 18.73
CA ASP B 109 28.82 0.65 18.35
C ASP B 109 28.88 1.89 19.26
N PHE B 110 27.73 2.32 19.76
CA PHE B 110 27.66 3.46 20.66
C PHE B 110 28.37 3.15 22.00
N HIS B 111 28.12 1.96 22.55
CA HIS B 111 28.78 1.59 23.80
C HIS B 111 30.30 1.43 23.60
N ASP B 112 30.70 0.87 22.45
CA ASP B 112 32.10 0.70 22.12
C ASP B 112 32.82 2.06 22.06
N SER B 113 32.18 3.03 21.40
CA SER B 113 32.72 4.38 21.28
C SER B 113 32.85 5.05 22.66
N ASN B 114 31.89 4.82 23.54
CA ASN B 114 31.94 5.40 24.89
C ASN B 114 33.16 4.89 25.67
N VAL B 115 33.43 3.60 25.60
CA VAL B 115 34.55 3.00 26.34
C VAL B 115 35.88 3.52 25.80
N ARG B 116 36.00 3.61 24.48
CA ARG B 116 37.25 4.10 23.88
C ARG B 116 37.47 5.57 24.25
N ASN B 117 36.41 6.37 24.26
CA ASN B 117 36.50 7.78 24.60
C ASN B 117 36.93 7.97 26.05
N LEU B 118 36.43 7.12 26.96
CA LEU B 118 36.77 7.23 28.38
C LEU B 118 38.26 6.88 28.58
N TYR B 119 38.74 5.87 27.86
CA TYR B 119 40.14 5.47 27.93
C TYR B 119 41.05 6.61 27.45
N GLU B 120 40.68 7.23 26.32
CA GLU B 120 41.44 8.34 25.76
C GLU B 120 41.42 9.54 26.71
N LYS B 121 40.31 9.74 27.42
CA LYS B 121 40.17 10.86 28.34
C LYS B 121 41.11 10.69 29.54
N VAL B 122 41.29 9.46 30.00
CA VAL B 122 42.23 9.20 31.09
C VAL B 122 43.67 9.42 30.59
N LYS B 123 43.98 8.86 29.42
CA LYS B 123 45.35 8.90 28.88
C LYS B 123 45.77 10.34 28.56
N SER B 124 44.81 11.19 28.17
CA SER B 124 45.10 12.56 27.77
C SER B 124 45.57 13.40 28.97
N GLN B 125 45.04 13.11 30.16
CA GLN B 125 45.41 13.89 31.33
C GLN B 125 46.56 13.22 32.09
N LEU B 126 46.81 11.95 31.85
CA LEU B 126 48.07 11.37 32.34
C LEU B 126 49.12 11.41 31.21
N ARG B 127 49.89 12.49 31.18
CA ARG B 127 50.70 12.87 30.00
C ARG B 127 51.83 11.86 29.72
N ASN B 128 52.83 11.79 30.60
CA ASN B 128 54.00 10.96 30.36
C ASN B 128 54.28 10.04 31.56
N ASN B 129 53.34 9.94 32.48
CA ASN B 129 53.51 9.05 33.63
C ASN B 129 52.90 7.68 33.31
N ALA B 130 53.07 6.74 34.25
CA ALA B 130 52.15 5.62 34.47
C ALA B 130 52.26 4.50 33.44
N LYS B 131 53.00 4.70 32.34
CA LYS B 131 53.46 3.66 31.37
C LYS B 131 52.40 2.60 31.03
N GLU B 132 51.39 3.00 30.25
CA GLU B 132 50.19 2.20 30.00
C GLU B 132 50.52 0.81 29.45
N ILE B 133 49.90 -0.21 30.04
CA ILE B 133 50.23 -1.61 29.74
C ILE B 133 48.96 -2.44 29.64
N GLY B 134 48.92 -3.33 28.65
CA GLY B 134 47.92 -4.40 28.55
C GLY B 134 46.52 -3.91 28.28
N ASN B 135 45.57 -4.38 29.08
CA ASN B 135 44.15 -4.14 28.85
C ASN B 135 43.71 -2.89 29.62
N GLY B 136 44.24 -1.74 29.21
CA GLY B 136 43.83 -0.45 29.73
C GLY B 136 44.20 -0.25 31.20
N CYS B 137 45.48 -0.37 31.52
CA CYS B 137 45.94 -0.21 32.89
C CYS B 137 47.17 0.70 32.90
N PHE B 138 47.39 1.35 34.04
CA PHE B 138 48.47 2.31 34.22
C PHE B 138 49.35 1.87 35.38
N GLU B 139 50.36 2.66 35.74
CA GLU B 139 51.32 2.21 36.77
C GLU B 139 51.60 3.25 37.85
N PHE B 140 51.52 4.55 37.54
CA PHE B 140 51.81 5.64 38.48
C PHE B 140 53.21 5.53 39.07
N TYR B 141 54.18 6.01 38.29
CA TYR B 141 55.56 6.26 38.73
C TYR B 141 55.63 6.92 40.12
N HIS B 142 54.88 8.00 40.31
CA HIS B 142 54.78 8.61 41.62
C HIS B 142 53.76 7.85 42.46
N LYS B 143 53.97 7.83 43.76
CA LYS B 143 53.05 7.18 44.69
C LYS B 143 52.06 8.21 45.24
N CYS B 144 50.78 7.88 45.15
CA CYS B 144 49.76 8.79 45.64
C CYS B 144 48.59 8.01 46.25
N ASP B 145 47.89 8.68 47.15
CA ASP B 145 46.83 8.12 47.99
C ASP B 145 45.50 8.04 47.21
N ASP B 146 44.42 7.91 47.95
CA ASP B 146 43.06 7.88 47.40
C ASP B 146 42.67 9.26 46.85
N GLU B 147 43.34 10.31 47.29
CA GLU B 147 43.00 11.67 46.84
C GLU B 147 43.36 11.86 45.36
N CYS B 148 44.53 11.37 44.92
CA CYS B 148 44.89 11.49 43.51
C CYS B 148 43.98 10.58 42.66
N MET B 149 43.56 9.45 43.24
CA MET B 149 42.61 8.54 42.59
C MET B 149 41.30 9.28 42.32
N GLU B 150 40.76 9.94 43.35
CA GLU B 150 39.50 10.66 43.23
C GLU B 150 39.66 11.87 42.30
N SER B 151 40.88 12.42 42.27
CA SER B 151 41.22 13.52 41.37
C SER B 151 41.10 13.07 39.90
N VAL B 152 41.73 11.94 39.58
CA VAL B 152 41.65 11.35 38.24
C VAL B 152 40.19 11.01 37.90
N LYS B 153 39.44 10.54 38.88
CA LYS B 153 38.04 10.20 38.64
C LYS B 153 37.19 11.46 38.41
N ASN B 154 37.67 12.63 38.79
CA ASN B 154 36.91 13.87 38.62
C ASN B 154 37.17 14.47 37.23
N GLY B 155 38.43 14.44 36.80
CA GLY B 155 38.84 15.00 35.52
C GLY B 155 39.84 16.13 35.69
N THR B 156 40.34 16.29 36.91
CA THR B 156 41.36 17.29 37.22
C THR B 156 42.55 16.57 37.86
N TYR B 157 43.77 16.90 37.45
CA TYR B 157 44.89 16.07 37.89
C TYR B 157 46.05 16.91 38.46
N ASP B 158 46.09 18.20 38.12
CA ASP B 158 47.20 19.15 38.40
C ASP B 158 48.58 18.51 38.25
N TYR B 159 48.86 18.09 37.02
CA TYR B 159 50.10 17.41 36.59
C TYR B 159 51.42 18.07 37.06
N PRO B 160 51.54 19.42 37.10
CA PRO B 160 52.81 19.97 37.61
C PRO B 160 53.08 19.73 39.11
N LYS B 161 52.11 19.22 39.86
CA LYS B 161 52.34 18.91 41.26
C LYS B 161 53.19 17.63 41.39
N TYR B 162 52.96 16.67 40.50
CA TYR B 162 53.61 15.37 40.59
C TYR B 162 54.65 15.16 39.49
N SER B 163 55.13 16.22 38.86
CA SER B 163 55.94 16.09 37.64
C SER B 163 57.38 15.62 37.95
N GLU B 164 58.05 16.32 38.86
CA GLU B 164 59.51 16.17 38.98
C GLU B 164 59.87 14.85 39.67
N GLU B 165 59.04 14.41 40.61
CA GLU B 165 59.30 13.16 41.34
C GLU B 165 59.10 11.96 40.40
N SER B 166 58.05 12.02 39.59
CA SER B 166 57.78 10.99 38.59
C SER B 166 58.87 11.00 37.50
N LYS B 167 59.38 12.19 37.18
CA LYS B 167 60.46 12.33 36.19
C LYS B 167 61.73 11.66 36.72
N LEU B 168 62.05 11.90 37.98
CA LEU B 168 63.23 11.31 38.64
C LEU B 168 63.08 9.78 38.69
N ASN B 169 61.87 9.30 38.99
CA ASN B 169 61.63 7.88 39.09
C ASN B 169 61.72 7.20 37.72
N ARG B 170 61.15 7.84 36.70
CA ARG B 170 61.21 7.34 35.32
C ARG B 170 62.66 7.31 34.84
N GLU B 171 63.46 8.28 35.24
CA GLU B 171 64.86 8.33 34.82
C GLU B 171 65.68 7.24 35.53
N GLU B 172 65.42 7.03 36.81
CA GLU B 172 66.21 6.08 37.60
C GLU B 172 65.84 4.63 37.26
N ILE B 173 64.64 4.42 36.73
CA ILE B 173 64.30 3.10 36.18
C ILE B 173 65.15 2.84 34.94
N GLY C 1 31.65 7.46 8.57
CA GLY C 1 32.67 7.31 9.64
C GLY C 1 33.98 6.78 9.07
N LEU C 2 34.71 7.66 8.39
CA LEU C 2 35.98 7.30 7.77
C LEU C 2 37.03 7.17 8.87
N PHE C 3 37.56 5.98 9.05
CA PHE C 3 38.49 5.70 10.15
C PHE C 3 39.94 6.10 9.82
N GLY C 4 40.20 6.51 8.58
CA GLY C 4 41.48 7.13 8.23
C GLY C 4 42.53 6.13 7.78
N ALA C 5 42.22 4.84 7.71
CA ALA C 5 43.24 3.86 7.32
C ALA C 5 43.30 3.69 5.80
N ILE C 6 42.19 3.25 5.20
CA ILE C 6 42.17 2.98 3.76
C ILE C 6 42.17 4.31 3.01
N ALA C 7 43.18 4.47 2.14
CA ALA C 7 43.48 5.71 1.41
C ALA C 7 43.63 6.90 2.37
N GLY C 8 44.19 6.62 3.55
CA GLY C 8 44.45 7.65 4.54
C GLY C 8 45.94 7.77 4.82
N PHE C 9 46.36 7.34 6.01
CA PHE C 9 47.80 7.33 6.29
C PHE C 9 48.47 6.15 5.60
N ILE C 10 47.76 5.03 5.44
CA ILE C 10 48.20 3.96 4.56
C ILE C 10 47.77 4.33 3.14
N GLU C 11 48.73 4.47 2.24
CA GLU C 11 48.52 5.15 0.95
C GLU C 11 47.73 4.26 -0.02
N GLY C 12 48.28 3.09 -0.37
CA GLY C 12 47.69 2.28 -1.43
C GLY C 12 47.55 0.82 -1.07
N GLY C 13 47.15 0.02 -2.05
CA GLY C 13 46.95 -1.42 -1.85
C GLY C 13 48.10 -2.25 -2.39
N TRP C 14 47.98 -3.56 -2.18
CA TRP C 14 48.99 -4.50 -2.61
C TRP C 14 48.42 -5.45 -3.67
N THR C 15 49.06 -5.48 -4.83
CA THR C 15 48.65 -6.38 -5.90
C THR C 15 49.22 -7.78 -5.65
N GLY C 16 50.46 -7.84 -5.16
CA GLY C 16 51.19 -9.10 -4.95
C GLY C 16 50.59 -9.99 -3.88
N MET C 17 49.84 -9.40 -2.95
CA MET C 17 49.17 -10.17 -1.93
C MET C 17 47.97 -10.88 -2.56
N ILE C 18 47.83 -12.18 -2.30
CA ILE C 18 46.89 -13.03 -3.04
C ILE C 18 45.82 -13.62 -2.11
N ASP C 19 46.23 -14.14 -0.96
CA ASP C 19 45.38 -15.05 -0.18
C ASP C 19 44.23 -14.31 0.50
N GLY C 20 44.55 -13.40 1.43
CA GLY C 20 43.54 -12.77 2.26
C GLY C 20 43.29 -11.33 1.90
N TRP C 21 42.56 -10.63 2.79
CA TRP C 21 42.27 -9.21 2.64
C TRP C 21 43.27 -8.35 3.42
N TYR C 22 43.75 -8.85 4.55
CA TYR C 22 44.61 -8.05 5.44
C TYR C 22 45.83 -8.87 5.79
N GLY C 23 47.01 -8.29 5.62
CA GLY C 23 48.23 -9.05 5.86
C GLY C 23 49.42 -8.18 6.18
N TYR C 24 50.60 -8.79 6.11
CA TYR C 24 51.85 -8.15 6.48
C TYR C 24 52.86 -8.26 5.33
N HIS C 25 53.99 -7.58 5.52
CA HIS C 25 55.09 -7.65 4.59
C HIS C 25 56.40 -7.52 5.37
N HIS C 26 57.08 -8.65 5.58
CA HIS C 26 58.28 -8.70 6.42
C HIS C 26 59.54 -8.62 5.54
N GLN C 27 60.54 -7.89 6.03
CA GLN C 27 61.72 -7.55 5.22
C GLN C 27 62.98 -7.74 6.07
N ASN C 28 63.13 -8.93 6.65
CA ASN C 28 64.34 -9.26 7.42
C ASN C 28 65.48 -9.69 6.47
N GLU C 29 66.47 -10.39 7.02
CA GLU C 29 67.72 -10.70 6.31
C GLU C 29 67.47 -11.60 5.10
N GLN C 30 66.62 -12.61 5.25
CA GLN C 30 66.32 -13.51 4.13
C GLN C 30 64.87 -13.30 3.68
N GLY C 31 64.69 -13.22 2.37
CA GLY C 31 63.37 -13.20 1.74
C GLY C 31 62.62 -11.90 1.94
N SER C 32 61.44 -11.85 1.33
CA SER C 32 60.50 -10.75 1.46
C SER C 32 59.19 -11.27 2.04
N GLY C 33 58.18 -10.41 2.11
CA GLY C 33 56.98 -10.72 2.89
C GLY C 33 55.80 -11.20 2.06
N TYR C 34 54.74 -10.40 2.10
CA TYR C 34 53.42 -10.69 1.52
C TYR C 34 52.85 -12.00 2.09
N ALA C 35 52.59 -11.96 3.40
CA ALA C 35 51.91 -13.04 4.09
C ALA C 35 50.59 -12.51 4.66
N ALA C 36 49.50 -13.22 4.39
CA ALA C 36 48.16 -12.82 4.82
C ALA C 36 47.99 -13.08 6.32
N ASP C 37 46.89 -12.57 6.86
CA ASP C 37 46.51 -12.79 8.24
C ASP C 37 45.14 -13.49 8.28
N GLN C 38 45.18 -14.81 8.43
CA GLN C 38 43.99 -15.65 8.23
C GLN C 38 43.05 -15.60 9.45
N LYS C 39 43.38 -14.84 10.47
CA LYS C 39 42.54 -14.78 11.68
C LYS C 39 41.56 -13.60 11.61
N SER C 40 42.02 -12.43 11.15
CA SER C 40 41.17 -11.24 11.10
C SER C 40 40.33 -11.21 9.82
N THR C 41 40.75 -11.92 8.77
CA THR C 41 39.98 -11.92 7.53
C THR C 41 38.80 -12.91 7.61
N GLN C 42 38.89 -13.92 8.48
CA GLN C 42 37.85 -14.93 8.58
C GLN C 42 36.59 -14.35 9.22
N ASN C 43 36.79 -13.50 10.23
CA ASN C 43 35.69 -12.80 10.88
C ASN C 43 35.00 -11.85 9.88
N ALA C 44 35.79 -11.22 9.01
CA ALA C 44 35.24 -10.33 7.99
C ALA C 44 34.41 -11.12 6.98
N ILE C 45 34.91 -12.29 6.55
CA ILE C 45 34.19 -13.13 5.59
C ILE C 45 32.86 -13.60 6.21
N ASP C 46 32.90 -14.01 7.48
CA ASP C 46 31.69 -14.48 8.17
C ASP C 46 30.68 -13.36 8.33
N GLY C 47 31.15 -12.15 8.67
CA GLY C 47 30.27 -10.99 8.84
C GLY C 47 29.58 -10.60 7.55
N ILE C 48 30.35 -10.54 6.46
CA ILE C 48 29.80 -10.15 5.17
C ILE C 48 28.85 -11.25 4.64
N THR C 49 29.17 -12.50 4.91
CA THR C 49 28.33 -13.61 4.48
C THR C 49 26.97 -13.56 5.20
N SER C 50 27.00 -13.41 6.51
CA SER C 50 25.77 -13.30 7.30
C SER C 50 25.03 -11.99 7.00
N LYS C 51 25.70 -10.99 6.44
CA LYS C 51 25.03 -9.75 6.04
C LYS C 51 24.24 -9.98 4.74
N VAL C 52 24.87 -10.57 3.75
CA VAL C 52 24.26 -10.80 2.44
C VAL C 52 23.10 -11.79 2.56
N ASN C 53 23.30 -12.85 3.34
CA ASN C 53 22.25 -13.86 3.54
C ASN C 53 21.04 -13.25 4.24
N SER C 54 21.27 -12.34 5.17
CA SER C 54 20.18 -11.67 5.89
C SER C 54 19.41 -10.74 4.95
N VAL C 55 20.12 -10.06 4.06
CA VAL C 55 19.49 -9.16 3.10
C VAL C 55 18.62 -9.97 2.13
N ILE C 56 19.09 -11.14 1.72
CA ILE C 56 18.29 -12.03 0.87
C ILE C 56 17.09 -12.56 1.66
N GLU C 57 17.27 -12.84 2.95
CA GLU C 57 16.24 -13.49 3.77
C GLU C 57 15.07 -12.52 4.04
N LYS C 58 15.36 -11.24 4.26
CA LYS C 58 14.31 -10.29 4.65
C LYS C 58 13.33 -9.99 3.51
N MET C 59 13.78 -10.18 2.27
CA MET C 59 12.87 -10.06 1.14
C MET C 59 12.11 -11.37 0.93
N ASN C 60 10.95 -11.27 0.30
CA ASN C 60 10.12 -12.43 0.01
C ASN C 60 10.06 -12.64 -1.50
N THR C 61 9.28 -13.63 -1.91
CA THR C 61 9.07 -13.94 -3.33
C THR C 61 7.58 -13.83 -3.63
N GLN C 62 7.25 -13.07 -4.68
CA GLN C 62 5.87 -12.88 -5.06
C GLN C 62 5.34 -14.13 -5.76
N PHE C 63 4.06 -14.39 -5.57
CA PHE C 63 3.38 -15.48 -6.25
C PHE C 63 2.67 -14.93 -7.49
N THR C 64 1.68 -15.66 -7.99
CA THR C 64 1.04 -15.34 -9.26
C THR C 64 0.26 -14.04 -9.17
N ALA C 65 0.72 -13.04 -9.90
CA ALA C 65 0.07 -11.74 -10.00
C ALA C 65 -0.38 -11.53 -11.45
N VAL C 66 -1.65 -11.80 -11.70
CA VAL C 66 -2.22 -11.74 -13.05
C VAL C 66 -3.19 -10.57 -13.11
N GLY C 67 -3.15 -9.82 -14.20
CA GLY C 67 -4.02 -8.65 -14.41
C GLY C 67 -5.48 -9.04 -14.53
N LYS C 68 -6.35 -8.13 -14.12
CA LYS C 68 -7.79 -8.36 -14.13
C LYS C 68 -8.42 -7.61 -15.31
N GLU C 69 -9.71 -7.81 -15.51
CA GLU C 69 -10.42 -7.22 -16.64
C GLU C 69 -11.67 -6.49 -16.14
N PHE C 70 -11.98 -5.37 -16.79
CA PHE C 70 -13.14 -4.55 -16.44
C PHE C 70 -13.80 -4.04 -17.72
N ASN C 71 -15.11 -3.86 -17.66
CA ASN C 71 -15.88 -3.32 -18.77
C ASN C 71 -15.89 -1.78 -18.71
N ASN C 72 -16.77 -1.15 -19.48
CA ASN C 72 -16.76 0.30 -19.65
C ASN C 72 -17.71 1.01 -18.68
N LEU C 73 -18.16 0.33 -17.63
CA LEU C 73 -18.94 0.97 -16.57
C LEU C 73 -18.33 0.69 -15.20
N GLU C 74 -17.07 0.26 -15.17
CA GLU C 74 -16.37 0.00 -13.92
C GLU C 74 -15.03 0.71 -13.95
N ARG C 75 -15.05 1.98 -14.33
CA ARG C 75 -13.83 2.77 -14.49
C ARG C 75 -13.22 3.09 -13.12
N ARG C 76 -14.06 3.29 -12.12
CA ARG C 76 -13.59 3.66 -10.77
C ARG C 76 -12.77 2.52 -10.16
N ILE C 77 -13.24 1.29 -10.31
CA ILE C 77 -12.57 0.12 -9.77
C ILE C 77 -11.25 -0.10 -10.51
N GLU C 78 -11.22 0.16 -11.80
CA GLU C 78 -10.00 -0.01 -12.61
C GLU C 78 -8.93 1.01 -12.19
N ASN C 79 -9.34 2.26 -11.99
CA ASN C 79 -8.42 3.29 -11.54
C ASN C 79 -7.91 2.98 -10.13
N LEU C 80 -8.77 2.42 -9.29
CA LEU C 80 -8.39 2.03 -7.92
C LEU C 80 -7.34 0.91 -7.96
N ASN C 81 -7.54 -0.07 -8.84
CA ASN C 81 -6.61 -1.18 -9.00
C ASN C 81 -5.24 -0.70 -9.50
N LYS C 82 -5.25 0.19 -10.49
CA LYS C 82 -4.02 0.74 -11.04
C LYS C 82 -3.28 1.54 -9.97
N LYS C 83 -4.03 2.28 -9.15
CA LYS C 83 -3.44 3.07 -8.06
C LYS C 83 -2.75 2.16 -7.04
N VAL C 84 -3.40 1.07 -6.67
CA VAL C 84 -2.86 0.13 -5.68
C VAL C 84 -1.55 -0.47 -6.20
N ASP C 85 -1.55 -0.92 -7.46
CA ASP C 85 -0.37 -1.56 -8.04
C ASP C 85 0.81 -0.58 -8.15
N ASP C 86 0.55 0.64 -8.63
CA ASP C 86 1.61 1.63 -8.78
C ASP C 86 2.18 2.04 -7.42
N GLY C 87 1.32 2.15 -6.41
CA GLY C 87 1.76 2.51 -5.07
C GLY C 87 2.70 1.47 -4.48
N PHE C 88 2.32 0.20 -4.57
CA PHE C 88 3.14 -0.86 -3.98
C PHE C 88 4.48 -0.98 -4.73
N LEU C 89 4.45 -0.79 -6.05
CA LEU C 89 5.67 -0.87 -6.86
C LEU C 89 6.65 0.24 -6.44
N ASP C 90 6.14 1.45 -6.24
CA ASP C 90 6.98 2.57 -5.84
C ASP C 90 7.58 2.35 -4.45
N VAL C 91 6.77 1.83 -3.52
CA VAL C 91 7.23 1.58 -2.15
C VAL C 91 8.38 0.56 -2.16
N TRP C 92 8.24 -0.52 -2.94
CA TRP C 92 9.26 -1.56 -2.92
C TRP C 92 10.55 -1.11 -3.62
N THR C 93 10.44 -0.34 -4.70
CA THR C 93 11.67 0.11 -5.37
C THR C 93 12.42 1.13 -4.50
N TYR C 94 11.68 1.95 -3.75
CA TYR C 94 12.30 2.88 -2.80
C TYR C 94 13.06 2.12 -1.71
N ASN C 95 12.43 1.11 -1.12
CA ASN C 95 13.04 0.31 -0.06
C ASN C 95 14.32 -0.37 -0.56
N ALA C 96 14.27 -0.92 -1.77
CA ALA C 96 15.41 -1.67 -2.31
C ALA C 96 16.62 -0.76 -2.53
N GLU C 97 16.41 0.39 -3.19
CA GLU C 97 17.51 1.29 -3.53
C GLU C 97 18.13 1.88 -2.26
N LEU C 98 17.29 2.27 -1.30
CA LEU C 98 17.75 2.90 -0.06
C LEU C 98 18.57 1.89 0.76
N LEU C 99 18.10 0.64 0.81
CA LEU C 99 18.80 -0.42 1.57
C LEU C 99 20.20 -0.67 0.96
N VAL C 100 20.28 -0.70 -0.36
CA VAL C 100 21.56 -0.97 -1.04
C VAL C 100 22.56 0.15 -0.74
N LEU C 101 22.12 1.41 -0.80
CA LEU C 101 23.04 2.55 -0.58
C LEU C 101 23.59 2.53 0.86
N LEU C 102 22.72 2.35 1.84
CA LEU C 102 23.17 2.40 3.23
C LEU C 102 24.05 1.20 3.57
N GLU C 103 23.77 0.05 2.98
CA GLU C 103 24.57 -1.15 3.23
C GLU C 103 25.97 -0.98 2.63
N ASN C 104 26.09 -0.33 1.48
CA ASN C 104 27.40 -0.08 0.87
C ASN C 104 28.26 0.85 1.74
N GLU C 105 27.66 1.92 2.27
CA GLU C 105 28.34 2.80 3.22
C GLU C 105 28.91 1.99 4.40
N ARG C 106 28.07 1.16 5.01
CA ARG C 106 28.45 0.51 6.25
C ARG C 106 29.53 -0.56 6.00
N THR C 107 29.49 -1.22 4.85
CA THR C 107 30.51 -2.25 4.60
C THR C 107 31.88 -1.62 4.30
N LEU C 108 31.91 -0.48 3.63
CA LEU C 108 33.22 0.18 3.40
C LEU C 108 33.81 0.67 4.72
N ASP C 109 32.96 1.22 5.60
CA ASP C 109 33.42 1.64 6.93
C ASP C 109 33.88 0.44 7.76
N PHE C 110 33.27 -0.72 7.54
CA PHE C 110 33.64 -1.95 8.24
C PHE C 110 35.08 -2.37 7.88
N HIS C 111 35.41 -2.33 6.59
CA HIS C 111 36.77 -2.70 6.18
C HIS C 111 37.81 -1.69 6.70
N ASP C 112 37.45 -0.41 6.70
CA ASP C 112 38.31 0.64 7.21
C ASP C 112 38.62 0.41 8.70
N SER C 113 37.59 0.09 9.47
CA SER C 113 37.73 -0.18 10.91
C SER C 113 38.63 -1.41 11.15
N ASN C 114 38.50 -2.44 10.31
CA ASN C 114 39.31 -3.63 10.45
C ASN C 114 40.80 -3.32 10.28
N VAL C 115 41.14 -2.51 9.28
CA VAL C 115 42.54 -2.19 9.00
C VAL C 115 43.13 -1.36 10.14
N ARG C 116 42.37 -0.38 10.64
CA ARG C 116 42.85 0.45 11.74
C ARG C 116 43.06 -0.39 13.01
N ASN C 117 42.14 -1.32 13.27
CA ASN C 117 42.24 -2.18 14.44
C ASN C 117 43.48 -3.09 14.36
N LEU C 118 43.79 -3.58 13.16
CA LEU C 118 44.95 -4.47 13.00
C LEU C 118 46.25 -3.68 13.23
N TYR C 119 46.28 -2.44 12.75
CA TYR C 119 47.44 -1.57 12.95
C TYR C 119 47.65 -1.29 14.44
N GLU C 120 46.57 -0.97 15.14
CA GLU C 120 46.63 -0.70 16.58
C GLU C 120 47.06 -1.96 17.35
N LYS C 121 46.65 -3.13 16.88
CA LYS C 121 46.98 -4.39 17.54
C LYS C 121 48.49 -4.68 17.41
N VAL C 122 49.09 -4.32 16.29
CA VAL C 122 50.54 -4.48 16.14
C VAL C 122 51.27 -3.49 17.04
N LYS C 123 50.83 -2.22 17.02
CA LYS C 123 51.51 -1.15 17.76
C LYS C 123 51.41 -1.39 19.27
N SER C 124 50.33 -2.02 19.73
CA SER C 124 50.10 -2.22 21.16
C SER C 124 51.11 -3.23 21.73
N GLN C 125 51.51 -4.22 20.92
CA GLN C 125 52.44 -5.23 21.43
C GLN C 125 53.89 -4.85 21.09
N LEU C 126 54.10 -3.95 20.15
CA LEU C 126 55.44 -3.37 20.02
C LEU C 126 55.50 -2.05 20.79
N ARG C 127 55.91 -2.12 22.06
CA ARG C 127 55.71 -1.05 23.04
C ARG C 127 56.52 0.22 22.69
N ASN C 128 57.84 0.15 22.80
CA ASN C 128 58.69 1.32 22.61
C ASN C 128 59.79 1.04 21.58
N ASN C 129 59.70 -0.06 20.85
CA ASN C 129 60.68 -0.36 19.82
C ASN C 129 60.21 0.18 18.47
N ALA C 130 61.07 0.05 17.47
CA ALA C 130 60.68 -0.05 16.04
C ALA C 130 60.25 1.28 15.40
N LYS C 131 60.08 2.34 16.19
CA LYS C 131 59.94 3.77 15.74
C LYS C 131 59.07 3.95 14.49
N GLU C 132 57.76 3.79 14.66
CA GLU C 132 56.80 3.72 13.55
C GLU C 132 56.89 4.94 12.63
N ILE C 133 56.94 4.68 11.32
CA ILE C 133 57.19 5.74 10.33
C ILE C 133 56.28 5.54 9.13
N GLY C 134 55.75 6.64 8.61
CA GLY C 134 55.08 6.70 7.30
C GLY C 134 53.77 5.92 7.25
N ASN C 135 53.63 5.09 6.22
CA ASN C 135 52.39 4.40 5.93
C ASN C 135 52.37 3.03 6.62
N GLY C 136 52.35 3.06 7.94
CA GLY C 136 52.21 1.86 8.77
C GLY C 136 53.40 0.92 8.66
N CYS C 137 54.58 1.41 8.99
CA CYS C 137 55.80 0.60 8.92
C CYS C 137 56.60 0.80 10.20
N PHE C 138 57.40 -0.21 10.54
CA PHE C 138 58.20 -0.22 11.76
C PHE C 138 59.67 -0.38 11.40
N GLU C 139 60.56 -0.49 12.39
CA GLU C 139 61.99 -0.51 12.08
C GLU C 139 62.76 -1.62 12.80
N PHE C 140 62.32 -2.05 13.98
CA PHE C 140 62.99 -3.10 14.78
C PHE C 140 64.44 -2.73 15.10
N TYR C 141 64.61 -1.90 16.12
CA TYR C 141 65.90 -1.61 16.77
C TYR C 141 66.74 -2.87 16.96
N HIS C 142 66.15 -3.91 17.55
CA HIS C 142 66.84 -5.18 17.67
C HIS C 142 66.71 -5.96 16.36
N LYS C 143 67.71 -6.77 16.05
CA LYS C 143 67.70 -7.59 14.86
C LYS C 143 67.17 -8.98 15.21
N CYS C 144 66.20 -9.44 14.43
CA CYS C 144 65.61 -10.74 14.67
C CYS C 144 65.23 -11.41 13.35
N ASP C 145 65.18 -12.74 13.40
CA ASP C 145 65.01 -13.61 12.25
C ASP C 145 63.52 -13.73 11.86
N ASP C 146 63.20 -14.75 11.09
CA ASP C 146 61.82 -15.05 10.69
C ASP C 146 60.97 -15.52 11.89
N GLU C 147 61.62 -15.97 12.97
CA GLU C 147 60.90 -16.47 14.13
C GLU C 147 60.18 -15.32 14.86
N CYS C 148 60.84 -14.18 15.02
CA CYS C 148 60.20 -13.03 15.68
C CYS C 148 59.10 -12.48 14.75
N MET C 149 59.31 -12.57 13.44
CA MET C 149 58.30 -12.17 12.45
C MET C 149 57.03 -13.01 12.64
N GLU C 150 57.20 -14.32 12.71
CA GLU C 150 56.07 -15.26 12.87
C GLU C 150 55.44 -15.07 14.25
N SER C 151 56.25 -14.67 15.22
CA SER C 151 55.78 -14.37 16.57
C SER C 151 54.81 -13.19 16.55
N VAL C 152 55.22 -12.09 15.91
CA VAL C 152 54.38 -10.90 15.75
C VAL C 152 53.13 -11.25 14.96
N LYS C 153 53.25 -12.13 13.97
CA LYS C 153 52.09 -12.53 13.19
C LYS C 153 51.12 -13.40 14.00
N ASN C 154 51.57 -13.97 15.11
CA ASN C 154 50.71 -14.83 15.94
C ASN C 154 49.94 -13.98 16.95
N GLY C 155 50.61 -13.00 17.55
CA GLY C 155 50.02 -12.15 18.56
C GLY C 155 50.72 -12.28 19.90
N THR C 156 51.87 -12.97 19.90
CA THR C 156 52.70 -13.12 21.09
C THR C 156 54.11 -12.64 20.76
N TYR C 157 54.72 -11.86 21.65
CA TYR C 157 55.96 -11.20 21.26
C TYR C 157 57.08 -11.40 22.28
N ASP C 158 56.71 -11.74 23.53
CA ASP C 158 57.60 -11.82 24.72
C ASP C 158 58.63 -10.68 24.76
N TYR C 159 58.11 -9.47 24.85
CA TYR C 159 58.86 -8.20 24.88
C TYR C 159 60.07 -8.16 25.85
N PRO C 160 59.99 -8.76 27.06
CA PRO C 160 61.21 -8.72 27.91
C PRO C 160 62.40 -9.54 27.40
N LYS C 161 62.23 -10.33 26.34
CA LYS C 161 63.35 -11.07 25.76
C LYS C 161 64.24 -10.11 24.96
N TYR C 162 63.64 -9.14 24.28
CA TYR C 162 64.37 -8.26 23.38
C TYR C 162 64.47 -6.83 23.93
N SER C 163 64.28 -6.63 25.23
CA SER C 163 64.12 -5.28 25.78
C SER C 163 65.47 -4.54 25.86
N GLU C 164 66.46 -5.16 26.49
CA GLU C 164 67.67 -4.43 26.90
C GLU C 164 68.56 -4.11 25.70
N GLU C 165 68.60 -5.00 24.71
CA GLU C 165 69.43 -4.79 23.53
C GLU C 165 68.85 -3.65 22.68
N SER C 166 67.53 -3.65 22.54
CA SER C 166 66.81 -2.59 21.82
C SER C 166 66.94 -1.26 22.57
N LYS C 167 66.95 -1.33 23.90
CA LYS C 167 67.11 -0.13 24.74
C LYS C 167 68.50 0.47 24.52
N LEU C 168 69.53 -0.38 24.49
CA LEU C 168 70.91 0.05 24.27
C LEU C 168 71.04 0.66 22.87
N ASN C 169 70.39 0.05 21.88
CA ASN C 169 70.48 0.52 20.51
C ASN C 169 69.76 1.87 20.35
N ARG C 170 68.59 1.99 20.96
CA ARG C 170 67.81 3.24 20.95
C ARG C 170 68.60 4.36 21.64
N GLU C 171 69.33 4.02 22.70
CA GLU C 171 70.10 5.04 23.42
C GLU C 171 71.33 5.46 22.60
N GLU C 172 71.99 4.51 21.94
CA GLU C 172 73.23 4.81 21.21
C GLU C 172 72.92 5.54 19.90
N ILE C 173 71.71 5.41 19.39
CA ILE C 173 71.29 6.24 18.26
C ILE C 173 71.15 7.69 18.73
N GLY D 1 28.33 6.88 16.75
CA GLY D 1 29.81 6.72 16.74
C GLY D 1 30.49 8.05 16.97
N LEU D 2 30.49 8.50 18.22
CA LEU D 2 31.09 9.78 18.59
C LEU D 2 32.62 9.59 18.59
N PHE D 3 33.29 10.31 17.70
CA PHE D 3 34.74 10.14 17.54
C PHE D 3 35.55 10.94 18.56
N GLY D 4 34.90 11.76 19.37
CA GLY D 4 35.56 12.39 20.51
C GLY D 4 36.19 13.74 20.20
N ALA D 5 36.10 14.23 18.96
CA ALA D 5 36.76 15.50 18.63
C ALA D 5 35.84 16.68 18.93
N ILE D 6 34.69 16.74 18.28
CA ILE D 6 33.79 17.88 18.43
C ILE D 6 33.11 17.80 19.80
N ALA D 7 33.31 18.86 20.59
CA ALA D 7 32.88 18.97 22.01
C ALA D 7 33.45 17.80 22.83
N GLY D 8 34.66 17.37 22.49
CA GLY D 8 35.35 16.32 23.21
C GLY D 8 36.64 16.85 23.82
N PHE D 9 37.78 16.42 23.29
CA PHE D 9 39.05 16.97 23.77
C PHE D 9 39.27 18.38 23.21
N ILE D 10 38.80 18.63 21.99
CA ILE D 10 38.71 20.00 21.50
C ILE D 10 37.41 20.61 22.03
N GLU D 11 37.55 21.68 22.79
CA GLU D 11 36.46 22.17 23.66
C GLU D 11 35.37 22.87 22.85
N GLY D 12 35.71 23.95 22.15
CA GLY D 12 34.70 24.79 21.51
C GLY D 12 35.04 25.13 20.07
N GLY D 13 34.22 26.00 19.48
CA GLY D 13 34.39 26.43 18.10
C GLY D 13 35.03 27.81 17.99
N TRP D 14 35.25 28.22 16.74
CA TRP D 14 35.87 29.50 16.45
C TRP D 14 34.89 30.39 15.70
N THR D 15 34.63 31.57 16.25
CA THR D 15 33.77 32.55 15.61
C THR D 15 34.55 33.31 14.54
N GLY D 16 35.80 33.65 14.85
CA GLY D 16 36.66 34.47 14.00
C GLY D 16 37.02 33.80 12.67
N MET D 17 36.98 32.48 12.63
CA MET D 17 37.23 31.76 11.39
C MET D 17 36.02 31.92 10.47
N ILE D 18 36.27 32.27 9.20
CA ILE D 18 35.20 32.72 8.30
C ILE D 18 35.07 31.77 7.10
N ASP D 19 36.19 31.41 6.47
CA ASP D 19 36.18 30.84 5.13
C ASP D 19 35.65 29.41 5.12
N GLY D 20 36.35 28.49 5.77
CA GLY D 20 36.04 27.07 5.67
C GLY D 20 35.42 26.52 6.94
N TRP D 21 35.36 25.19 7.01
CA TRP D 21 34.84 24.47 8.16
C TRP D 21 35.98 24.02 9.10
N TYR D 22 37.14 23.70 8.55
CA TYR D 22 38.24 23.14 9.33
C TYR D 22 39.50 23.91 9.01
N GLY D 23 40.20 24.38 10.04
CA GLY D 23 41.37 25.21 9.79
C GLY D 23 42.36 25.19 10.95
N TYR D 24 43.29 26.14 10.89
CA TYR D 24 44.37 26.22 11.86
C TYR D 24 44.42 27.61 12.48
N HIS D 25 45.29 27.75 13.47
CA HIS D 25 45.54 29.03 14.13
C HIS D 25 47.01 29.08 14.54
N HIS D 26 47.80 29.82 13.77
CA HIS D 26 49.25 29.87 13.98
C HIS D 26 49.63 31.11 14.80
N GLN D 27 50.59 30.95 15.70
CA GLN D 27 50.92 31.97 16.69
C GLN D 27 52.44 32.12 16.80
N ASN D 28 53.09 32.34 15.67
CA ASN D 28 54.54 32.58 15.65
C ASN D 28 54.85 34.05 15.99
N GLU D 29 56.05 34.50 15.63
CA GLU D 29 56.58 35.79 16.06
C GLU D 29 55.75 36.95 15.51
N GLN D 30 55.34 36.87 14.25
CA GLN D 30 54.52 37.94 13.65
C GLN D 30 53.12 37.41 13.38
N GLY D 31 52.13 38.21 13.76
CA GLY D 31 50.72 37.97 13.41
C GLY D 31 50.10 36.82 14.21
N SER D 32 48.81 36.62 13.93
CA SER D 32 48.04 35.53 14.48
C SER D 32 47.50 34.67 13.33
N GLY D 33 46.66 33.69 13.66
CA GLY D 33 46.29 32.66 12.68
C GLY D 33 44.94 32.86 12.03
N TYR D 34 44.05 31.90 12.29
CA TYR D 34 42.72 31.77 11.66
C TYR D 34 42.84 31.67 10.14
N ALA D 35 43.48 30.59 9.70
CA ALA D 35 43.56 30.25 8.28
C ALA D 35 42.86 28.90 8.06
N ALA D 36 41.96 28.87 7.08
CA ALA D 36 41.19 27.67 6.78
C ALA D 36 42.06 26.64 6.04
N ASP D 37 41.50 25.44 5.90
CA ASP D 37 42.13 24.36 5.17
C ASP D 37 41.22 23.96 4.00
N GLN D 38 41.52 24.48 2.82
CA GLN D 38 40.62 24.40 1.67
C GLN D 38 40.68 23.02 0.99
N LYS D 39 41.49 22.10 1.50
CA LYS D 39 41.62 20.78 0.89
C LYS D 39 40.66 19.76 1.53
N SER D 40 40.57 19.79 2.86
CA SER D 40 39.73 18.83 3.57
C SER D 40 38.26 19.29 3.63
N THR D 41 38.00 20.57 3.47
CA THR D 41 36.63 21.06 3.50
C THR D 41 35.93 20.86 2.15
N GLN D 42 36.70 20.77 1.06
CA GLN D 42 36.11 20.63 -0.26
C GLN D 42 35.50 19.23 -0.44
N ASN D 43 36.18 18.22 0.09
CA ASN D 43 35.66 16.86 0.08
C ASN D 43 34.37 16.76 0.91
N ALA D 44 34.32 17.50 2.01
CA ALA D 44 33.13 17.52 2.87
C ALA D 44 31.96 18.19 2.13
N ILE D 45 32.22 19.29 1.44
CA ILE D 45 31.19 20.00 0.68
C ILE D 45 30.66 19.09 -0.44
N ASP D 46 31.56 18.39 -1.14
CA ASP D 46 31.15 17.51 -2.23
C ASP D 46 30.33 16.33 -1.70
N GLY D 47 30.74 15.76 -0.56
CA GLY D 47 30.03 14.64 0.05
C GLY D 47 28.62 15.02 0.49
N ILE D 48 28.49 16.16 1.15
CA ILE D 48 27.19 16.61 1.63
C ILE D 48 26.29 17.01 0.46
N THR D 49 26.87 17.58 -0.60
CA THR D 49 26.11 17.97 -1.78
C THR D 49 25.54 16.73 -2.48
N SER D 50 26.40 15.73 -2.71
CA SER D 50 25.97 14.48 -3.32
C SER D 50 25.03 13.69 -2.41
N LYS D 51 25.04 13.97 -1.11
CA LYS D 51 24.10 13.33 -0.18
C LYS D 51 22.70 13.94 -0.33
N VAL D 52 22.63 15.26 -0.31
CA VAL D 52 21.36 15.98 -0.38
C VAL D 52 20.70 15.75 -1.74
N ASN D 53 21.49 15.81 -2.81
CA ASN D 53 20.97 15.60 -4.16
C ASN D 53 20.42 14.18 -4.32
N SER D 54 21.08 13.20 -3.69
CA SER D 54 20.61 11.81 -3.75
C SER D 54 19.30 11.64 -2.99
N VAL D 55 19.18 12.33 -1.86
CA VAL D 55 17.95 12.26 -1.05
C VAL D 55 16.78 12.87 -1.84
N ILE D 56 17.04 13.97 -2.55
CA ILE D 56 16.01 14.57 -3.41
C ILE D 56 15.69 13.63 -4.58
N GLU D 57 16.70 12.94 -5.12
CA GLU D 57 16.53 12.12 -6.31
C GLU D 57 15.70 10.87 -6.03
N LYS D 58 15.88 10.26 -4.87
CA LYS D 58 15.21 8.99 -4.57
C LYS D 58 13.71 9.15 -4.37
N MET D 59 13.27 10.35 -4.02
CA MET D 59 11.84 10.62 -3.94
C MET D 59 11.31 11.00 -5.33
N ASN D 60 10.01 10.79 -5.53
CA ASN D 60 9.36 11.11 -6.79
C ASN D 60 8.37 12.27 -6.57
N THR D 61 7.66 12.62 -7.64
CA THR D 61 6.64 13.65 -7.59
C THR D 61 5.30 13.05 -8.00
N GLN D 62 4.28 13.26 -7.18
CA GLN D 62 2.96 12.72 -7.45
C GLN D 62 2.29 13.53 -8.56
N PHE D 63 1.49 12.84 -9.36
CA PHE D 63 0.68 13.49 -10.38
C PHE D 63 -0.72 13.76 -9.83
N THR D 64 -1.68 13.94 -10.72
CA THR D 64 -3.03 14.37 -10.34
C THR D 64 -3.74 13.27 -9.56
N ALA D 65 -4.00 13.57 -8.28
CA ALA D 65 -4.75 12.69 -7.40
C ALA D 65 -6.04 13.39 -6.98
N VAL D 66 -7.14 13.03 -7.65
CA VAL D 66 -8.42 13.68 -7.44
C VAL D 66 -9.36 12.65 -6.80
N GLY D 67 -10.13 13.11 -5.82
CA GLY D 67 -11.08 12.26 -5.09
C GLY D 67 -12.21 11.77 -5.97
N LYS D 68 -12.72 10.59 -5.66
CA LYS D 68 -13.79 9.95 -6.42
C LYS D 68 -15.13 10.11 -5.69
N GLU D 69 -16.20 9.67 -6.33
CA GLU D 69 -17.54 9.83 -5.78
C GLU D 69 -18.26 8.48 -5.78
N PHE D 70 -19.06 8.26 -4.75
CA PHE D 70 -19.83 7.02 -4.60
C PHE D 70 -21.23 7.35 -4.07
N ASN D 71 -22.20 6.53 -4.44
CA ASN D 71 -23.57 6.68 -3.98
C ASN D 71 -23.75 5.89 -2.66
N ASN D 72 -25.00 5.69 -2.24
CA ASN D 72 -25.30 5.15 -0.91
C ASN D 72 -25.49 3.62 -0.96
N LEU D 73 -25.05 2.96 -2.02
CA LEU D 73 -25.05 1.50 -2.07
C LEU D 73 -23.68 0.97 -2.48
N GLU D 74 -22.64 1.80 -2.34
CA GLU D 74 -21.27 1.40 -2.65
C GLU D 74 -20.38 1.79 -1.47
N ARG D 75 -20.83 1.45 -0.27
CA ARG D 75 -20.12 1.82 0.95
C ARG D 75 -18.82 1.02 1.08
N ARG D 76 -18.83 -0.23 0.65
CA ARG D 76 -17.68 -1.12 0.78
C ARG D 76 -16.50 -0.59 -0.06
N ILE D 77 -16.80 -0.14 -1.28
CA ILE D 77 -15.77 0.37 -2.19
C ILE D 77 -15.21 1.69 -1.64
N GLU D 78 -16.07 2.50 -1.03
CA GLU D 78 -15.64 3.79 -0.48
C GLU D 78 -14.70 3.57 0.72
N ASN D 79 -15.06 2.63 1.60
CA ASN D 79 -14.21 2.30 2.74
C ASN D 79 -12.88 1.71 2.28
N LEU D 80 -12.91 0.92 1.19
CA LEU D 80 -11.69 0.33 0.64
C LEU D 80 -10.77 1.43 0.10
N ASN D 81 -11.36 2.42 -0.59
CA ASN D 81 -10.61 3.53 -1.15
C ASN D 81 -9.95 4.36 -0.04
N LYS D 82 -10.73 4.66 1.01
CA LYS D 82 -10.23 5.43 2.14
C LYS D 82 -9.09 4.68 2.84
N LYS D 83 -9.22 3.36 2.94
CA LYS D 83 -8.20 2.52 3.58
C LYS D 83 -6.89 2.57 2.76
N VAL D 84 -7.00 2.49 1.44
CA VAL D 84 -5.82 2.50 0.56
C VAL D 84 -5.08 3.85 0.71
N ASP D 85 -5.83 4.95 0.68
CA ASP D 85 -5.24 6.28 0.76
C ASP D 85 -4.54 6.50 2.11
N ASP D 86 -5.21 6.15 3.20
CA ASP D 86 -4.66 6.34 4.54
C ASP D 86 -3.41 5.48 4.74
N GLY D 87 -3.43 4.26 4.21
CA GLY D 87 -2.29 3.35 4.31
C GLY D 87 -1.04 3.91 3.62
N PHE D 88 -1.21 4.37 2.38
CA PHE D 88 -0.07 4.90 1.63
C PHE D 88 0.47 6.18 2.26
N LEU D 89 -0.42 7.01 2.79
CA LEU D 89 0.00 8.26 3.44
C LEU D 89 0.84 7.95 4.68
N ASP D 90 0.42 6.97 5.47
CA ASP D 90 1.16 6.60 6.68
C ASP D 90 2.53 6.02 6.33
N VAL D 91 2.59 5.18 5.29
CA VAL D 91 3.85 4.56 4.87
C VAL D 91 4.84 5.65 4.45
N TRP D 92 4.39 6.63 3.67
CA TRP D 92 5.32 7.64 3.17
C TRP D 92 5.79 8.60 4.28
N THR D 93 4.90 8.95 5.21
CA THR D 93 5.32 9.86 6.28
C THR D 93 6.32 9.15 7.22
N TYR D 94 6.13 7.85 7.43
CA TYR D 94 7.07 7.06 8.22
C TYR D 94 8.46 7.05 7.56
N ASN D 95 8.48 6.75 6.25
CA ASN D 95 9.74 6.69 5.51
C ASN D 95 10.49 8.03 5.57
N ALA D 96 9.75 9.14 5.41
CA ALA D 96 10.37 10.47 5.36
C ALA D 96 11.01 10.82 6.72
N GLU D 97 10.26 10.65 7.81
CA GLU D 97 10.75 11.03 9.13
C GLU D 97 11.96 10.17 9.53
N LEU D 98 11.87 8.87 9.27
CA LEU D 98 12.94 7.93 9.65
C LEU D 98 14.22 8.25 8.87
N LEU D 99 14.08 8.56 7.58
CA LEU D 99 15.24 8.89 6.72
C LEU D 99 15.93 10.15 7.24
N VAL D 100 15.15 11.16 7.62
CA VAL D 100 15.71 12.43 8.09
C VAL D 100 16.51 12.22 9.39
N LEU D 101 15.97 11.43 10.31
CA LEU D 101 16.64 11.21 11.61
C LEU D 101 17.98 10.48 11.41
N LEU D 102 17.97 9.42 10.62
CA LEU D 102 19.21 8.63 10.46
C LEU D 102 20.26 9.43 9.67
N GLU D 103 19.82 10.24 8.72
CA GLU D 103 20.75 11.04 7.94
C GLU D 103 21.40 12.12 8.81
N ASN D 104 20.66 12.69 9.76
CA ASN D 104 21.22 13.70 10.66
C ASN D 104 22.30 13.09 11.57
N GLU D 105 22.04 11.90 12.11
CA GLU D 105 23.04 11.15 12.89
C GLU D 105 24.34 10.99 12.07
N ARG D 106 24.21 10.50 10.85
CA ARG D 106 25.39 10.13 10.08
C ARG D 106 26.19 11.37 9.65
N THR D 107 25.52 12.48 9.37
CA THR D 107 26.26 13.68 8.96
C THR D 107 27.02 14.30 10.14
N LEU D 108 26.45 14.27 11.35
CA LEU D 108 27.19 14.79 12.51
C LEU D 108 28.42 13.93 12.80
N ASP D 109 28.27 12.61 12.70
CA ASP D 109 29.41 11.71 12.87
C ASP D 109 30.46 11.91 11.77
N PHE D 110 30.02 12.30 10.57
CA PHE D 110 30.92 12.57 9.47
C PHE D 110 31.83 13.77 9.77
N HIS D 111 31.25 14.85 10.29
CA HIS D 111 32.05 16.02 10.64
C HIS D 111 33.03 15.72 11.79
N ASP D 112 32.59 14.92 12.76
CA ASP D 112 33.42 14.51 13.87
C ASP D 112 34.64 13.73 13.38
N SER D 113 34.40 12.79 12.46
CA SER D 113 35.47 11.97 11.88
C SER D 113 36.47 12.84 11.11
N ASN D 114 35.98 13.85 10.40
CA ASN D 114 36.86 14.74 9.63
C ASN D 114 37.82 15.49 10.56
N VAL D 115 37.32 16.00 11.69
CA VAL D 115 38.15 16.78 12.61
C VAL D 115 39.22 15.87 13.24
N ARG D 116 38.82 14.67 13.64
CA ARG D 116 39.78 13.75 14.26
C ARG D 116 40.86 13.33 13.26
N ASN D 117 40.46 13.12 11.99
CA ASN D 117 41.42 12.73 10.95
C ASN D 117 42.43 13.86 10.69
N LEU D 118 41.96 15.11 10.72
CA LEU D 118 42.85 16.25 10.46
C LEU D 118 43.87 16.39 11.61
N TYR D 119 43.41 16.17 12.83
CA TYR D 119 44.29 16.22 13.99
C TYR D 119 45.38 15.14 13.91
N GLU D 120 44.96 13.92 13.56
CA GLU D 120 45.90 12.80 13.41
C GLU D 120 46.89 13.07 12.27
N LYS D 121 46.43 13.75 11.21
CA LYS D 121 47.29 14.03 10.06
C LYS D 121 48.38 15.03 10.45
N VAL D 122 48.06 15.99 11.32
CA VAL D 122 49.09 16.92 11.80
C VAL D 122 50.07 16.19 12.72
N LYS D 123 49.55 15.39 13.64
CA LYS D 123 50.39 14.72 14.64
C LYS D 123 51.32 13.69 13.97
N SER D 124 50.88 13.09 12.86
CA SER D 124 51.66 12.06 12.19
C SER D 124 52.93 12.65 11.54
N GLN D 125 52.86 13.89 11.08
CA GLN D 125 54.02 14.49 10.44
C GLN D 125 54.84 15.31 11.43
N LEU D 126 54.26 15.67 12.57
CA LEU D 126 55.11 16.18 13.66
C LEU D 126 55.46 15.05 14.61
N ARG D 127 56.60 14.40 14.35
CA ARG D 127 56.93 13.09 14.94
C ARG D 127 57.14 13.16 16.46
N ASN D 128 58.22 13.80 16.89
CA ASN D 128 58.57 13.83 18.32
C ASN D 128 58.78 15.27 18.82
N ASN D 129 58.39 16.26 18.02
CA ASN D 129 58.52 17.65 18.43
C ASN D 129 57.22 18.11 19.10
N ALA D 130 57.24 19.33 19.61
CA ALA D 130 56.04 20.19 19.76
C ALA D 130 55.12 19.79 20.92
N LYS D 131 55.35 18.64 21.57
CA LYS D 131 54.77 18.23 22.88
C LYS D 131 53.28 18.59 23.04
N GLU D 132 52.42 17.85 22.33
CA GLU D 132 50.98 18.17 22.19
C GLU D 132 50.29 18.30 23.57
N ILE D 133 49.54 19.39 23.72
CA ILE D 133 48.94 19.73 25.01
C ILE D 133 47.50 20.21 24.81
N GLY D 134 46.62 19.77 25.71
CA GLY D 134 45.27 20.34 25.86
C GLY D 134 44.35 20.05 24.67
N ASN D 135 43.71 21.11 24.18
CA ASN D 135 42.68 20.99 23.16
C ASN D 135 43.30 21.14 21.76
N GLY D 136 44.14 20.16 21.41
CA GLY D 136 44.72 20.07 20.07
C GLY D 136 45.68 21.20 19.76
N CYS D 137 46.71 21.36 20.58
CA CYS D 137 47.69 22.42 20.37
C CYS D 137 49.10 21.83 20.52
N PHE D 138 50.06 22.48 19.86
CA PHE D 138 51.44 22.03 19.83
C PHE D 138 52.35 23.13 20.37
N GLU D 139 53.66 22.93 20.36
CA GLU D 139 54.55 23.92 21.02
C GLU D 139 55.75 24.33 20.15
N PHE D 140 56.24 23.45 19.26
CA PHE D 140 57.40 23.72 18.40
C PHE D 140 58.65 24.08 19.22
N TYR D 141 59.31 23.04 19.72
CA TYR D 141 60.65 23.12 20.30
C TYR D 141 61.60 24.01 19.48
N HIS D 142 61.67 23.78 18.18
CA HIS D 142 62.46 24.65 17.31
C HIS D 142 61.62 25.88 16.95
N LYS D 143 62.29 27.00 16.74
CA LYS D 143 61.62 28.23 16.35
C LYS D 143 61.64 28.36 14.83
N CYS D 144 60.47 28.63 14.26
CA CYS D 144 60.37 28.77 12.82
C CYS D 144 59.32 29.81 12.46
N ASP D 145 59.51 30.38 11.27
CA ASP D 145 58.76 31.52 10.75
C ASP D 145 57.42 31.07 10.17
N ASP D 146 56.82 31.93 9.36
CA ASP D 146 55.56 31.65 8.67
C ASP D 146 55.75 30.58 7.58
N GLU D 147 56.99 30.36 7.14
CA GLU D 147 57.27 29.38 6.09
C GLU D 147 57.04 27.95 6.59
N CYS D 148 57.49 27.64 7.81
CA CYS D 148 57.25 26.30 8.36
C CYS D 148 55.75 26.13 8.67
N MET D 149 55.08 27.21 9.04
CA MET D 149 53.63 27.21 9.27
C MET D 149 52.92 26.80 7.97
N GLU D 150 53.27 27.46 6.87
CA GLU D 150 52.65 27.20 5.57
C GLU D 150 53.03 25.79 5.08
N SER D 151 54.21 25.34 5.48
CA SER D 151 54.69 23.99 5.17
C SER D 151 53.78 22.94 5.83
N VAL D 152 53.53 23.11 7.13
CA VAL D 152 52.63 22.22 7.88
C VAL D 152 51.22 22.29 7.28
N LYS D 153 50.80 23.47 6.85
CA LYS D 153 49.47 23.62 6.26
C LYS D 153 49.39 22.94 4.89
N ASN D 154 50.52 22.65 4.25
CA ASN D 154 50.52 22.02 2.93
C ASN D 154 50.47 20.50 3.07
N GLY D 155 51.23 19.96 4.02
CA GLY D 155 51.31 18.53 4.23
C GLY D 155 52.72 18.01 4.03
N THR D 156 53.68 18.93 3.89
CA THR D 156 55.10 18.58 3.75
C THR D 156 55.88 19.32 4.84
N TYR D 157 56.80 18.64 5.51
CA TYR D 157 57.40 19.25 6.69
C TYR D 157 58.93 19.20 6.68
N ASP D 158 59.50 18.28 5.88
CA ASP D 158 60.94 17.93 5.83
C ASP D 158 61.59 17.91 7.22
N TYR D 159 61.08 17.00 8.05
CA TYR D 159 61.49 16.78 9.45
C TYR D 159 63.02 16.69 9.69
N PRO D 160 63.82 16.07 8.80
CA PRO D 160 65.28 16.09 9.08
C PRO D 160 65.96 17.46 9.00
N LYS D 161 65.27 18.49 8.53
CA LYS D 161 65.84 19.83 8.51
C LYS D 161 65.86 20.42 9.93
N TYR D 162 64.83 20.13 10.71
CA TYR D 162 64.68 20.74 12.03
C TYR D 162 64.91 19.73 13.17
N SER D 163 65.58 18.61 12.90
CA SER D 163 65.62 17.50 13.85
C SER D 163 66.58 17.79 15.02
N GLU D 164 67.82 18.15 14.70
CA GLU D 164 68.89 18.13 15.71
C GLU D 164 68.75 19.31 16.68
N GLU D 165 68.27 20.45 16.21
CA GLU D 165 68.11 21.63 17.06
C GLU D 165 66.97 21.40 18.05
N SER D 166 65.87 20.81 17.55
CA SER D 166 64.74 20.46 18.39
C SER D 166 65.12 19.36 19.39
N LYS D 167 66.00 18.45 18.96
CA LYS D 167 66.49 17.38 19.83
C LYS D 167 67.31 17.97 20.98
N LEU D 168 68.19 18.92 20.66
CA LEU D 168 69.02 19.60 21.66
C LEU D 168 68.13 20.38 22.64
N ASN D 169 67.10 21.03 22.11
CA ASN D 169 66.21 21.83 22.95
C ASN D 169 65.38 20.94 23.87
N ARG D 170 64.87 19.83 23.34
CA ARG D 170 64.11 18.86 24.12
C ARG D 170 64.99 18.25 25.22
N GLU D 171 66.26 18.03 24.92
CA GLU D 171 67.17 17.45 25.91
C GLU D 171 67.51 18.47 27.00
N GLU D 172 67.72 19.73 26.62
CA GLU D 172 68.13 20.74 27.59
C GLU D 172 66.96 21.18 28.48
N ILE D 173 65.73 20.98 28.01
CA ILE D 173 64.57 21.17 28.89
C ILE D 173 64.58 20.09 29.98
N ASP E 1 64.70 -3.85 8.79
CA ASP E 1 63.63 -4.89 8.78
C ASP E 1 62.31 -4.30 9.29
N THR E 2 61.25 -4.53 8.54
CA THR E 2 59.97 -3.87 8.76
C THR E 2 58.82 -4.87 8.63
N ILE E 3 57.71 -4.54 9.27
CA ILE E 3 56.51 -5.39 9.26
C ILE E 3 55.37 -4.50 8.77
N CYS E 4 55.62 -3.84 7.64
CA CYS E 4 54.65 -2.92 7.01
C CYS E 4 53.28 -3.60 6.85
N VAL E 5 52.23 -2.89 7.26
CA VAL E 5 50.87 -3.41 7.30
C VAL E 5 50.09 -2.80 6.13
N GLY E 6 49.33 -3.63 5.42
CA GLY E 6 48.60 -3.15 4.25
C GLY E 6 47.41 -4.02 3.91
N TYR E 7 46.64 -3.57 2.93
CA TYR E 7 45.40 -4.23 2.55
C TYR E 7 45.53 -4.75 1.11
N HIS E 8 44.47 -5.42 0.63
CA HIS E 8 44.49 -6.15 -0.63
C HIS E 8 44.06 -5.24 -1.78
N ALA E 9 44.74 -5.39 -2.92
CA ALA E 9 44.37 -4.68 -4.14
C ALA E 9 44.16 -5.69 -5.27
N ASN E 10 43.40 -5.27 -6.27
CA ASN E 10 42.94 -6.16 -7.31
C ASN E 10 42.82 -5.38 -8.61
N ASN E 11 42.52 -6.05 -9.72
CA ASN E 11 42.41 -5.29 -10.96
C ASN E 11 40.98 -5.32 -11.51
N SER E 12 39.99 -5.53 -10.65
CA SER E 12 38.57 -5.52 -11.06
C SER E 12 38.10 -4.10 -11.45
N THR E 13 36.97 -4.02 -12.15
CA THR E 13 36.50 -2.73 -12.67
C THR E 13 35.03 -2.48 -12.33
N ASP E 14 34.40 -3.37 -11.58
CA ASP E 14 32.98 -3.26 -11.25
C ASP E 14 32.76 -2.14 -10.21
N THR E 15 31.89 -1.20 -10.55
CA THR E 15 31.67 -0.02 -9.71
C THR E 15 30.41 -0.21 -8.85
N VAL E 16 30.39 0.47 -7.71
CA VAL E 16 29.29 0.40 -6.75
C VAL E 16 28.92 1.82 -6.33
N ASP E 17 27.64 2.16 -6.43
CA ASP E 17 27.15 3.46 -5.99
C ASP E 17 26.86 3.43 -4.50
N THR E 18 27.40 4.43 -3.80
CA THR E 18 27.11 4.65 -2.39
C THR E 18 26.54 6.07 -2.22
N VAL E 19 26.38 6.51 -0.99
CA VAL E 19 25.68 7.75 -0.69
C VAL E 19 26.59 8.95 -0.99
N LEU E 20 27.79 8.95 -0.41
CA LEU E 20 28.64 10.14 -0.43
C LEU E 20 29.44 10.22 -1.75
N GLU E 21 29.38 9.19 -2.58
CA GLU E 21 30.20 9.15 -3.78
C GLU E 21 29.54 8.22 -4.80
N LYS E 22 29.69 8.54 -6.08
CA LYS E 22 29.18 7.66 -7.11
C LYS E 22 30.34 6.91 -7.75
N ASN E 23 30.03 5.83 -8.42
CA ASN E 23 31.04 5.04 -9.17
C ASN E 23 32.26 4.71 -8.32
N VAL E 24 32.10 4.09 -7.17
CA VAL E 24 33.24 3.66 -6.40
C VAL E 24 33.66 2.28 -6.93
N THR E 25 34.97 2.08 -7.09
CA THR E 25 35.50 0.83 -7.61
C THR E 25 35.85 -0.11 -6.46
N VAL E 26 35.20 -1.26 -6.43
CA VAL E 26 35.28 -2.19 -5.31
C VAL E 26 35.90 -3.50 -5.81
N THR E 27 36.69 -4.14 -4.96
CA THR E 27 37.46 -5.33 -5.33
C THR E 27 36.55 -6.53 -5.61
N HIS E 28 35.56 -6.74 -4.74
CA HIS E 28 34.60 -7.83 -4.90
C HIS E 28 33.20 -7.31 -4.64
N SER E 29 32.23 -7.76 -5.43
CA SER E 29 30.84 -7.34 -5.27
C SER E 29 29.92 -8.50 -5.67
N VAL E 30 28.62 -8.27 -5.57
CA VAL E 30 27.63 -9.28 -5.88
C VAL E 30 26.39 -8.60 -6.47
N ASN E 31 25.83 -9.24 -7.48
CA ASN E 31 24.65 -8.73 -8.17
C ASN E 31 23.39 -9.18 -7.41
N LEU E 32 22.32 -8.40 -7.52
CA LEU E 32 21.07 -8.74 -6.84
C LEU E 32 19.84 -8.55 -7.75
N LEU E 33 20.04 -8.35 -9.06
CA LEU E 33 18.93 -7.99 -9.97
C LEU E 33 19.06 -8.83 -11.25
N GLU E 34 17.92 -9.26 -11.78
CA GLU E 34 17.87 -10.12 -12.96
C GLU E 34 17.51 -9.31 -14.21
N ASP E 35 18.12 -9.70 -15.33
CA ASP E 35 17.85 -9.06 -16.61
C ASP E 35 17.54 -10.10 -17.68
N SER E 36 18.22 -11.24 -17.63
CA SER E 36 18.20 -12.22 -18.71
C SER E 36 16.94 -13.09 -18.63
N HIS E 37 16.41 -13.45 -19.79
CA HIS E 37 15.30 -14.39 -19.88
C HIS E 37 15.31 -15.03 -21.26
N ASN E 38 15.03 -16.32 -21.32
CA ASN E 38 14.86 -16.99 -22.60
C ASN E 38 13.45 -16.69 -23.15
N GLY E 39 13.39 -16.18 -24.37
CA GLY E 39 12.13 -15.76 -24.97
C GLY E 39 11.25 -16.92 -25.38
N LYS E 40 10.92 -17.79 -24.43
CA LYS E 40 10.13 -18.99 -24.67
C LYS E 40 9.08 -19.11 -23.57
N LEU E 41 8.05 -19.89 -23.85
CA LEU E 41 7.00 -20.17 -22.87
C LEU E 41 7.00 -21.68 -22.58
N CYS E 42 7.74 -22.07 -21.55
CA CYS E 42 7.84 -23.48 -21.22
C CYS E 42 6.69 -23.89 -20.28
N SER E 43 6.67 -25.19 -19.99
CA SER E 43 5.64 -25.80 -19.16
C SER E 43 6.02 -25.67 -17.68
N LEU E 44 5.12 -25.11 -16.89
CA LEU E 44 5.35 -24.93 -15.46
C LEU E 44 5.08 -26.25 -14.74
N ASN E 45 6.14 -26.84 -14.18
CA ASN E 45 6.10 -28.06 -13.35
C ASN E 45 5.51 -29.25 -14.13
N GLY E 46 5.99 -29.45 -15.35
CA GLY E 46 5.63 -30.63 -16.13
C GLY E 46 4.38 -30.44 -16.97
N ILE E 47 3.35 -29.80 -16.44
CA ILE E 47 2.09 -29.68 -17.15
C ILE E 47 2.19 -28.55 -18.19
N ALA E 48 1.88 -28.86 -19.43
CA ALA E 48 1.96 -27.92 -20.54
C ALA E 48 0.83 -26.88 -20.45
N PRO E 49 1.11 -25.65 -20.86
CA PRO E 49 0.05 -24.65 -20.89
C PRO E 49 -0.86 -24.81 -22.12
N LEU E 50 -2.09 -24.33 -22.00
CA LEU E 50 -3.07 -24.41 -23.07
C LEU E 50 -3.03 -23.10 -23.87
N GLN E 51 -2.60 -23.20 -25.11
CA GLN E 51 -2.57 -22.05 -26.00
C GLN E 51 -3.90 -21.99 -26.79
N LEU E 52 -4.59 -20.87 -26.65
CA LEU E 52 -5.89 -20.71 -27.33
C LEU E 52 -5.69 -20.48 -28.84
N GLY E 53 -4.59 -19.85 -29.23
CA GLY E 53 -4.36 -19.51 -30.62
C GLY E 53 -5.20 -18.32 -31.02
N LYS E 54 -5.95 -18.45 -32.12
CA LYS E 54 -6.79 -17.36 -32.61
C LYS E 54 -8.20 -17.47 -32.02
N CYS E 55 -8.26 -17.61 -30.70
CA CYS E 55 -9.50 -17.89 -30.02
C CYS E 55 -9.58 -17.09 -28.71
N ASN E 56 -10.77 -16.58 -28.45
CA ASN E 56 -11.06 -15.91 -27.21
C ASN E 56 -11.57 -16.95 -26.20
N VAL E 57 -11.63 -16.56 -24.93
CA VAL E 57 -12.07 -17.46 -23.86
C VAL E 57 -13.56 -17.79 -24.06
N ALA E 58 -14.35 -16.77 -24.41
CA ALA E 58 -15.78 -16.94 -24.70
C ALA E 58 -15.97 -17.84 -25.93
N GLY E 59 -15.13 -17.65 -26.93
CA GLY E 59 -15.16 -18.48 -28.13
C GLY E 59 -14.80 -19.93 -27.83
N TRP E 60 -13.92 -20.15 -26.86
CA TRP E 60 -13.52 -21.49 -26.50
C TRP E 60 -14.62 -22.20 -25.70
N LEU E 61 -15.28 -21.47 -24.80
CA LEU E 61 -16.28 -22.11 -23.96
C LEU E 61 -17.60 -22.31 -24.70
N LEU E 62 -17.98 -21.37 -25.55
CA LEU E 62 -19.22 -21.52 -26.30
C LEU E 62 -19.05 -22.55 -27.42
N GLY E 63 -17.81 -22.77 -27.86
CA GLY E 63 -17.56 -23.72 -28.94
C GLY E 63 -17.81 -23.10 -30.30
N ASN E 64 -17.16 -21.96 -30.51
CA ASN E 64 -17.09 -21.25 -31.78
C ASN E 64 -16.46 -22.20 -32.81
N PRO E 65 -17.11 -22.41 -33.97
CA PRO E 65 -16.61 -23.45 -34.87
C PRO E 65 -15.30 -23.14 -35.61
N GLU E 66 -14.75 -21.94 -35.44
CA GLU E 66 -13.41 -21.67 -35.91
C GLU E 66 -12.40 -22.29 -34.92
N CYS E 67 -12.80 -22.34 -33.65
CA CYS E 67 -11.96 -22.84 -32.58
C CYS E 67 -12.18 -24.34 -32.38
N ASP E 68 -11.99 -25.12 -33.43
CA ASP E 68 -12.29 -26.54 -33.41
C ASP E 68 -11.11 -27.36 -32.88
N LEU E 69 -9.90 -26.90 -33.15
CA LEU E 69 -8.66 -27.66 -32.93
C LEU E 69 -8.46 -27.94 -31.43
N LEU E 70 -8.86 -26.99 -30.58
CA LEU E 70 -8.81 -27.21 -29.15
C LEU E 70 -10.18 -27.69 -28.63
N LEU E 71 -10.72 -28.68 -29.33
CA LEU E 71 -12.00 -29.27 -28.92
C LEU E 71 -11.80 -30.29 -27.79
N THR E 72 -10.61 -30.87 -27.69
CA THR E 72 -10.38 -31.98 -26.75
C THR E 72 -9.28 -31.61 -25.75
N ALA E 73 -9.32 -30.41 -25.19
CA ALA E 73 -8.34 -29.98 -24.19
C ALA E 73 -9.01 -29.94 -22.81
N ASN E 74 -8.36 -30.55 -21.83
CA ASN E 74 -8.98 -30.68 -20.50
C ASN E 74 -7.95 -30.56 -19.38
N SER E 75 -6.77 -29.98 -19.62
CA SER E 75 -5.74 -29.85 -18.59
C SER E 75 -4.77 -28.74 -18.99
N TRP E 76 -4.38 -27.92 -18.04
CA TRP E 76 -3.48 -26.81 -18.31
C TRP E 76 -2.77 -26.37 -17.03
N SER E 77 -1.81 -25.47 -17.21
CA SER E 77 -1.16 -24.75 -16.11
C SER E 77 -1.60 -23.28 -16.10
N TYR E 78 -1.70 -22.68 -17.29
CA TYR E 78 -2.12 -21.30 -17.46
C TYR E 78 -2.57 -21.12 -18.91
N ILE E 79 -3.49 -20.20 -19.14
CA ILE E 79 -4.11 -20.03 -20.44
C ILE E 79 -3.43 -18.87 -21.17
N ILE E 80 -3.07 -19.11 -22.43
CA ILE E 80 -2.38 -18.11 -23.25
C ILE E 80 -3.37 -17.56 -24.27
N GLU E 81 -3.52 -16.24 -24.28
CA GLU E 81 -4.16 -15.54 -25.39
C GLU E 81 -3.08 -14.85 -26.20
N THR E 82 -3.31 -14.74 -27.50
CA THR E 82 -2.38 -14.01 -28.36
C THR E 82 -2.96 -12.63 -28.64
N SER E 83 -2.26 -11.84 -29.45
CA SER E 83 -2.73 -10.52 -29.86
C SER E 83 -3.68 -10.62 -31.06
N ASN E 84 -3.80 -11.81 -31.64
CA ASN E 84 -4.64 -12.02 -32.82
C ASN E 84 -5.95 -12.74 -32.47
N SER E 85 -6.16 -13.06 -31.20
CA SER E 85 -7.36 -13.81 -30.76
C SER E 85 -8.60 -12.92 -30.84
N GLU E 86 -9.47 -13.20 -31.80
CA GLU E 86 -10.64 -12.36 -32.00
C GLU E 86 -11.90 -13.19 -32.21
N ASN E 87 -11.78 -14.50 -32.28
CA ASN E 87 -12.97 -15.27 -32.57
C ASN E 87 -13.74 -15.60 -31.30
N GLY E 88 -14.42 -14.61 -30.73
CA GLY E 88 -15.22 -14.83 -29.54
C GLY E 88 -16.63 -15.24 -29.93
N THR E 89 -17.59 -14.44 -29.53
CA THR E 89 -18.99 -14.68 -29.87
C THR E 89 -19.18 -14.38 -31.36
N CYS E 90 -19.53 -15.41 -32.14
CA CYS E 90 -19.70 -15.24 -33.57
C CYS E 90 -21.03 -14.52 -33.86
N TYR E 91 -22.12 -15.01 -33.29
CA TYR E 91 -23.38 -14.31 -33.38
C TYR E 91 -23.33 -13.10 -32.44
N PRO E 92 -23.77 -11.92 -32.89
CA PRO E 92 -23.52 -10.71 -32.11
C PRO E 92 -24.39 -10.62 -30.85
N GLY E 93 -23.82 -10.10 -29.77
CA GLY E 93 -24.57 -9.93 -28.53
C GLY E 93 -23.67 -9.52 -27.39
N GLU E 94 -23.98 -10.03 -26.19
CA GLU E 94 -23.26 -9.64 -24.99
C GLU E 94 -23.15 -10.85 -24.04
N PHE E 95 -21.92 -11.14 -23.64
CA PHE E 95 -21.65 -12.21 -22.69
C PHE E 95 -21.70 -11.62 -21.29
N ILE E 96 -22.82 -11.79 -20.61
CA ILE E 96 -23.06 -11.13 -19.33
C ILE E 96 -22.20 -11.75 -18.24
N ASP E 97 -21.51 -10.87 -17.49
CA ASP E 97 -20.54 -11.24 -16.45
C ASP E 97 -19.39 -12.07 -17.05
N TYR E 98 -18.75 -11.50 -18.05
CA TYR E 98 -17.64 -12.18 -18.73
C TYR E 98 -16.36 -12.12 -17.89
N GLU E 99 -16.22 -11.11 -17.03
CA GLU E 99 -14.97 -10.93 -16.29
C GLU E 99 -14.96 -11.79 -15.02
N GLU E 100 -16.13 -11.94 -14.38
CA GLU E 100 -16.28 -12.80 -13.21
C GLU E 100 -16.00 -14.26 -13.59
N LEU E 101 -16.37 -14.63 -14.82
CA LEU E 101 -16.15 -15.99 -15.31
C LEU E 101 -14.65 -16.23 -15.52
N ARG E 102 -13.92 -15.20 -15.96
CA ARG E 102 -12.48 -15.29 -16.09
C ARG E 102 -11.81 -15.44 -14.71
N GLU E 103 -12.31 -14.70 -13.72
CA GLU E 103 -11.80 -14.82 -12.36
C GLU E 103 -12.14 -16.18 -11.74
N GLN E 104 -13.24 -16.80 -12.16
CA GLN E 104 -13.52 -18.17 -11.70
C GLN E 104 -12.60 -19.16 -12.42
N LEU E 105 -12.31 -18.93 -13.70
CA LEU E 105 -11.44 -19.81 -14.49
C LEU E 105 -9.97 -19.71 -14.05
N SER E 106 -9.63 -18.66 -13.29
CA SER E 106 -8.24 -18.49 -12.83
C SER E 106 -7.95 -19.34 -11.58
N SER E 107 -8.78 -20.34 -11.29
CA SER E 107 -8.59 -21.18 -10.11
C SER E 107 -8.85 -22.66 -10.43
N VAL E 108 -9.18 -22.96 -11.68
CA VAL E 108 -9.58 -24.29 -12.08
C VAL E 108 -8.45 -24.91 -12.91
N SER E 109 -8.16 -26.19 -12.69
CA SER E 109 -6.99 -26.82 -13.30
C SER E 109 -7.36 -27.85 -14.36
N SER E 110 -8.59 -28.35 -14.40
CA SER E 110 -8.96 -29.37 -15.38
C SER E 110 -10.47 -29.39 -15.60
N PHE E 111 -10.89 -30.13 -16.62
CA PHE E 111 -12.29 -30.25 -17.01
C PHE E 111 -12.68 -31.72 -17.16
N GLU E 112 -14.00 -31.93 -17.23
CA GLU E 112 -14.60 -33.15 -17.75
C GLU E 112 -15.85 -32.75 -18.56
N LYS E 113 -15.71 -32.63 -19.87
CA LYS E 113 -16.84 -32.16 -20.68
C LYS E 113 -17.79 -33.33 -20.96
N PHE E 114 -19.08 -33.13 -20.67
CA PHE E 114 -20.06 -34.21 -20.79
C PHE E 114 -21.40 -33.68 -21.30
N GLU E 115 -22.23 -34.61 -21.75
CA GLU E 115 -23.59 -34.34 -22.19
C GLU E 115 -24.48 -34.09 -20.97
N ILE E 116 -25.15 -32.93 -20.93
CA ILE E 116 -26.28 -32.74 -20.02
C ILE E 116 -27.54 -33.27 -20.71
N PHE E 117 -27.89 -32.63 -21.83
CA PHE E 117 -29.10 -32.94 -22.56
C PHE E 117 -28.70 -33.54 -23.90
N PRO E 118 -28.84 -34.86 -24.05
CA PRO E 118 -28.50 -35.49 -25.33
C PRO E 118 -29.42 -35.01 -26.46
N LYS E 119 -28.82 -34.70 -27.61
CA LYS E 119 -29.48 -33.96 -28.68
C LYS E 119 -30.55 -34.82 -29.36
N ALA E 120 -30.34 -36.13 -29.41
CA ALA E 120 -31.18 -37.04 -30.19
C ALA E 120 -32.35 -37.59 -29.35
N SER E 121 -32.38 -37.33 -28.05
CA SER E 121 -33.33 -38.03 -27.18
C SER E 121 -34.17 -37.07 -26.33
N SER E 122 -33.55 -35.99 -25.85
CA SER E 122 -34.15 -35.17 -24.79
C SER E 122 -35.23 -34.22 -25.30
N TRP E 123 -35.43 -34.14 -26.62
CA TRP E 123 -36.31 -33.10 -27.14
C TRP E 123 -37.31 -33.66 -28.15
N PRO E 124 -38.22 -34.58 -27.74
CA PRO E 124 -39.07 -35.20 -28.76
C PRO E 124 -40.35 -34.41 -29.06
N ASN E 125 -40.25 -33.09 -29.13
CA ASN E 125 -41.43 -32.27 -29.40
C ASN E 125 -41.09 -31.20 -30.43
N HIS E 126 -39.87 -30.69 -30.34
CA HIS E 126 -39.45 -29.55 -31.16
C HIS E 126 -38.51 -30.03 -32.27
N GLU E 127 -38.19 -29.11 -33.19
CA GLU E 127 -37.14 -29.38 -34.15
C GLU E 127 -35.79 -28.94 -33.56
N THR E 128 -34.77 -29.71 -33.88
CA THR E 128 -33.47 -29.54 -33.23
C THR E 128 -32.34 -29.42 -34.26
N THR E 129 -32.65 -29.42 -35.54
CA THR E 129 -31.59 -29.48 -36.57
C THR E 129 -31.86 -28.53 -37.74
N LYS E 130 -32.96 -27.78 -37.70
CA LYS E 130 -33.34 -26.95 -38.86
C LYS E 130 -33.14 -25.46 -38.56
N GLY E 131 -32.54 -25.16 -37.41
CA GLY E 131 -32.33 -23.77 -37.02
C GLY E 131 -30.87 -23.45 -36.85
N VAL E 132 -30.33 -22.63 -37.76
CA VAL E 132 -28.92 -22.29 -37.76
C VAL E 132 -28.70 -20.99 -38.55
N THR E 133 -27.88 -20.11 -38.01
CA THR E 133 -27.63 -18.81 -38.64
C THR E 133 -26.43 -18.90 -39.57
N ALA E 134 -26.25 -17.87 -40.40
CA ALA E 134 -25.19 -17.84 -41.41
C ALA E 134 -24.07 -16.88 -41.02
N ALA E 135 -24.20 -16.18 -39.89
CA ALA E 135 -23.13 -15.28 -39.42
C ALA E 135 -21.95 -16.11 -38.88
N CYS E 136 -22.25 -17.27 -38.33
CA CYS E 136 -21.22 -18.15 -37.74
C CYS E 136 -20.82 -19.20 -38.78
N SER E 137 -20.45 -18.75 -39.98
CA SER E 137 -20.25 -19.65 -41.11
C SER E 137 -18.97 -20.48 -40.93
N TYR E 138 -18.95 -21.64 -41.57
CA TYR E 138 -17.81 -22.54 -41.48
C TYR E 138 -17.66 -23.30 -42.79
N SER E 139 -16.63 -22.93 -43.55
CA SER E 139 -16.30 -23.53 -44.87
C SER E 139 -17.49 -23.43 -45.83
N GLY E 140 -18.10 -22.25 -45.88
CA GLY E 140 -19.21 -21.99 -46.80
C GLY E 140 -20.56 -22.30 -46.18
N ALA E 141 -20.64 -23.41 -45.44
CA ALA E 141 -21.90 -23.83 -44.82
C ALA E 141 -22.19 -22.96 -43.58
N SER E 142 -23.38 -23.15 -43.03
CA SER E 142 -23.83 -22.42 -41.86
C SER E 142 -23.89 -23.37 -40.66
N SER E 143 -23.04 -23.12 -39.67
CA SER E 143 -23.03 -23.94 -38.46
C SER E 143 -23.20 -23.05 -37.23
N PHE E 144 -23.80 -23.63 -36.19
CA PHE E 144 -23.99 -22.93 -34.94
C PHE E 144 -22.83 -23.27 -34.01
N TYR E 145 -22.95 -22.97 -32.71
CA TYR E 145 -21.94 -23.32 -31.72
C TYR E 145 -21.84 -24.84 -31.55
N ARG E 146 -20.83 -25.28 -30.81
CA ARG E 146 -20.63 -26.71 -30.59
C ARG E 146 -21.04 -27.13 -29.18
N ASN E 147 -21.49 -26.18 -28.36
CA ASN E 147 -21.86 -26.49 -26.97
C ASN E 147 -23.29 -26.09 -26.65
N LEU E 148 -23.94 -25.32 -27.52
CA LEU E 148 -25.31 -24.91 -27.29
C LEU E 148 -26.21 -25.50 -28.39
N LEU E 149 -27.52 -25.25 -28.29
CA LEU E 149 -28.45 -25.83 -29.24
C LEU E 149 -29.62 -24.86 -29.45
N TRP E 150 -29.82 -24.49 -30.71
CA TRP E 150 -30.94 -23.67 -31.12
C TRP E 150 -32.22 -24.51 -31.08
N ILE E 151 -33.36 -23.89 -30.80
CA ILE E 151 -34.65 -24.59 -30.76
C ILE E 151 -35.63 -23.88 -31.69
N THR E 152 -36.25 -24.64 -32.59
CA THR E 152 -37.30 -24.13 -33.44
C THR E 152 -38.58 -24.94 -33.23
N LYS E 153 -39.63 -24.48 -33.89
CA LYS E 153 -40.92 -25.13 -33.83
C LYS E 153 -40.92 -26.40 -34.67
N LYS E 154 -41.90 -27.27 -34.42
CA LYS E 154 -42.11 -28.46 -35.23
C LYS E 154 -43.51 -28.40 -35.85
N GLY E 155 -43.59 -27.73 -36.99
CA GLY E 155 -44.81 -27.68 -37.81
C GLY E 155 -45.94 -26.89 -37.15
N THR E 156 -45.72 -25.58 -36.98
CA THR E 156 -46.72 -24.60 -36.51
C THR E 156 -47.25 -24.97 -35.11
N SER E 157 -46.37 -25.49 -34.27
CA SER E 157 -46.73 -25.89 -32.92
C SER E 157 -45.51 -25.71 -32.01
N TYR E 158 -45.76 -25.30 -30.77
CA TYR E 158 -44.71 -25.12 -29.79
C TYR E 158 -45.25 -25.42 -28.39
N PRO E 159 -45.07 -26.66 -27.94
CA PRO E 159 -45.53 -27.01 -26.59
C PRO E 159 -44.71 -26.31 -25.51
N LYS E 160 -45.28 -26.21 -24.31
CA LYS E 160 -44.58 -25.62 -23.18
C LYS E 160 -43.41 -26.51 -22.78
N LEU E 161 -42.25 -25.90 -22.60
CA LEU E 161 -41.01 -26.65 -22.42
C LEU E 161 -40.59 -26.58 -20.95
N SER E 162 -40.22 -27.73 -20.40
CA SER E 162 -39.70 -27.83 -19.04
C SER E 162 -38.77 -29.04 -18.96
N LYS E 163 -37.57 -28.83 -18.42
CA LYS E 163 -36.59 -29.90 -18.31
C LYS E 163 -35.66 -29.59 -17.14
N SER E 164 -35.33 -30.61 -16.36
CA SER E 164 -34.51 -30.44 -15.18
C SER E 164 -33.28 -31.35 -15.25
N TYR E 165 -32.29 -31.07 -14.41
CA TYR E 165 -31.10 -31.89 -14.31
C TYR E 165 -30.55 -31.85 -12.90
N THR E 166 -30.28 -33.03 -12.35
CA THR E 166 -29.72 -33.17 -11.01
C THR E 166 -28.19 -33.29 -11.11
N ASN E 167 -27.51 -33.12 -9.99
CA ASN E 167 -26.06 -33.21 -9.97
C ASN E 167 -25.63 -34.44 -9.16
N ASN E 168 -24.85 -35.32 -9.79
CA ASN E 168 -24.40 -36.54 -9.14
C ASN E 168 -22.94 -36.82 -9.49
N LYS E 169 -22.09 -35.79 -9.39
CA LYS E 169 -20.68 -35.97 -9.77
C LYS E 169 -19.71 -35.49 -8.68
N GLY E 170 -20.23 -34.92 -7.60
CA GLY E 170 -19.38 -34.54 -6.46
C GLY E 170 -18.67 -33.22 -6.67
N LYS E 171 -18.48 -32.83 -7.92
CA LYS E 171 -17.73 -31.62 -8.25
C LYS E 171 -18.71 -30.53 -8.69
N GLU E 172 -18.21 -29.32 -8.89
CA GLU E 172 -19.07 -28.23 -9.35
C GLU E 172 -19.19 -28.28 -10.87
N VAL E 173 -20.37 -27.91 -11.35
CA VAL E 173 -20.70 -28.00 -12.76
C VAL E 173 -21.00 -26.59 -13.28
N LEU E 174 -20.37 -26.22 -14.38
CA LEU E 174 -20.49 -24.89 -14.97
C LEU E 174 -21.43 -25.00 -16.18
N VAL E 175 -22.60 -24.37 -16.08
CA VAL E 175 -23.66 -24.51 -17.07
C VAL E 175 -23.84 -23.17 -17.80
N LEU E 176 -23.85 -23.23 -19.13
CA LEU E 176 -24.06 -22.04 -19.98
C LEU E 176 -25.39 -22.18 -20.72
N TRP E 177 -26.03 -21.05 -20.99
CA TRP E 177 -27.16 -21.03 -21.90
C TRP E 177 -27.27 -19.65 -22.56
N GLY E 178 -28.27 -19.50 -23.40
CA GLY E 178 -28.49 -18.25 -24.10
C GLY E 178 -29.96 -17.92 -24.25
N VAL E 179 -30.25 -16.65 -24.47
CA VAL E 179 -31.58 -16.17 -24.78
C VAL E 179 -31.49 -15.32 -26.04
N HIS E 180 -32.24 -15.71 -27.06
CA HIS E 180 -32.26 -15.02 -28.35
C HIS E 180 -33.46 -14.06 -28.40
N HIS E 181 -33.25 -12.90 -28.99
CA HIS E 181 -34.40 -12.06 -29.34
C HIS E 181 -34.23 -11.40 -30.71
N PRO E 182 -35.25 -11.53 -31.55
CA PRO E 182 -35.19 -11.03 -32.92
C PRO E 182 -35.45 -9.51 -32.98
N PRO E 183 -35.20 -8.86 -34.13
CA PRO E 183 -35.46 -7.42 -34.19
C PRO E 183 -36.93 -7.05 -34.45
N SER E 184 -37.69 -7.97 -35.05
CA SER E 184 -39.05 -7.68 -35.49
C SER E 184 -40.03 -8.69 -34.89
N VAL E 185 -41.28 -8.26 -34.78
CA VAL E 185 -42.35 -9.10 -34.26
C VAL E 185 -42.69 -10.20 -35.28
N SER E 186 -42.52 -9.89 -36.56
CA SER E 186 -42.75 -10.86 -37.65
C SER E 186 -41.77 -12.03 -37.54
N GLU E 187 -40.51 -11.73 -37.21
CA GLU E 187 -39.49 -12.78 -37.07
C GLU E 187 -39.77 -13.62 -35.82
N GLN E 188 -40.22 -12.96 -34.76
CA GLN E 188 -40.65 -13.61 -33.51
C GLN E 188 -41.75 -14.64 -33.79
N GLN E 189 -42.78 -14.22 -34.53
CA GLN E 189 -43.92 -15.10 -34.82
C GLN E 189 -43.52 -16.15 -35.86
N SER E 190 -42.58 -15.83 -36.76
CA SER E 190 -42.16 -16.77 -37.80
C SER E 190 -41.29 -17.89 -37.21
N LEU E 191 -40.56 -17.60 -36.14
CA LEU E 191 -39.71 -18.63 -35.54
C LEU E 191 -40.42 -19.37 -34.40
N TYR E 192 -41.32 -18.68 -33.68
CA TYR E 192 -41.74 -19.16 -32.36
C TYR E 192 -43.26 -19.23 -32.22
N GLN E 193 -43.96 -18.32 -32.90
CA GLN E 193 -45.45 -18.20 -32.90
C GLN E 193 -45.96 -18.02 -31.47
N ASN E 194 -45.37 -17.07 -30.76
CA ASN E 194 -45.80 -16.67 -29.43
C ASN E 194 -45.54 -15.18 -29.32
N ALA E 195 -46.60 -14.39 -29.20
CA ALA E 195 -46.50 -12.93 -29.06
C ALA E 195 -45.80 -12.59 -27.75
N ASP E 196 -46.20 -13.26 -26.68
CA ASP E 196 -45.48 -13.21 -25.42
C ASP E 196 -44.76 -14.55 -25.22
N ALA E 197 -43.57 -14.48 -24.66
CA ALA E 197 -42.81 -15.67 -24.33
C ALA E 197 -41.89 -15.37 -23.15
N TYR E 198 -41.38 -16.41 -22.54
CA TYR E 198 -40.41 -16.27 -21.46
C TYR E 198 -39.57 -17.55 -21.39
N VAL E 199 -38.40 -17.41 -20.79
CA VAL E 199 -37.73 -18.56 -20.21
C VAL E 199 -37.54 -18.27 -18.72
N SER E 200 -37.28 -19.31 -17.96
CA SER E 200 -37.09 -19.17 -16.53
C SER E 200 -36.10 -20.23 -16.08
N VAL E 201 -35.12 -19.79 -15.28
CA VAL E 201 -34.08 -20.68 -14.80
C VAL E 201 -34.11 -20.62 -13.26
N GLY E 202 -34.15 -21.79 -12.63
CA GLY E 202 -34.15 -21.83 -11.16
C GLY E 202 -33.41 -23.04 -10.60
N SER E 203 -32.54 -22.81 -9.61
CA SER E 203 -31.93 -23.97 -8.93
C SER E 203 -32.19 -23.92 -7.42
N SER E 204 -31.41 -23.14 -6.68
CA SER E 204 -31.72 -22.83 -5.28
C SER E 204 -31.32 -21.39 -4.97
N LYS E 205 -30.20 -20.97 -5.54
CA LYS E 205 -29.65 -19.65 -5.27
C LYS E 205 -29.54 -18.85 -6.58
N TYR E 206 -30.08 -19.41 -7.65
CA TYR E 206 -30.24 -18.69 -8.90
C TYR E 206 -31.70 -18.80 -9.32
N ASN E 207 -32.29 -17.68 -9.67
CA ASN E 207 -33.69 -17.64 -10.06
C ASN E 207 -33.90 -16.39 -10.91
N ARG E 208 -34.19 -16.58 -12.20
CA ARG E 208 -34.50 -15.42 -13.02
C ARG E 208 -35.53 -15.81 -14.09
N ARG E 209 -36.33 -14.81 -14.46
CA ARG E 209 -37.41 -14.92 -15.43
C ARG E 209 -37.08 -13.98 -16.60
N PHE E 210 -36.58 -14.54 -17.70
CA PHE E 210 -36.20 -13.72 -18.85
C PHE E 210 -37.38 -13.57 -19.81
N ALA E 211 -37.57 -12.34 -20.27
CA ALA E 211 -38.52 -12.00 -21.32
C ALA E 211 -37.75 -11.35 -22.47
N PRO E 212 -38.12 -11.65 -23.71
CA PRO E 212 -37.44 -11.04 -24.85
C PRO E 212 -37.81 -9.55 -25.00
N GLU E 213 -36.93 -8.81 -25.65
CA GLU E 213 -37.23 -7.45 -26.07
C GLU E 213 -37.08 -7.38 -27.59
N ILE E 214 -38.04 -6.72 -28.24
CA ILE E 214 -38.05 -6.64 -29.69
C ILE E 214 -37.97 -5.17 -30.09
N ALA E 215 -36.90 -4.83 -30.79
CA ALA E 215 -36.67 -3.47 -31.26
C ALA E 215 -35.73 -3.51 -32.48
N ALA E 216 -35.96 -2.60 -33.42
CA ALA E 216 -35.11 -2.45 -34.58
C ALA E 216 -33.79 -1.79 -34.16
N ARG E 217 -32.69 -2.25 -34.74
CA ARG E 217 -31.35 -1.81 -34.38
C ARG E 217 -30.42 -2.11 -35.57
N PRO E 218 -29.33 -1.34 -35.70
CA PRO E 218 -28.45 -1.56 -36.86
C PRO E 218 -27.67 -2.87 -36.72
N LYS E 219 -27.40 -3.50 -37.86
CA LYS E 219 -26.94 -4.88 -37.88
C LYS E 219 -25.41 -4.94 -37.69
N VAL E 220 -24.97 -5.99 -37.00
CA VAL E 220 -23.57 -6.33 -36.86
C VAL E 220 -23.39 -7.72 -37.46
N ARG E 221 -22.38 -7.85 -38.34
CA ARG E 221 -22.08 -9.09 -39.09
C ARG E 221 -23.29 -9.54 -39.93
N GLY E 222 -24.09 -8.57 -40.37
CA GLY E 222 -25.26 -8.83 -41.21
C GLY E 222 -26.40 -9.51 -40.47
N GLN E 223 -26.54 -9.23 -39.18
CA GLN E 223 -27.65 -9.77 -38.39
C GLN E 223 -28.21 -8.66 -37.50
N ALA E 224 -29.53 -8.51 -37.54
CA ALA E 224 -30.22 -7.43 -36.81
C ALA E 224 -30.74 -7.90 -35.45
N GLY E 225 -30.72 -9.22 -35.20
CA GLY E 225 -31.14 -9.76 -33.91
C GLY E 225 -30.02 -9.72 -32.88
N ARG E 226 -30.34 -10.12 -31.66
CA ARG E 226 -29.34 -10.17 -30.60
C ARG E 226 -29.49 -11.46 -29.80
N MET E 227 -28.45 -11.77 -29.02
CA MET E 227 -28.43 -12.96 -28.21
C MET E 227 -27.61 -12.67 -26.95
N ASN E 228 -28.15 -13.05 -25.80
CA ASN E 228 -27.47 -12.87 -24.53
C ASN E 228 -27.07 -14.23 -23.97
N TYR E 229 -25.94 -14.27 -23.27
CA TYR E 229 -25.38 -15.52 -22.77
C TYR E 229 -25.25 -15.47 -21.25
N TYR E 230 -25.40 -16.63 -20.61
CA TYR E 230 -25.42 -16.71 -19.17
C TYR E 230 -24.72 -17.98 -18.69
N TRP E 231 -24.28 -17.95 -17.43
CA TRP E 231 -23.53 -19.05 -16.85
C TRP E 231 -23.84 -19.15 -15.35
N THR E 232 -23.80 -20.36 -14.83
CA THR E 232 -24.12 -20.64 -13.43
C THR E 232 -23.30 -21.84 -12.95
N LEU E 233 -22.74 -21.73 -11.75
CA LEU E 233 -22.11 -22.84 -11.07
C LEU E 233 -23.15 -23.57 -10.22
N LEU E 234 -23.18 -24.89 -10.34
CA LEU E 234 -23.97 -25.72 -9.43
C LEU E 234 -23.07 -26.27 -8.31
N ASP E 235 -23.67 -27.06 -7.44
CA ASP E 235 -22.96 -27.71 -6.35
C ASP E 235 -23.29 -29.20 -6.38
N GLN E 236 -22.56 -29.98 -5.57
CA GLN E 236 -22.87 -31.40 -5.41
C GLN E 236 -24.17 -31.54 -4.64
N GLY E 237 -25.21 -31.96 -5.34
CA GLY E 237 -26.54 -31.92 -4.78
C GLY E 237 -27.54 -31.25 -5.71
N ASP E 238 -27.84 -29.99 -5.41
CA ASP E 238 -28.92 -29.17 -5.95
C ASP E 238 -29.07 -29.28 -7.48
N THR E 239 -30.31 -29.22 -7.93
CA THR E 239 -30.69 -29.48 -9.32
C THR E 239 -31.09 -28.16 -9.99
N ILE E 240 -30.97 -28.11 -11.31
CA ILE E 240 -31.35 -26.93 -12.06
C ILE E 240 -32.59 -27.25 -12.91
N THR E 241 -33.46 -26.26 -13.08
CA THR E 241 -34.65 -26.43 -13.91
C THR E 241 -34.73 -25.28 -14.92
N PHE E 242 -34.88 -25.67 -16.19
CA PHE E 242 -35.17 -24.77 -17.29
C PHE E 242 -36.66 -24.90 -17.65
N GLU E 243 -37.33 -23.78 -17.84
CA GLU E 243 -38.73 -23.78 -18.23
C GLU E 243 -38.94 -22.65 -19.23
N ALA E 244 -39.25 -23.02 -20.47
CA ALA E 244 -39.21 -22.08 -21.59
C ALA E 244 -40.54 -22.10 -22.35
N THR E 245 -40.86 -20.98 -22.98
CA THR E 245 -42.00 -20.87 -23.89
C THR E 245 -41.50 -20.89 -25.33
N GLY E 246 -40.92 -19.79 -25.80
CA GLY E 246 -40.42 -19.73 -27.18
C GLY E 246 -39.00 -19.21 -27.29
N ASN E 247 -38.30 -19.02 -26.17
CA ASN E 247 -36.95 -18.40 -26.22
C ASN E 247 -35.92 -19.17 -25.38
N LEU E 248 -35.36 -20.24 -25.90
CA LEU E 248 -34.32 -20.96 -25.18
C LEU E 248 -33.20 -21.37 -26.15
N ILE E 249 -31.97 -21.09 -25.73
CA ILE E 249 -30.79 -21.68 -26.35
C ILE E 249 -30.26 -22.72 -25.36
N ALA E 250 -30.68 -23.96 -25.56
CA ALA E 250 -30.50 -24.99 -24.55
C ALA E 250 -29.02 -25.39 -24.43
N PRO E 251 -28.56 -25.70 -23.21
CA PRO E 251 -27.21 -26.22 -23.07
C PRO E 251 -27.09 -27.62 -23.65
N TRP E 252 -25.89 -27.97 -24.08
CA TRP E 252 -25.65 -29.25 -24.71
C TRP E 252 -24.35 -29.89 -24.20
N TYR E 253 -23.48 -29.11 -23.55
CA TYR E 253 -22.30 -29.65 -22.88
C TYR E 253 -22.02 -28.84 -21.62
N ALA E 254 -21.60 -29.53 -20.56
CA ALA E 254 -21.23 -28.89 -19.31
C ALA E 254 -19.72 -29.02 -19.09
N PHE E 255 -19.29 -28.59 -17.91
CA PHE E 255 -17.90 -28.68 -17.51
C PHE E 255 -17.86 -28.97 -16.01
N ALA E 256 -17.37 -30.16 -15.65
CA ALA E 256 -17.07 -30.46 -14.25
C ALA E 256 -15.72 -29.83 -13.90
N LEU E 257 -15.63 -29.22 -12.72
CA LEU E 257 -14.45 -28.43 -12.39
C LEU E 257 -13.52 -29.20 -11.44
N ASN E 258 -12.30 -28.70 -11.33
CA ASN E 258 -11.32 -29.21 -10.39
C ASN E 258 -10.48 -28.05 -9.87
N LYS E 259 -10.28 -28.00 -8.57
CA LYS E 259 -9.58 -26.89 -7.94
C LYS E 259 -8.06 -27.07 -8.08
N GLY E 260 -7.32 -26.24 -7.36
CA GLY E 260 -5.87 -26.13 -7.54
C GLY E 260 -5.54 -24.78 -8.15
N SER E 261 -5.10 -23.86 -7.28
CA SER E 261 -5.08 -22.44 -7.60
C SER E 261 -3.90 -22.07 -8.49
N ASP E 262 -3.68 -20.75 -8.60
CA ASP E 262 -2.50 -20.14 -9.24
C ASP E 262 -2.46 -20.45 -10.74
N SER E 263 -3.48 -19.97 -11.44
CA SER E 263 -3.52 -20.01 -12.89
C SER E 263 -3.62 -18.57 -13.42
N GLY E 264 -3.69 -18.41 -14.74
CA GLY E 264 -3.72 -17.08 -15.30
C GLY E 264 -4.09 -17.08 -16.77
N ILE E 265 -4.32 -15.87 -17.27
CA ILE E 265 -4.75 -15.62 -18.63
C ILE E 265 -3.72 -14.68 -19.26
N ILE E 266 -2.44 -15.07 -19.14
CA ILE E 266 -1.31 -14.34 -19.73
C ILE E 266 -1.56 -14.12 -21.22
N THR E 267 -1.40 -12.87 -21.65
CA THR E 267 -1.55 -12.49 -23.04
C THR E 267 -0.17 -12.16 -23.62
N SER E 268 0.36 -13.07 -24.42
CA SER E 268 1.59 -12.83 -25.17
C SER E 268 1.59 -13.72 -26.41
N ASP E 269 2.62 -13.56 -27.23
CA ASP E 269 2.70 -14.28 -28.50
C ASP E 269 4.13 -14.77 -28.77
N ALA E 270 4.94 -14.86 -27.71
CA ALA E 270 6.22 -15.57 -27.80
C ALA E 270 5.93 -17.08 -27.92
N PRO E 271 6.76 -17.81 -28.67
CA PRO E 271 6.45 -19.22 -28.98
C PRO E 271 6.51 -20.15 -27.77
N VAL E 272 5.94 -21.34 -27.95
CA VAL E 272 5.78 -22.31 -26.88
C VAL E 272 6.75 -23.46 -27.11
N HIS E 273 7.57 -23.75 -26.10
CA HIS E 273 8.46 -24.90 -26.11
C HIS E 273 8.16 -25.81 -24.93
N ASN E 274 9.00 -26.83 -24.72
CA ASN E 274 8.70 -27.87 -23.76
C ASN E 274 9.89 -28.08 -22.79
N CYS E 275 10.41 -26.99 -22.24
CA CYS E 275 11.33 -27.11 -21.12
C CYS E 275 10.51 -27.06 -19.82
N ASP E 276 11.17 -26.89 -18.69
CA ASP E 276 10.48 -26.90 -17.41
C ASP E 276 11.07 -25.81 -16.52
N THR E 277 10.22 -24.92 -16.02
CA THR E 277 10.66 -23.83 -15.15
C THR E 277 9.77 -23.77 -13.90
N ARG E 278 10.01 -22.73 -13.10
CA ARG E 278 9.21 -22.45 -11.92
C ARG E 278 8.72 -21.00 -11.92
N CYS E 279 8.99 -20.27 -13.00
CA CYS E 279 8.59 -18.87 -13.10
C CYS E 279 8.34 -18.53 -14.57
N GLN E 280 7.24 -17.85 -14.84
CA GLN E 280 6.84 -17.60 -16.22
C GLN E 280 6.29 -16.17 -16.34
N THR E 281 6.79 -15.46 -17.33
CA THR E 281 6.35 -14.10 -17.66
C THR E 281 5.79 -14.11 -19.08
N PRO E 282 5.08 -13.05 -19.49
CA PRO E 282 4.72 -12.94 -20.90
C PRO E 282 5.92 -12.75 -21.84
N HIS E 283 7.03 -12.21 -21.35
CA HIS E 283 8.23 -12.04 -22.17
C HIS E 283 9.03 -13.34 -22.26
N GLY E 284 9.02 -14.16 -21.22
CA GLY E 284 9.82 -15.36 -21.22
C GLY E 284 9.85 -16.02 -19.85
N ALA E 285 10.81 -16.92 -19.66
CA ALA E 285 10.95 -17.66 -18.43
C ALA E 285 12.17 -17.16 -17.65
N LEU E 286 12.19 -17.46 -16.35
CA LEU E 286 13.24 -16.97 -15.49
C LEU E 286 13.81 -18.10 -14.65
N ASN E 287 15.14 -18.15 -14.58
CA ASN E 287 15.77 -19.14 -13.81
C ASN E 287 16.86 -18.45 -12.98
N SER E 288 16.61 -18.31 -11.68
CA SER E 288 17.52 -17.56 -10.79
C SER E 288 17.19 -17.79 -9.32
N SER E 289 17.87 -17.00 -8.48
CA SER E 289 17.74 -17.06 -7.04
C SER E 289 17.94 -15.68 -6.42
N LEU E 290 18.17 -14.66 -7.24
CA LEU E 290 18.36 -13.30 -6.74
C LEU E 290 17.02 -12.73 -6.27
N PRO E 291 17.05 -11.88 -5.22
CA PRO E 291 15.78 -11.43 -4.64
C PRO E 291 15.01 -10.38 -5.46
N PHE E 292 15.60 -9.84 -6.52
CA PHE E 292 14.92 -8.80 -7.28
C PHE E 292 14.90 -9.15 -8.76
N GLN E 293 13.93 -8.58 -9.46
CA GLN E 293 13.57 -8.96 -10.82
C GLN E 293 13.16 -7.70 -11.60
N ASN E 294 13.42 -7.71 -12.90
CA ASN E 294 13.26 -6.51 -13.71
C ASN E 294 12.57 -6.79 -15.06
N VAL E 295 12.20 -8.02 -15.33
CA VAL E 295 11.71 -8.38 -16.65
C VAL E 295 10.29 -7.84 -16.87
N HIS E 296 9.35 -8.28 -16.05
CA HIS E 296 7.95 -7.96 -16.25
C HIS E 296 7.23 -8.11 -14.91
N PRO E 297 6.24 -7.26 -14.62
CA PRO E 297 5.54 -7.36 -13.34
C PRO E 297 4.47 -8.47 -13.23
N ILE E 298 4.00 -8.99 -14.36
CA ILE E 298 2.96 -10.01 -14.35
C ILE E 298 3.64 -11.38 -14.44
N THR E 299 3.59 -12.12 -13.35
CA THR E 299 4.32 -13.39 -13.25
C THR E 299 3.38 -14.51 -12.82
N ILE E 300 3.74 -15.74 -13.20
CA ILE E 300 3.10 -16.95 -12.69
C ILE E 300 4.18 -17.90 -12.19
N GLY E 301 4.03 -18.32 -10.93
CA GLY E 301 4.93 -19.28 -10.30
C GLY E 301 5.43 -18.76 -8.97
N GLU E 302 6.62 -19.22 -8.58
CA GLU E 302 7.32 -18.68 -7.42
C GLU E 302 8.47 -17.84 -7.96
N CYS E 303 8.16 -16.60 -8.27
CA CYS E 303 9.05 -15.73 -9.02
C CYS E 303 9.76 -14.75 -8.08
N PRO E 304 10.95 -14.27 -8.48
CA PRO E 304 11.57 -13.20 -7.72
C PRO E 304 10.81 -11.88 -7.89
N LYS E 305 11.11 -10.93 -7.02
CA LYS E 305 10.22 -9.81 -6.79
C LYS E 305 10.54 -8.65 -7.72
N TYR E 306 9.51 -7.96 -8.19
CA TYR E 306 9.67 -6.96 -9.25
C TYR E 306 9.92 -5.57 -8.66
N VAL E 307 11.00 -4.94 -9.13
CA VAL E 307 11.26 -3.54 -8.84
C VAL E 307 11.42 -2.81 -10.19
N LYS E 308 11.75 -1.53 -10.13
CA LYS E 308 11.80 -0.69 -11.33
C LYS E 308 13.15 0.06 -11.36
N SER E 309 14.23 -0.68 -11.16
CA SER E 309 15.56 -0.10 -11.18
C SER E 309 16.41 -0.78 -12.26
N THR E 310 17.65 -0.33 -12.43
CA THR E 310 18.51 -0.85 -13.48
C THR E 310 19.81 -1.44 -12.92
N LYS E 311 20.14 -1.15 -11.66
CA LYS E 311 21.42 -1.58 -11.10
C LYS E 311 21.26 -1.69 -9.58
N LEU E 312 21.57 -2.87 -9.04
CA LEU E 312 21.56 -3.11 -7.60
C LEU E 312 22.80 -3.89 -7.19
N ARG E 313 23.96 -3.42 -7.63
CA ARG E 313 25.23 -4.06 -7.28
C ARG E 313 25.54 -3.76 -5.81
N MET E 314 25.88 -4.79 -5.05
CA MET E 314 26.11 -4.64 -3.62
C MET E 314 27.56 -5.05 -3.32
N ALA E 315 28.27 -4.16 -2.63
CA ALA E 315 29.71 -4.28 -2.43
C ALA E 315 30.00 -5.24 -1.26
N THR E 316 30.84 -6.23 -1.55
CA THR E 316 31.36 -7.13 -0.53
C THR E 316 32.88 -7.15 -0.65
N GLY E 317 33.54 -6.16 -0.08
CA GLY E 317 34.97 -6.06 -0.21
C GLY E 317 35.46 -4.64 -0.06
N LEU E 318 36.72 -4.42 -0.44
CA LEU E 318 37.46 -3.19 -0.14
C LEU E 318 37.39 -2.24 -1.34
N ARG E 319 37.81 -1.00 -1.12
CA ARG E 319 37.99 -0.04 -2.19
C ARG E 319 39.27 -0.39 -2.95
N ASN E 320 39.15 -0.61 -4.25
CA ASN E 320 40.28 -0.99 -5.07
C ASN E 320 41.15 0.24 -5.32
N VAL E 321 42.26 0.34 -4.60
CA VAL E 321 43.20 1.43 -4.76
C VAL E 321 44.54 0.86 -5.22
N PRO E 322 44.80 0.88 -6.53
CA PRO E 322 46.08 0.39 -7.03
C PRO E 322 47.18 1.42 -6.78
N SER E 323 48.32 0.95 -6.26
CA SER E 323 49.46 1.82 -5.97
C SER E 323 50.52 1.68 -7.07
N ASP F 1 54.96 29.23 20.06
CA ASP F 1 54.28 29.17 18.74
C ASP F 1 53.53 27.84 18.58
N THR F 2 52.28 27.93 18.17
CA THR F 2 51.37 26.80 18.17
C THR F 2 50.56 26.77 16.87
N ILE F 3 50.09 25.58 16.52
CA ILE F 3 49.30 25.36 15.32
C ILE F 3 48.00 24.69 15.77
N CYS F 4 47.37 25.32 16.76
CA CYS F 4 46.11 24.83 17.35
C CYS F 4 45.06 24.55 16.25
N VAL F 5 44.45 23.37 16.34
CA VAL F 5 43.51 22.89 15.33
C VAL F 5 42.09 23.01 15.88
N GLY F 6 41.18 23.52 15.06
CA GLY F 6 39.81 23.75 15.51
C GLY F 6 38.81 23.78 14.37
N TYR F 7 37.54 23.87 14.73
CA TYR F 7 36.46 23.81 13.76
C TYR F 7 35.69 25.14 13.76
N HIS F 8 34.68 25.24 12.90
CA HIS F 8 33.99 26.50 12.63
C HIS F 8 32.80 26.66 13.59
N ALA F 9 32.60 27.90 14.04
CA ALA F 9 31.44 28.24 14.87
C ALA F 9 30.69 29.42 14.22
N ASN F 10 29.42 29.53 14.56
CA ASN F 10 28.54 30.44 13.90
C ASN F 10 27.49 30.94 14.90
N ASN F 11 26.65 31.89 14.51
CA ASN F 11 25.66 32.37 15.48
C ASN F 11 24.24 32.02 15.03
N SER F 12 24.07 31.00 14.22
CA SER F 12 22.74 30.54 13.77
C SER F 12 21.94 29.91 14.92
N THR F 13 20.62 29.77 14.74
CA THR F 13 19.76 29.30 15.83
C THR F 13 18.83 28.17 15.36
N ASP F 14 18.96 27.74 14.12
CA ASP F 14 18.09 26.70 13.56
C ASP F 14 18.44 25.31 14.14
N THR F 15 17.43 24.67 14.72
CA THR F 15 17.65 23.40 15.40
C THR F 15 17.27 22.22 14.50
N VAL F 16 17.90 21.08 14.76
CA VAL F 16 17.70 19.86 13.98
C VAL F 16 17.49 18.70 14.95
N ASP F 17 16.42 17.93 14.76
CA ASP F 17 16.15 16.77 15.58
C ASP F 17 16.89 15.55 15.02
N THR F 18 17.61 14.87 15.90
CA THR F 18 18.27 13.61 15.57
C THR F 18 17.75 12.53 16.53
N VAL F 19 18.36 11.35 16.50
CA VAL F 19 17.85 10.20 17.23
C VAL F 19 18.18 10.31 18.72
N LEU F 20 19.46 10.52 19.03
CA LEU F 20 19.92 10.43 20.42
C LEU F 20 19.67 11.73 21.18
N GLU F 21 19.24 12.79 20.49
CA GLU F 21 19.08 14.09 21.13
C GLU F 21 18.05 14.91 20.36
N LYS F 22 17.31 15.75 21.05
CA LYS F 22 16.38 16.63 20.36
C LYS F 22 16.95 18.04 20.36
N ASN F 23 16.43 18.87 19.48
CA ASN F 23 16.82 20.30 19.42
C ASN F 23 18.33 20.49 19.37
N VAL F 24 19.03 19.87 18.44
CA VAL F 24 20.45 20.13 18.30
C VAL F 24 20.63 21.36 17.43
N THR F 25 21.53 22.26 17.82
CA THR F 25 21.76 23.51 17.09
C THR F 25 22.91 23.31 16.09
N VAL F 26 22.58 23.48 14.82
CA VAL F 26 23.49 23.17 13.71
C VAL F 26 23.82 24.47 12.97
N THR F 27 25.05 24.57 12.48
CA THR F 27 25.55 25.80 11.87
C THR F 27 24.85 26.08 10.53
N HIS F 28 24.70 25.05 9.71
CA HIS F 28 24.03 25.19 8.42
C HIS F 28 23.06 24.02 8.23
N SER F 29 21.89 24.29 7.69
CA SER F 29 20.89 23.27 7.44
C SER F 29 20.10 23.60 6.18
N VAL F 30 19.14 22.75 5.83
CA VAL F 30 18.35 22.93 4.64
C VAL F 30 16.93 22.39 4.89
N ASN F 31 15.94 23.12 4.41
CA ASN F 31 14.55 22.75 4.57
C ASN F 31 14.15 21.77 3.46
N LEU F 32 13.16 20.92 3.75
CA LEU F 32 12.69 19.95 2.75
C LEU F 32 11.16 19.87 2.69
N LEU F 33 10.44 20.80 3.31
CA LEU F 33 8.97 20.70 3.43
C LEU F 33 8.37 22.08 3.12
N GLU F 34 7.22 22.07 2.44
CA GLU F 34 6.55 23.29 2.00
C GLU F 34 5.36 23.62 2.92
N ASP F 35 5.15 24.91 3.14
CA ASP F 35 4.05 25.38 3.95
C ASP F 35 3.25 26.47 3.23
N SER F 36 3.97 27.32 2.49
CA SER F 36 3.39 28.55 1.95
C SER F 36 2.62 28.24 0.66
N HIS F 37 1.51 28.95 0.45
CA HIS F 37 0.75 28.88 -0.79
C HIS F 37 -0.04 30.18 -0.95
N ASN F 38 -0.12 30.69 -2.16
CA ASN F 38 -0.98 31.82 -2.45
C ASN F 38 -2.42 31.33 -2.59
N GLY F 39 -3.33 31.94 -1.83
CA GLY F 39 -4.73 31.51 -1.80
C GLY F 39 -5.49 31.89 -3.06
N LYS F 40 -5.00 31.45 -4.21
CA LYS F 40 -5.60 31.78 -5.49
C LYS F 40 -5.66 30.51 -6.34
N LEU F 41 -6.51 30.53 -7.36
CA LEU F 41 -6.62 29.42 -8.30
C LEU F 41 -6.24 29.92 -9.69
N CYS F 42 -4.97 29.76 -10.03
CA CYS F 42 -4.49 30.24 -11.31
C CYS F 42 -4.69 29.18 -12.40
N SER F 43 -4.34 29.56 -13.63
CA SER F 43 -4.49 28.73 -14.80
C SER F 43 -3.27 27.81 -14.95
N LEU F 44 -3.53 26.51 -15.04
CA LEU F 44 -2.46 25.53 -15.21
C LEU F 44 -2.02 25.50 -16.67
N ASN F 45 -0.78 25.94 -16.92
CA ASN F 45 -0.12 25.90 -18.23
C ASN F 45 -0.88 26.70 -19.28
N GLY F 46 -1.29 27.91 -18.91
CA GLY F 46 -1.89 28.84 -19.87
C GLY F 46 -3.40 28.71 -19.96
N ILE F 47 -3.93 27.49 -19.96
CA ILE F 47 -5.36 27.29 -20.17
C ILE F 47 -6.09 27.54 -18.85
N ALA F 48 -7.09 28.41 -18.90
CA ALA F 48 -7.87 28.80 -17.72
C ALA F 48 -8.80 27.66 -17.30
N PRO F 49 -9.03 27.50 -16.00
CA PRO F 49 -9.99 26.50 -15.54
C PRO F 49 -11.44 26.99 -15.71
N LEU F 50 -12.35 26.04 -15.82
CA LEU F 50 -13.77 26.32 -15.97
C LEU F 50 -14.43 26.29 -14.59
N GLN F 51 -14.89 27.45 -14.15
CA GLN F 51 -15.61 27.56 -12.88
C GLN F 51 -17.11 27.40 -13.13
N LEU F 52 -17.71 26.40 -12.47
CA LEU F 52 -19.14 26.14 -12.67
C LEU F 52 -19.99 27.21 -11.97
N GLY F 53 -19.49 27.76 -10.86
CA GLY F 53 -20.27 28.72 -10.08
C GLY F 53 -21.33 28.00 -9.26
N LYS F 54 -22.57 28.45 -9.36
CA LYS F 54 -23.68 27.85 -8.61
C LYS F 54 -24.33 26.75 -9.45
N CYS F 55 -23.51 25.85 -9.95
CA CYS F 55 -23.98 24.84 -10.90
C CYS F 55 -23.31 23.51 -10.61
N ASN F 56 -24.10 22.45 -10.71
CA ASN F 56 -23.63 21.10 -10.59
C ASN F 56 -23.21 20.60 -11.99
N VAL F 57 -22.50 19.49 -12.04
CA VAL F 57 -22.02 18.92 -13.30
C VAL F 57 -23.23 18.44 -14.12
N ALA F 58 -24.18 17.80 -13.45
CA ALA F 58 -25.42 17.34 -14.09
C ALA F 58 -26.23 18.53 -14.61
N GLY F 59 -26.28 19.61 -13.81
CA GLY F 59 -26.95 20.84 -14.22
C GLY F 59 -26.29 21.49 -15.42
N TRP F 60 -24.97 21.37 -15.53
CA TRP F 60 -24.25 21.95 -16.65
C TRP F 60 -24.47 21.14 -17.93
N LEU F 61 -24.49 19.81 -17.82
CA LEU F 61 -24.61 19.00 -19.01
C LEU F 61 -26.06 18.93 -19.51
N LEU F 62 -27.03 18.89 -18.60
CA LEU F 62 -28.42 18.86 -19.01
C LEU F 62 -28.87 20.23 -19.52
N GLY F 63 -28.19 21.29 -19.09
CA GLY F 63 -28.56 22.63 -19.52
C GLY F 63 -29.70 23.18 -18.68
N ASN F 64 -29.51 23.13 -17.37
CA ASN F 64 -30.37 23.74 -16.37
C ASN F 64 -30.43 25.25 -16.64
N PRO F 65 -31.62 25.83 -16.77
CA PRO F 65 -31.70 27.23 -17.21
C PRO F 65 -31.22 28.28 -16.20
N GLU F 66 -30.87 27.88 -14.99
CA GLU F 66 -30.18 28.79 -14.09
C GLU F 66 -28.72 28.90 -14.50
N CYS F 67 -28.19 27.81 -15.07
CA CYS F 67 -26.79 27.72 -15.47
C CYS F 67 -26.63 28.17 -16.92
N ASP F 68 -27.05 29.39 -17.22
CA ASP F 68 -27.08 29.88 -18.59
C ASP F 68 -25.73 30.51 -18.98
N LEU F 69 -25.05 31.12 -18.00
CA LEU F 69 -23.86 31.96 -18.24
C LEU F 69 -22.72 31.14 -18.83
N LEU F 70 -22.61 29.88 -18.41
CA LEU F 70 -21.62 28.97 -18.99
C LEU F 70 -22.25 28.12 -20.10
N LEU F 71 -22.97 28.81 -20.99
CA LEU F 71 -23.60 28.13 -22.12
C LEU F 71 -22.58 27.91 -23.26
N THR F 72 -21.53 28.73 -23.32
CA THR F 72 -20.60 28.70 -24.44
C THR F 72 -19.19 28.39 -23.97
N ALA F 73 -19.02 27.40 -23.09
CA ALA F 73 -17.70 26.99 -22.62
C ALA F 73 -17.32 25.65 -23.24
N ASN F 74 -16.11 25.57 -23.79
CA ASN F 74 -15.71 24.38 -24.52
C ASN F 74 -14.22 24.05 -24.33
N SER F 75 -13.58 24.57 -23.29
CA SER F 75 -12.16 24.31 -23.05
C SER F 75 -11.84 24.58 -21.58
N TRP F 76 -11.04 23.71 -20.98
CA TRP F 76 -10.69 23.85 -19.58
C TRP F 76 -9.39 23.11 -19.27
N SER F 77 -8.90 23.30 -18.05
CA SER F 77 -7.81 22.53 -17.48
C SER F 77 -8.35 21.59 -16.38
N TYR F 78 -9.26 22.11 -15.56
CA TYR F 78 -9.88 21.36 -14.47
C TYR F 78 -11.18 22.08 -14.09
N ILE F 79 -12.14 21.32 -13.58
CA ILE F 79 -13.47 21.84 -13.32
C ILE F 79 -13.59 22.17 -11.82
N ILE F 80 -14.09 23.36 -11.53
CA ILE F 80 -14.23 23.83 -10.17
C ILE F 80 -15.71 23.79 -9.78
N GLU F 81 -16.02 23.09 -8.69
CA GLU F 81 -17.30 23.22 -8.03
C GLU F 81 -17.10 24.05 -6.75
N THR F 82 -18.12 24.80 -6.38
CA THR F 82 -18.09 25.54 -5.14
C THR F 82 -18.88 24.79 -4.08
N SER F 83 -18.99 25.36 -2.89
CA SER F 83 -19.79 24.78 -1.81
C SER F 83 -21.26 25.19 -1.93
N ASN F 84 -21.56 26.11 -2.86
CA ASN F 84 -22.93 26.61 -3.04
C ASN F 84 -23.60 26.01 -4.29
N SER F 85 -22.89 25.15 -5.02
CA SER F 85 -23.39 24.57 -6.27
C SER F 85 -24.50 23.56 -5.97
N GLU F 86 -25.74 23.93 -6.28
CA GLU F 86 -26.86 23.05 -5.97
C GLU F 86 -27.85 22.94 -7.14
N ASN F 87 -27.62 23.67 -8.22
CA ASN F 87 -28.58 23.62 -9.28
C ASN F 87 -28.30 22.47 -10.24
N GLY F 88 -28.59 21.25 -9.81
CA GLY F 88 -28.41 20.09 -10.66
C GLY F 88 -29.66 19.83 -11.48
N THR F 89 -30.25 18.66 -11.27
CA THR F 89 -31.49 18.29 -11.94
C THR F 89 -32.62 19.11 -11.34
N CYS F 90 -33.24 19.96 -12.16
CA CYS F 90 -34.32 20.82 -11.67
C CYS F 90 -35.61 20.00 -11.50
N TYR F 91 -35.99 19.25 -12.52
CA TYR F 91 -37.10 18.32 -12.39
C TYR F 91 -36.62 17.11 -11.58
N PRO F 92 -37.40 16.65 -10.60
CA PRO F 92 -36.88 15.65 -9.67
C PRO F 92 -36.74 14.26 -10.30
N GLY F 93 -35.69 13.54 -9.92
CA GLY F 93 -35.48 12.19 -10.43
C GLY F 93 -34.12 11.64 -10.02
N GLU F 94 -33.52 10.89 -10.94
CA GLU F 94 -32.25 10.21 -10.65
C GLU F 94 -31.40 10.17 -11.93
N PHE F 95 -30.17 10.66 -11.81
CA PHE F 95 -29.22 10.63 -12.90
C PHE F 95 -28.43 9.32 -12.80
N ILE F 96 -28.82 8.34 -13.59
CA ILE F 96 -28.27 6.98 -13.47
C ILE F 96 -26.83 6.96 -13.98
N ASP F 97 -25.95 6.37 -13.16
CA ASP F 97 -24.50 6.31 -13.37
C ASP F 97 -23.91 7.72 -13.47
N TYR F 98 -24.14 8.51 -12.44
CA TYR F 98 -23.65 9.88 -12.39
C TYR F 98 -22.15 9.91 -12.06
N GLU F 99 -21.63 8.90 -11.37
CA GLU F 99 -20.24 8.93 -10.92
C GLU F 99 -19.29 8.45 -12.02
N GLU F 100 -19.75 7.46 -12.81
CA GLU F 100 -18.99 6.96 -13.94
C GLU F 100 -18.83 8.06 -15.00
N LEU F 101 -19.83 8.92 -15.13
CA LEU F 101 -19.80 10.02 -16.08
C LEU F 101 -18.77 11.07 -15.63
N ARG F 102 -18.65 11.27 -14.32
CA ARG F 102 -17.64 12.17 -13.77
C ARG F 102 -16.23 11.60 -14.03
N GLU F 103 -16.07 10.28 -13.88
CA GLU F 103 -14.79 9.63 -14.16
C GLU F 103 -14.46 9.66 -15.64
N GLN F 104 -15.47 9.67 -16.51
CA GLN F 104 -15.21 9.85 -17.94
C GLN F 104 -14.84 11.31 -18.24
N LEU F 105 -15.47 12.26 -17.56
CA LEU F 105 -15.20 13.69 -17.75
C LEU F 105 -13.82 14.09 -17.20
N SER F 106 -13.22 13.25 -16.36
CA SER F 106 -11.90 13.55 -15.79
C SER F 106 -10.76 13.21 -16.78
N SER F 107 -11.06 13.04 -18.06
CA SER F 107 -10.04 12.70 -19.04
C SER F 107 -10.24 13.49 -20.35
N VAL F 108 -11.26 14.35 -20.39
CA VAL F 108 -11.63 15.05 -21.60
C VAL F 108 -11.23 16.53 -21.44
N SER F 109 -10.69 17.11 -22.51
CA SER F 109 -10.10 18.46 -22.41
C SER F 109 -10.93 19.53 -23.15
N SER F 110 -11.82 19.13 -24.06
CA SER F 110 -12.59 20.12 -24.83
C SER F 110 -13.87 19.50 -25.39
N PHE F 111 -14.73 20.36 -25.92
CA PHE F 111 -16.03 19.96 -26.48
C PHE F 111 -16.22 20.56 -27.87
N GLU F 112 -17.23 20.03 -28.56
CA GLU F 112 -17.85 20.66 -29.71
C GLU F 112 -19.35 20.39 -29.63
N LYS F 113 -20.12 21.34 -29.10
CA LYS F 113 -21.54 21.12 -28.91
C LYS F 113 -22.28 21.35 -30.25
N PHE F 114 -23.10 20.39 -30.67
CA PHE F 114 -23.77 20.48 -31.96
C PHE F 114 -25.17 19.89 -31.89
N GLU F 115 -25.96 20.22 -32.92
CA GLU F 115 -27.31 19.70 -33.09
C GLU F 115 -27.23 18.24 -33.58
N ILE F 116 -27.86 17.33 -32.84
CA ILE F 116 -28.16 16.00 -33.40
C ILE F 116 -29.47 16.09 -34.16
N PHE F 117 -30.54 16.40 -33.44
CA PHE F 117 -31.89 16.43 -33.98
C PHE F 117 -32.37 17.87 -33.96
N PRO F 118 -32.39 18.53 -35.12
CA PRO F 118 -32.87 19.91 -35.18
C PRO F 118 -34.36 20.01 -34.80
N LYS F 119 -34.68 20.99 -33.97
CA LYS F 119 -35.97 21.07 -33.28
C LYS F 119 -37.10 21.39 -34.27
N ALA F 120 -36.78 22.17 -35.31
CA ALA F 120 -37.80 22.70 -36.22
C ALA F 120 -38.06 21.77 -37.41
N SER F 121 -37.28 20.70 -37.56
CA SER F 121 -37.34 19.92 -38.80
C SER F 121 -37.56 18.42 -38.54
N SER F 122 -36.94 17.89 -37.48
CA SER F 122 -36.81 16.44 -37.32
C SER F 122 -38.09 15.80 -36.77
N TRP F 123 -39.10 16.59 -36.40
CA TRP F 123 -40.25 16.01 -35.71
C TRP F 123 -41.57 16.48 -36.32
N PRO F 124 -41.86 16.15 -37.60
CA PRO F 124 -43.08 16.72 -38.19
C PRO F 124 -44.35 15.90 -37.93
N ASN F 125 -44.50 15.37 -36.73
CA ASN F 125 -45.67 14.56 -36.40
C ASN F 125 -46.22 14.97 -35.04
N HIS F 126 -45.31 15.30 -34.12
CA HIS F 126 -45.68 15.57 -32.74
C HIS F 126 -45.62 17.07 -32.46
N GLU F 127 -46.10 17.46 -31.27
CA GLU F 127 -45.88 18.81 -30.82
C GLU F 127 -44.56 18.89 -30.06
N THR F 128 -43.88 20.01 -30.22
CA THR F 128 -42.51 20.16 -29.74
C THR F 128 -42.34 21.41 -28.89
N THR F 129 -43.39 22.17 -28.65
CA THR F 129 -43.24 23.48 -27.99
C THR F 129 -44.33 23.72 -26.94
N LYS F 130 -45.24 22.77 -26.74
CA LYS F 130 -46.38 23.00 -25.84
C LYS F 130 -46.25 22.18 -24.55
N GLY F 131 -45.10 21.54 -24.37
CA GLY F 131 -44.88 20.71 -23.19
C GLY F 131 -43.70 21.20 -22.37
N VAL F 132 -44.01 21.75 -21.18
CA VAL F 132 -42.99 22.33 -20.32
C VAL F 132 -43.51 22.39 -18.87
N THR F 133 -42.66 22.02 -17.92
CA THR F 133 -43.05 21.98 -16.52
C THR F 133 -42.74 23.32 -15.86
N ALA F 134 -43.28 23.51 -14.65
CA ALA F 134 -43.14 24.77 -13.91
C ALA F 134 -42.16 24.62 -12.73
N ALA F 135 -41.63 23.42 -12.49
CA ALA F 135 -40.64 23.21 -11.43
C ALA F 135 -39.30 23.83 -11.82
N CYS F 136 -39.01 23.83 -13.12
CA CYS F 136 -37.75 24.36 -13.62
C CYS F 136 -37.95 25.81 -14.09
N SER F 137 -38.51 26.64 -13.21
CA SER F 137 -38.96 27.98 -13.59
C SER F 137 -37.77 28.90 -13.86
N TYR F 138 -38.00 29.93 -14.67
CA TYR F 138 -36.96 30.87 -15.02
C TYR F 138 -37.60 32.24 -15.26
N SER F 139 -37.36 33.15 -14.31
CA SER F 139 -37.87 34.53 -14.32
C SER F 139 -39.41 34.57 -14.44
N GLY F 140 -40.05 33.72 -13.64
CA GLY F 140 -41.51 33.67 -13.60
C GLY F 140 -42.09 32.67 -14.59
N ALA F 141 -41.53 32.63 -15.80
CA ALA F 141 -42.01 31.73 -16.84
C ALA F 141 -41.56 30.29 -16.55
N SER F 142 -42.07 29.37 -17.35
CA SER F 142 -41.76 27.96 -17.22
C SER F 142 -40.92 27.51 -18.42
N SER F 143 -39.67 27.14 -18.15
CA SER F 143 -38.76 26.67 -19.20
C SER F 143 -38.23 25.27 -18.85
N PHE F 144 -37.93 24.50 -19.87
CA PHE F 144 -37.37 23.18 -19.69
C PHE F 144 -35.84 23.28 -19.79
N TYR F 145 -35.15 22.16 -19.95
CA TYR F 145 -33.70 22.14 -20.13
C TYR F 145 -33.31 22.79 -21.47
N ARG F 146 -32.01 22.99 -21.65
CA ARG F 146 -31.52 23.62 -22.88
C ARG F 146 -30.87 22.59 -23.81
N ASN F 147 -30.82 21.33 -23.39
CA ASN F 147 -30.15 20.30 -24.20
C ASN F 147 -31.09 19.13 -24.52
N LEU F 148 -32.24 19.06 -23.87
CA LEU F 148 -33.19 17.98 -24.12
C LEU F 148 -34.48 18.57 -24.70
N LEU F 149 -35.43 17.71 -25.02
CA LEU F 149 -36.67 18.17 -25.63
C LEU F 149 -37.81 17.25 -25.19
N TRP F 150 -38.83 17.87 -24.60
CA TRP F 150 -40.06 17.19 -24.21
C TRP F 150 -40.87 16.90 -25.48
N ILE F 151 -41.65 15.82 -25.46
CA ILE F 151 -42.48 15.44 -26.60
C ILE F 151 -43.93 15.26 -26.11
N THR F 152 -44.85 15.93 -26.77
CA THR F 152 -46.28 15.75 -26.50
C THR F 152 -46.99 15.33 -27.78
N LYS F 153 -48.27 15.02 -27.62
CA LYS F 153 -49.12 14.61 -28.72
C LYS F 153 -49.48 15.81 -29.59
N LYS F 154 -49.95 15.54 -30.81
CA LYS F 154 -50.45 16.56 -31.70
C LYS F 154 -51.91 16.25 -32.03
N GLY F 155 -52.80 16.70 -31.15
CA GLY F 155 -54.25 16.62 -31.36
C GLY F 155 -54.78 15.20 -31.31
N THR F 156 -54.69 14.58 -30.13
CA THR F 156 -55.27 13.25 -29.82
C THR F 156 -54.74 12.16 -30.76
N SER F 157 -53.45 12.26 -31.09
CA SER F 157 -52.80 11.30 -31.97
C SER F 157 -51.33 11.20 -31.58
N TYR F 158 -50.77 10.00 -31.68
CA TYR F 158 -49.38 9.76 -31.37
C TYR F 158 -48.85 8.63 -32.25
N PRO F 159 -48.25 8.98 -33.39
CA PRO F 159 -47.68 7.95 -34.26
C PRO F 159 -46.47 7.29 -33.63
N LYS F 160 -46.14 6.09 -34.10
CA LYS F 160 -44.97 5.37 -33.63
C LYS F 160 -43.70 6.12 -34.06
N LEU F 161 -42.80 6.29 -33.11
CA LEU F 161 -41.64 7.16 -33.32
C LEU F 161 -40.39 6.30 -33.51
N SER F 162 -39.60 6.64 -34.52
CA SER F 162 -38.32 5.99 -34.78
C SER F 162 -37.40 6.99 -35.49
N LYS F 163 -36.18 7.14 -34.97
CA LYS F 163 -35.22 8.06 -35.54
C LYS F 163 -33.81 7.58 -35.23
N SER F 164 -32.93 7.68 -36.21
CA SER F 164 -31.56 7.18 -36.07
C SER F 164 -30.56 8.31 -36.34
N TYR F 165 -29.32 8.08 -35.94
CA TYR F 165 -28.25 9.03 -36.21
C TYR F 165 -26.92 8.28 -36.36
N THR F 166 -26.20 8.58 -37.42
CA THR F 166 -24.90 7.98 -37.70
C THR F 166 -23.81 8.92 -37.17
N ASN F 167 -22.59 8.40 -37.06
CA ASN F 167 -21.47 9.17 -36.56
C ASN F 167 -20.46 9.40 -37.69
N ASN F 168 -20.16 10.67 -37.98
CA ASN F 168 -19.23 11.02 -39.04
C ASN F 168 -18.31 12.15 -38.59
N LYS F 169 -17.75 12.05 -37.39
CA LYS F 169 -16.91 13.13 -36.88
C LYS F 169 -15.55 12.64 -36.38
N GLY F 170 -15.31 11.33 -36.40
CA GLY F 170 -14.00 10.78 -36.05
C GLY F 170 -13.78 10.68 -34.54
N LYS F 171 -14.50 11.49 -33.77
CA LYS F 171 -14.31 11.54 -32.33
C LYS F 171 -15.48 10.84 -31.65
N GLU F 172 -15.39 10.66 -30.34
CA GLU F 172 -16.48 10.03 -29.61
C GLU F 172 -17.55 11.07 -29.27
N VAL F 173 -18.80 10.62 -29.28
CA VAL F 173 -19.95 11.51 -29.09
C VAL F 173 -20.69 11.04 -27.84
N LEU F 174 -20.98 11.99 -26.95
CA LEU F 174 -21.63 11.72 -25.67
C LEU F 174 -23.10 12.13 -25.80
N VAL F 175 -24.01 11.16 -25.75
CA VAL F 175 -25.43 11.38 -26.01
C VAL F 175 -26.21 11.18 -24.72
N LEU F 176 -27.06 12.14 -24.39
CA LEU F 176 -27.93 12.08 -23.19
C LEU F 176 -29.38 11.98 -23.64
N TRP F 177 -30.21 11.31 -22.84
CA TRP F 177 -31.65 11.36 -23.01
C TRP F 177 -32.34 11.11 -21.67
N GLY F 178 -33.66 11.11 -21.70
CA GLY F 178 -34.44 10.92 -20.50
C GLY F 178 -35.69 10.10 -20.77
N VAL F 179 -36.22 9.51 -19.70
CA VAL F 179 -37.49 8.81 -19.73
C VAL F 179 -38.36 9.35 -18.59
N HIS F 180 -39.52 9.88 -18.95
CA HIS F 180 -40.46 10.45 -17.99
C HIS F 180 -41.52 9.42 -17.63
N HIS F 181 -41.91 9.40 -16.36
CA HIS F 181 -43.10 8.65 -15.99
C HIS F 181 -43.95 9.40 -14.96
N PRO F 182 -45.25 9.53 -15.25
CA PRO F 182 -46.15 10.30 -14.39
C PRO F 182 -46.60 9.49 -13.16
N PRO F 183 -47.24 10.13 -12.17
CA PRO F 183 -47.67 9.36 -11.00
C PRO F 183 -49.00 8.61 -11.20
N SER F 184 -49.83 9.07 -12.13
CA SER F 184 -51.18 8.54 -12.29
C SER F 184 -51.38 8.09 -13.74
N VAL F 185 -52.32 7.15 -13.90
CA VAL F 185 -52.68 6.62 -15.21
C VAL F 185 -53.44 7.69 -16.02
N SER F 186 -54.18 8.55 -15.31
CA SER F 186 -54.91 9.64 -15.95
C SER F 186 -53.94 10.64 -16.59
N GLU F 187 -52.82 10.92 -15.92
CA GLU F 187 -51.82 11.84 -16.46
C GLU F 187 -51.11 11.20 -17.66
N GLN F 188 -50.86 9.90 -17.58
CA GLN F 188 -50.29 9.10 -18.66
C GLN F 188 -51.16 9.22 -19.92
N GLN F 189 -52.46 9.01 -19.76
CA GLN F 189 -53.39 9.03 -20.90
C GLN F 189 -53.62 10.49 -21.36
N SER F 190 -53.53 11.45 -20.46
CA SER F 190 -53.75 12.85 -20.80
C SER F 190 -52.57 13.42 -21.60
N LEU F 191 -51.37 12.90 -21.36
CA LEU F 191 -50.20 13.40 -22.09
C LEU F 191 -49.89 12.57 -23.33
N TYR F 192 -50.20 11.26 -23.30
CA TYR F 192 -49.61 10.34 -24.26
C TYR F 192 -50.66 9.47 -24.97
N GLN F 193 -51.75 9.16 -24.26
CA GLN F 193 -52.88 8.33 -24.77
C GLN F 193 -52.38 6.96 -25.21
N ASN F 194 -51.61 6.32 -24.35
CA ASN F 194 -51.13 4.96 -24.55
C ASN F 194 -51.07 4.30 -23.17
N ALA F 195 -51.91 3.30 -22.96
CA ALA F 195 -51.94 2.58 -21.68
C ALA F 195 -50.61 1.84 -21.47
N ASP F 196 -50.14 1.18 -22.52
CA ASP F 196 -48.79 0.64 -22.55
C ASP F 196 -47.94 1.50 -23.49
N ALA F 197 -46.69 1.69 -23.11
CA ALA F 197 -45.74 2.42 -23.93
C ALA F 197 -44.33 1.91 -23.63
N TYR F 198 -43.40 2.23 -24.51
CA TYR F 198 -42.01 1.90 -24.31
C TYR F 198 -41.15 2.89 -25.09
N VAL F 199 -39.89 3.00 -24.68
CA VAL F 199 -38.86 3.49 -25.58
C VAL F 199 -37.81 2.39 -25.67
N SER F 200 -36.98 2.47 -26.69
CA SER F 200 -35.94 1.48 -26.90
C SER F 200 -34.74 2.18 -27.56
N VAL F 201 -33.57 1.93 -27.01
CA VAL F 201 -32.34 2.53 -27.50
C VAL F 201 -31.39 1.40 -27.89
N GLY F 202 -30.85 1.48 -29.11
CA GLY F 202 -29.90 0.46 -29.56
C GLY F 202 -28.83 1.01 -30.47
N SER F 203 -27.57 0.65 -30.21
CA SER F 203 -26.50 1.02 -31.17
C SER F 203 -25.74 -0.21 -31.67
N SER F 204 -24.77 -0.69 -30.89
CA SER F 204 -24.17 -2.00 -31.13
C SER F 204 -23.85 -2.69 -29.80
N LYS F 205 -23.43 -1.90 -28.83
CA LYS F 205 -23.03 -2.42 -27.53
C LYS F 205 -23.89 -1.81 -26.42
N TYR F 206 -24.91 -1.07 -26.81
CA TYR F 206 -25.93 -0.61 -25.90
C TYR F 206 -27.29 -1.01 -26.47
N ASN F 207 -28.12 -1.60 -25.63
CA ASN F 207 -29.42 -2.07 -26.04
C ASN F 207 -30.31 -2.16 -24.80
N ARG F 208 -31.32 -1.30 -24.71
CA ARG F 208 -32.24 -1.43 -23.60
C ARG F 208 -33.65 -1.03 -24.04
N ARG F 209 -34.63 -1.64 -23.38
CA ARG F 209 -36.05 -1.47 -23.63
C ARG F 209 -36.68 -0.91 -22.35
N PHE F 210 -36.94 0.40 -22.33
CA PHE F 210 -37.50 1.03 -21.14
C PHE F 210 -39.02 1.03 -21.21
N ALA F 211 -39.64 0.68 -20.08
CA ALA F 211 -41.07 0.77 -19.87
C ALA F 211 -41.32 1.69 -18.66
N PRO F 212 -42.38 2.52 -18.72
CA PRO F 212 -42.66 3.38 -17.59
C PRO F 212 -43.24 2.60 -16.41
N GLU F 213 -43.11 3.17 -15.23
CA GLU F 213 -43.78 2.68 -14.04
C GLU F 213 -44.65 3.81 -13.49
N ILE F 214 -45.88 3.46 -13.11
CA ILE F 214 -46.84 4.45 -12.64
C ILE F 214 -47.24 4.08 -11.21
N ALA F 215 -46.94 4.98 -10.28
CA ALA F 215 -47.26 4.79 -8.87
C ALA F 215 -47.31 6.16 -8.19
N ALA F 216 -48.22 6.28 -7.22
CA ALA F 216 -48.34 7.49 -6.42
C ALA F 216 -47.17 7.56 -5.43
N ARG F 217 -46.64 8.76 -5.24
CA ARG F 217 -45.47 8.99 -4.41
C ARG F 217 -45.49 10.46 -3.96
N PRO F 218 -44.86 10.77 -2.82
CA PRO F 218 -44.90 12.15 -2.34
C PRO F 218 -44.04 13.09 -3.19
N LYS F 219 -44.50 14.32 -3.31
CA LYS F 219 -43.96 15.24 -4.32
C LYS F 219 -42.68 15.92 -3.81
N VAL F 220 -41.77 16.15 -4.75
CA VAL F 220 -40.58 16.94 -4.52
C VAL F 220 -40.63 18.12 -5.48
N ARG F 221 -40.42 19.32 -4.96
CA ARG F 221 -40.51 20.60 -5.70
C ARG F 221 -41.90 20.78 -6.33
N GLY F 222 -42.91 20.23 -5.69
CA GLY F 222 -44.30 20.35 -6.14
C GLY F 222 -44.59 19.54 -7.40
N GLN F 223 -43.90 18.42 -7.59
CA GLN F 223 -44.16 17.53 -8.73
C GLN F 223 -44.16 16.08 -8.24
N ALA F 224 -45.20 15.35 -8.62
CA ALA F 224 -45.40 13.96 -8.16
C ALA F 224 -44.85 12.95 -9.18
N GLY F 225 -44.49 13.40 -10.38
CA GLY F 225 -43.91 12.52 -11.38
C GLY F 225 -42.42 12.35 -11.19
N ARG F 226 -41.81 11.50 -12.02
CA ARG F 226 -40.37 11.30 -11.96
C ARG F 226 -39.79 11.25 -13.37
N MET F 227 -38.47 11.39 -13.43
CA MET F 227 -37.77 11.38 -14.70
C MET F 227 -36.38 10.78 -14.48
N ASN F 228 -35.99 9.85 -15.35
CA ASN F 228 -34.69 9.21 -15.29
C ASN F 228 -33.84 9.67 -16.47
N TYR F 229 -32.54 9.78 -16.25
CA TYR F 229 -31.62 10.30 -17.26
C TYR F 229 -30.55 9.26 -17.59
N TYR F 230 -30.09 9.29 -18.84
CA TYR F 230 -29.17 8.27 -19.34
C TYR F 230 -28.16 8.91 -20.29
N TRP F 231 -27.03 8.23 -20.44
CA TRP F 231 -25.93 8.71 -21.27
C TRP F 231 -25.20 7.54 -21.90
N THR F 232 -24.67 7.76 -23.10
CA THR F 232 -23.96 6.72 -23.86
C THR F 232 -22.87 7.37 -24.72
N LEU F 233 -21.69 6.75 -24.72
CA LEU F 233 -20.63 7.13 -25.64
C LEU F 233 -20.76 6.33 -26.93
N LEU F 234 -20.68 7.02 -28.06
CA LEU F 234 -20.58 6.35 -29.36
C LEU F 234 -19.11 6.27 -29.79
N ASP F 235 -18.89 5.71 -30.97
CA ASP F 235 -17.57 5.62 -31.57
C ASP F 235 -17.63 6.18 -32.99
N GLN F 236 -16.46 6.35 -33.61
CA GLN F 236 -16.39 6.75 -35.01
C GLN F 236 -16.86 5.58 -35.87
N GLY F 237 -18.03 5.73 -36.45
CA GLY F 237 -18.68 4.63 -37.10
C GLY F 237 -20.12 4.45 -36.66
N ASP F 238 -20.34 3.48 -35.77
CA ASP F 238 -21.60 2.93 -35.34
C ASP F 238 -22.68 3.99 -35.05
N THR F 239 -23.92 3.64 -35.37
CA THR F 239 -25.06 4.54 -35.36
C THR F 239 -25.97 4.19 -34.19
N ILE F 240 -26.74 5.17 -33.71
CA ILE F 240 -27.67 4.96 -32.62
C ILE F 240 -29.10 5.06 -33.16
N THR F 241 -30.00 4.27 -32.60
CA THR F 241 -31.41 4.31 -32.98
C THR F 241 -32.28 4.46 -31.74
N PHE F 242 -33.15 5.47 -31.77
CA PHE F 242 -34.21 5.67 -30.79
C PHE F 242 -35.53 5.21 -31.41
N GLU F 243 -36.32 4.48 -30.64
CA GLU F 243 -37.63 4.02 -31.09
C GLU F 243 -38.58 4.08 -29.91
N ALA F 244 -39.56 4.98 -30.00
CA ALA F 244 -40.38 5.35 -28.85
C ALA F 244 -41.87 5.22 -29.19
N THR F 245 -42.67 4.97 -28.15
CA THR F 245 -44.13 4.96 -28.26
C THR F 245 -44.67 6.27 -27.68
N GLY F 246 -44.70 6.39 -26.34
CA GLY F 246 -45.21 7.59 -25.71
C GLY F 246 -44.28 8.17 -24.64
N ASN F 247 -43.06 7.65 -24.52
CA ASN F 247 -42.16 8.10 -23.42
C ASN F 247 -40.74 8.39 -23.91
N LEU F 248 -40.50 9.57 -24.48
CA LEU F 248 -39.16 9.94 -24.90
C LEU F 248 -38.88 11.39 -24.53
N ILE F 249 -37.72 11.61 -23.91
CA ILE F 249 -37.15 12.94 -23.78
C ILE F 249 -35.97 13.00 -24.74
N ALA F 250 -36.24 13.51 -25.94
CA ALA F 250 -35.32 13.36 -27.06
C ALA F 250 -34.07 14.25 -26.85
N PRO F 251 -32.90 13.76 -27.27
CA PRO F 251 -31.72 14.61 -27.21
C PRO F 251 -31.81 15.75 -28.24
N TRP F 252 -31.13 16.83 -27.92
CA TRP F 252 -31.18 18.01 -28.77
C TRP F 252 -29.78 18.64 -28.95
N TYR F 253 -28.82 18.26 -28.12
CA TYR F 253 -27.43 18.66 -28.30
C TYR F 253 -26.51 17.51 -27.84
N ALA F 254 -25.42 17.31 -28.57
CA ALA F 254 -24.42 16.30 -28.22
C ALA F 254 -23.13 16.99 -27.79
N PHE F 255 -22.10 16.17 -27.57
CA PHE F 255 -20.79 16.66 -27.21
C PHE F 255 -19.75 15.76 -27.87
N ALA F 256 -18.99 16.30 -28.81
CA ALA F 256 -17.82 15.61 -29.35
C ALA F 256 -16.67 15.77 -28.36
N LEU F 257 -15.93 14.69 -28.13
CA LEU F 257 -14.93 14.70 -27.07
C LEU F 257 -13.52 14.86 -27.63
N ASN F 258 -12.59 15.19 -26.74
CA ASN F 258 -11.17 15.27 -27.05
C ASN F 258 -10.38 14.79 -25.85
N LYS F 259 -9.40 13.94 -26.10
CA LYS F 259 -8.61 13.34 -25.03
C LYS F 259 -7.53 14.31 -24.55
N GLY F 260 -6.62 13.79 -23.72
CA GLY F 260 -5.66 14.62 -23.00
C GLY F 260 -5.99 14.59 -21.51
N SER F 261 -5.23 13.78 -20.79
CA SER F 261 -5.62 13.32 -19.45
C SER F 261 -5.35 14.41 -18.40
N ASP F 262 -5.43 13.98 -17.13
CA ASP F 262 -5.04 14.76 -15.95
C ASP F 262 -5.94 15.99 -15.77
N SER F 263 -7.21 15.74 -15.56
CA SER F 263 -8.17 16.77 -15.20
C SER F 263 -8.79 16.41 -13.84
N GLY F 264 -9.71 17.24 -13.36
CA GLY F 264 -10.28 17.00 -12.05
C GLY F 264 -11.49 17.85 -11.78
N ILE F 265 -12.16 17.51 -10.67
CA ILE F 265 -13.40 18.15 -10.25
C ILE F 265 -13.15 18.69 -8.83
N ILE F 266 -12.05 19.44 -8.70
CA ILE F 266 -11.68 20.11 -7.44
C ILE F 266 -12.87 20.95 -6.93
N THR F 267 -13.19 20.73 -5.66
CA THR F 267 -14.25 21.48 -4.98
C THR F 267 -13.62 22.45 -3.98
N SER F 268 -13.61 23.72 -4.33
CA SER F 268 -13.20 24.77 -3.42
C SER F 268 -13.86 26.09 -3.84
N ASP F 269 -13.65 27.14 -3.06
CA ASP F 269 -14.30 28.42 -3.30
C ASP F 269 -13.33 29.58 -3.07
N ALA F 270 -12.03 29.29 -3.12
CA ALA F 270 -11.03 30.35 -3.21
C ALA F 270 -11.10 31.00 -4.60
N PRO F 271 -10.87 32.32 -4.70
CA PRO F 271 -11.10 33.03 -5.95
C PRO F 271 -10.14 32.65 -7.10
N VAL F 272 -10.54 33.03 -8.30
CA VAL F 272 -9.83 32.65 -9.51
C VAL F 272 -9.09 33.87 -10.05
N HIS F 273 -7.78 33.71 -10.26
CA HIS F 273 -6.96 34.73 -10.90
C HIS F 273 -6.31 34.16 -12.17
N ASN F 274 -5.40 34.92 -12.76
CA ASN F 274 -4.85 34.57 -14.08
C ASN F 274 -3.32 34.60 -14.05
N CYS F 275 -2.72 33.97 -13.04
CA CYS F 275 -1.29 33.70 -13.11
C CYS F 275 -1.09 32.32 -13.76
N ASP F 276 0.12 31.78 -13.67
CA ASP F 276 0.42 30.52 -14.31
C ASP F 276 1.30 29.68 -13.37
N THR F 277 0.85 28.46 -13.08
CA THR F 277 1.59 27.56 -12.21
C THR F 277 1.71 26.18 -12.86
N ARG F 278 2.27 25.24 -12.09
CA ARG F 278 2.39 23.86 -12.50
C ARG F 278 1.81 22.91 -11.43
N CYS F 279 1.21 23.48 -10.38
CA CYS F 279 0.66 22.68 -9.30
C CYS F 279 -0.51 23.44 -8.69
N GLN F 280 -1.62 22.73 -8.46
CA GLN F 280 -2.84 23.39 -8.01
C GLN F 280 -3.53 22.52 -6.95
N THR F 281 -3.89 23.15 -5.84
CA THR F 281 -4.61 22.51 -4.75
C THR F 281 -5.95 23.24 -4.57
N PRO F 282 -6.89 22.66 -3.82
CA PRO F 282 -8.09 23.43 -3.46
C PRO F 282 -7.80 24.64 -2.55
N HIS F 283 -6.73 24.60 -1.78
CA HIS F 283 -6.37 25.73 -0.92
C HIS F 283 -5.65 26.83 -1.70
N GLY F 284 -4.88 26.46 -2.73
CA GLY F 284 -4.11 27.45 -3.45
C GLY F 284 -3.12 26.80 -4.39
N ALA F 285 -2.14 27.59 -4.84
CA ALA F 285 -1.14 27.14 -5.79
C ALA F 285 0.21 26.98 -5.09
N LEU F 286 1.10 26.22 -5.70
CA LEU F 286 2.37 25.90 -5.10
C LEU F 286 3.49 26.14 -6.09
N ASN F 287 4.55 26.80 -5.63
CA ASN F 287 5.66 27.05 -6.45
C ASN F 287 6.91 26.70 -5.65
N SER F 288 7.55 25.59 -5.99
CA SER F 288 8.69 25.07 -5.23
C SER F 288 9.43 23.95 -5.98
N SER F 289 10.37 23.35 -5.27
CA SER F 289 11.20 22.28 -5.78
C SER F 289 11.57 21.29 -4.67
N LEU F 290 11.07 21.51 -3.46
CA LEU F 290 11.35 20.61 -2.33
C LEU F 290 10.56 19.32 -2.51
N PRO F 291 11.14 18.18 -2.06
CA PRO F 291 10.50 16.90 -2.33
C PRO F 291 9.25 16.58 -1.51
N PHE F 292 8.93 17.38 -0.49
CA PHE F 292 7.78 17.09 0.36
C PHE F 292 6.86 18.30 0.47
N GLN F 293 5.61 18.02 0.77
CA GLN F 293 4.52 18.98 0.68
C GLN F 293 3.54 18.72 1.84
N ASN F 294 2.89 19.79 2.31
CA ASN F 294 2.10 19.72 3.52
C ASN F 294 0.75 20.45 3.38
N VAL F 295 0.45 21.03 2.23
CA VAL F 295 -0.72 21.90 2.10
C VAL F 295 -2.00 21.05 2.06
N HIS F 296 -2.12 20.19 1.06
CA HIS F 296 -3.35 19.45 0.84
C HIS F 296 -3.00 18.18 0.04
N PRO F 297 -3.69 17.07 0.30
CA PRO F 297 -3.37 15.84 -0.42
C PRO F 297 -3.96 15.73 -1.85
N ILE F 298 -4.97 16.53 -2.18
CA ILE F 298 -5.61 16.47 -3.49
C ILE F 298 -4.96 17.52 -4.38
N THR F 299 -4.20 17.07 -5.36
CA THR F 299 -3.41 17.98 -6.19
C THR F 299 -3.68 17.72 -7.68
N ILE F 300 -3.48 18.75 -8.48
CA ILE F 300 -3.48 18.63 -9.95
C ILE F 300 -2.21 19.28 -10.48
N GLY F 301 -1.46 18.51 -11.26
CA GLY F 301 -0.25 18.98 -11.91
C GLY F 301 0.93 18.05 -11.64
N GLU F 302 2.13 18.60 -11.67
CA GLU F 302 3.33 17.89 -11.26
C GLU F 302 3.73 18.48 -9.91
N CYS F 303 3.13 17.95 -8.86
CA CYS F 303 3.20 18.54 -7.54
C CYS F 303 4.20 17.78 -6.66
N PRO F 304 4.78 18.45 -5.67
CA PRO F 304 5.58 17.73 -4.68
C PRO F 304 4.72 16.83 -3.80
N LYS F 305 5.37 15.92 -3.10
CA LYS F 305 4.70 14.76 -2.55
C LYS F 305 4.19 15.05 -1.13
N TYR F 306 3.01 14.52 -0.81
CA TYR F 306 2.31 14.90 0.41
C TYR F 306 2.69 13.95 1.56
N VAL F 307 3.12 14.55 2.67
CA VAL F 307 3.30 13.82 3.92
C VAL F 307 2.46 14.51 5.00
N LYS F 308 2.57 14.04 6.23
CA LYS F 308 1.72 14.53 7.32
C LYS F 308 2.61 14.89 8.52
N SER F 309 3.65 15.66 8.26
CA SER F 309 4.58 16.10 9.29
C SER F 309 4.61 17.63 9.35
N THR F 310 5.37 18.17 10.29
CA THR F 310 5.41 19.63 10.49
C THR F 310 6.84 20.18 10.34
N LYS F 311 7.85 19.32 10.36
CA LYS F 311 9.24 19.78 10.34
C LYS F 311 10.11 18.67 9.75
N LEU F 312 10.85 19.01 8.69
CA LEU F 312 11.81 18.08 8.07
C LEU F 312 13.12 18.81 7.78
N ARG F 313 13.64 19.51 8.77
CA ARG F 313 14.91 20.21 8.62
C ARG F 313 16.05 19.19 8.59
N MET F 314 16.93 19.30 7.61
CA MET F 314 18.01 18.35 7.44
C MET F 314 19.35 19.07 7.57
N ALA F 315 20.21 18.53 8.43
CA ALA F 315 21.43 19.20 8.85
C ALA F 315 22.53 18.98 7.81
N THR F 316 23.12 20.09 7.35
CA THR F 316 24.28 20.06 6.48
C THR F 316 25.36 20.94 7.12
N GLY F 317 26.08 20.40 8.09
CA GLY F 317 27.07 21.21 8.78
C GLY F 317 27.34 20.67 10.17
N LEU F 318 28.02 21.49 10.97
CA LEU F 318 28.59 21.10 12.25
C LEU F 318 27.64 21.47 13.39
N ARG F 319 27.93 20.93 14.57
CA ARG F 319 27.24 21.34 15.79
C ARG F 319 27.78 22.71 16.22
N ASN F 320 26.88 23.68 16.35
CA ASN F 320 27.25 25.03 16.70
C ASN F 320 27.58 25.09 18.20
N VAL F 321 28.87 25.11 18.52
CA VAL F 321 29.32 25.19 19.90
C VAL F 321 30.11 26.49 20.06
N PRO F 322 29.46 27.54 20.56
CA PRO F 322 30.17 28.80 20.78
C PRO F 322 31.03 28.71 22.05
N SER F 323 32.28 29.16 21.95
CA SER F 323 33.21 29.13 23.08
C SER F 323 33.33 30.53 23.71
#